data_9MKS
# 
_entry.id   9MKS 
# 
_audit_conform.dict_name       mmcif_pdbx.dic 
_audit_conform.dict_version    5.406 
_audit_conform.dict_location   http://mmcif.pdb.org/dictionaries/ascii/mmcif_pdbx.dic 
# 
loop_
_database_2.database_id 
_database_2.database_code 
_database_2.pdbx_database_accession 
_database_2.pdbx_DOI 
PDB   9MKS         pdb_00009mks 10.2210/pdb9mks/pdb 
WWPDB D_1000290332 ?            ?                   
EMDB  EMD-48336    ?            ?                   
# 
_pdbx_audit_revision_history.ordinal             1 
_pdbx_audit_revision_history.data_content_type   'Structure model' 
_pdbx_audit_revision_history.major_revision      1 
_pdbx_audit_revision_history.minor_revision      0 
_pdbx_audit_revision_history.revision_date       2025-10-08 
_pdbx_audit_revision_history.part_number         ? 
# 
_pdbx_audit_revision_details.ordinal             1 
_pdbx_audit_revision_details.revision_ordinal    1 
_pdbx_audit_revision_details.data_content_type   'Structure model' 
_pdbx_audit_revision_details.provider            repository 
_pdbx_audit_revision_details.type                'Initial release' 
_pdbx_audit_revision_details.description         ? 
_pdbx_audit_revision_details.details             ? 
# 
_pdbx_database_status.status_code                     REL 
_pdbx_database_status.status_code_sf                  ? 
_pdbx_database_status.status_code_mr                  ? 
_pdbx_database_status.entry_id                        9MKS 
_pdbx_database_status.recvd_initial_deposition_date   2024-12-18 
_pdbx_database_status.SG_entry                        N 
_pdbx_database_status.deposit_site                    RCSB 
_pdbx_database_status.process_site                    RCSB 
_pdbx_database_status.status_code_cs                  ? 
_pdbx_database_status.status_code_nmr_data            ? 
_pdbx_database_status.methods_development_category    ? 
_pdbx_database_status.pdb_format_compatible           Y 
# 
_pdbx_database_related.db_name        EMDB 
_pdbx_database_related.details        'MVV CA Hexamer Assembled via Liposome Templating' 
_pdbx_database_related.db_id          EMD-48336 
_pdbx_database_related.content_type   'associated EM volume' 
# 
_pdbx_contact_author.id                 2 
_pdbx_contact_author.email              yong.xiong@yale.edu 
_pdbx_contact_author.name_first         Yong 
_pdbx_contact_author.name_last          Xiong 
_pdbx_contact_author.name_mi            ? 
_pdbx_contact_author.role               'principal investigator/group leader' 
_pdbx_contact_author.identifier_ORCID   0000-0001-9625-9313 
# 
loop_
_audit_author.name 
_audit_author.pdbx_ordinal 
_audit_author.identifier_ORCID 
'Arizaga, F.'  1 0000-0002-8250-3060 
'Freniere, C.' 2 0000-0003-2846-669X 
'Xiong, Y.'    3 0000-0001-9625-9313 
# 
_citation.abstract                  ? 
_citation.abstract_id_CAS           ? 
_citation.book_id_ISBN              ? 
_citation.book_publisher            ? 
_citation.book_publisher_city       ? 
_citation.book_title                ? 
_citation.coordinate_linkage        ? 
_citation.country                   US 
_citation.database_id_Medline       ? 
_citation.details                   ? 
_citation.id                        primary 
_citation.journal_abbrev            J.Am.Chem.Soc. 
_citation.journal_id_ASTM           JACSAT 
_citation.journal_id_CSD            ? 
_citation.journal_id_ISSN           1520-5126 
_citation.journal_full              ? 
_citation.journal_issue             ? 
_citation.journal_volume            147 
_citation.language                  ? 
_citation.page_first                32883 
_citation.page_last                 32895 
_citation.title                     'Exploring the Structural Divergence of HIV and SRLV Lentiviral Capsids.' 
_citation.year                      2025 
_citation.database_id_CSD           ? 
_citation.pdbx_database_id_DOI      10.1021/jacs.5c09436 
_citation.pdbx_database_id_PubMed   40878534 
_citation.pdbx_database_id_patent   ? 
_citation.unpublished_flag          ? 
# 
loop_
_citation_author.citation_id 
_citation_author.name 
_citation_author.ordinal 
_citation_author.identifier_ORCID 
primary 'Arizaga Jr., F.' 1 ?                   
primary 'Freniere, C.'    2 0000-0003-2846-669X 
primary 'Rey, J.S.'       3 0000-0003-2274-3748 
primary 'Cook, M.'        4 ?                   
primary 'Wu, C.'          5 0000-0002-8635-1578 
primary 'Perilla, J.R.'   6 0000-0003-1171-6816 
primary 'Xiong, Y.'       7 0000-0001-9625-9313 
# 
_entity.id                         1 
_entity.type                       polymer 
_entity.src_method                 man 
_entity.pdbx_description           'Capsid protein p25' 
_entity.formula_weight             25882.219 
_entity.pdbx_number_of_molecules   1 
_entity.pdbx_ec                    ? 
_entity.pdbx_mutation              ? 
_entity.pdbx_fragment              ? 
_entity.details                    'MVV CA with C-terminal His tag with GSS linker.' 
# 
_entity_poly.entity_id                      1 
_entity_poly.type                           'polypeptide(L)' 
_entity_poly.nstd_linkage                   no 
_entity_poly.nstd_monomer                   no 
_entity_poly.pdbx_seq_one_letter_code       
;PIVNLQAGGRSWKAVESVVFQQLQTVAMQHGLVSEDFERQLAYYATTWTSKDILEVLAMMPGNRAQKELIQGKLNEEAER
WVRQNPPGPNVLTVDQIMGVGQTNQQASQANMDQARQICLQWVITALRSVRHMSHRPGNPMLVKQKNTESYEDFIARLLE
AIDAEPVTDPIKTYLKVTLSYTNASTDCQKQMDRTLGTRVQQATVEEKMQACRDVGSEGFGSSHHHHHH
;
_entity_poly.pdbx_seq_one_letter_code_can   
;PIVNLQAGGRSWKAVESVVFQQLQTVAMQHGLVSEDFERQLAYYATTWTSKDILEVLAMMPGNRAQKELIQGKLNEEAER
WVRQNPPGPNVLTVDQIMGVGQTNQQASQANMDQARQICLQWVITALRSVRHMSHRPGNPMLVKQKNTESYEDFIARLLE
AIDAEPVTDPIKTYLKVTLSYTNASTDCQKQMDRTLGTRVQQATVEEKMQACRDVGSEGFGSSHHHHHH
;
_entity_poly.pdbx_strand_id                 A 
_entity_poly.pdbx_target_identifier         ? 
# 
loop_
_entity_poly_seq.entity_id 
_entity_poly_seq.num 
_entity_poly_seq.mon_id 
_entity_poly_seq.hetero 
1 1   PRO n 
1 2   ILE n 
1 3   VAL n 
1 4   ASN n 
1 5   LEU n 
1 6   GLN n 
1 7   ALA n 
1 8   GLY n 
1 9   GLY n 
1 10  ARG n 
1 11  SER n 
1 12  TRP n 
1 13  LYS n 
1 14  ALA n 
1 15  VAL n 
1 16  GLU n 
1 17  SER n 
1 18  VAL n 
1 19  VAL n 
1 20  PHE n 
1 21  GLN n 
1 22  GLN n 
1 23  LEU n 
1 24  GLN n 
1 25  THR n 
1 26  VAL n 
1 27  ALA n 
1 28  MET n 
1 29  GLN n 
1 30  HIS n 
1 31  GLY n 
1 32  LEU n 
1 33  VAL n 
1 34  SER n 
1 35  GLU n 
1 36  ASP n 
1 37  PHE n 
1 38  GLU n 
1 39  ARG n 
1 40  GLN n 
1 41  LEU n 
1 42  ALA n 
1 43  TYR n 
1 44  TYR n 
1 45  ALA n 
1 46  THR n 
1 47  THR n 
1 48  TRP n 
1 49  THR n 
1 50  SER n 
1 51  LYS n 
1 52  ASP n 
1 53  ILE n 
1 54  LEU n 
1 55  GLU n 
1 56  VAL n 
1 57  LEU n 
1 58  ALA n 
1 59  MET n 
1 60  MET n 
1 61  PRO n 
1 62  GLY n 
1 63  ASN n 
1 64  ARG n 
1 65  ALA n 
1 66  GLN n 
1 67  LYS n 
1 68  GLU n 
1 69  LEU n 
1 70  ILE n 
1 71  GLN n 
1 72  GLY n 
1 73  LYS n 
1 74  LEU n 
1 75  ASN n 
1 76  GLU n 
1 77  GLU n 
1 78  ALA n 
1 79  GLU n 
1 80  ARG n 
1 81  TRP n 
1 82  VAL n 
1 83  ARG n 
1 84  GLN n 
1 85  ASN n 
1 86  PRO n 
1 87  PRO n 
1 88  GLY n 
1 89  PRO n 
1 90  ASN n 
1 91  VAL n 
1 92  LEU n 
1 93  THR n 
1 94  VAL n 
1 95  ASP n 
1 96  GLN n 
1 97  ILE n 
1 98  MET n 
1 99  GLY n 
1 100 VAL n 
1 101 GLY n 
1 102 GLN n 
1 103 THR n 
1 104 ASN n 
1 105 GLN n 
1 106 GLN n 
1 107 ALA n 
1 108 SER n 
1 109 GLN n 
1 110 ALA n 
1 111 ASN n 
1 112 MET n 
1 113 ASP n 
1 114 GLN n 
1 115 ALA n 
1 116 ARG n 
1 117 GLN n 
1 118 ILE n 
1 119 CYS n 
1 120 LEU n 
1 121 GLN n 
1 122 TRP n 
1 123 VAL n 
1 124 ILE n 
1 125 THR n 
1 126 ALA n 
1 127 LEU n 
1 128 ARG n 
1 129 SER n 
1 130 VAL n 
1 131 ARG n 
1 132 HIS n 
1 133 MET n 
1 134 SER n 
1 135 HIS n 
1 136 ARG n 
1 137 PRO n 
1 138 GLY n 
1 139 ASN n 
1 140 PRO n 
1 141 MET n 
1 142 LEU n 
1 143 VAL n 
1 144 LYS n 
1 145 GLN n 
1 146 LYS n 
1 147 ASN n 
1 148 THR n 
1 149 GLU n 
1 150 SER n 
1 151 TYR n 
1 152 GLU n 
1 153 ASP n 
1 154 PHE n 
1 155 ILE n 
1 156 ALA n 
1 157 ARG n 
1 158 LEU n 
1 159 LEU n 
1 160 GLU n 
1 161 ALA n 
1 162 ILE n 
1 163 ASP n 
1 164 ALA n 
1 165 GLU n 
1 166 PRO n 
1 167 VAL n 
1 168 THR n 
1 169 ASP n 
1 170 PRO n 
1 171 ILE n 
1 172 LYS n 
1 173 THR n 
1 174 TYR n 
1 175 LEU n 
1 176 LYS n 
1 177 VAL n 
1 178 THR n 
1 179 LEU n 
1 180 SER n 
1 181 TYR n 
1 182 THR n 
1 183 ASN n 
1 184 ALA n 
1 185 SER n 
1 186 THR n 
1 187 ASP n 
1 188 CYS n 
1 189 GLN n 
1 190 LYS n 
1 191 GLN n 
1 192 MET n 
1 193 ASP n 
1 194 ARG n 
1 195 THR n 
1 196 LEU n 
1 197 GLY n 
1 198 THR n 
1 199 ARG n 
1 200 VAL n 
1 201 GLN n 
1 202 GLN n 
1 203 ALA n 
1 204 THR n 
1 205 VAL n 
1 206 GLU n 
1 207 GLU n 
1 208 LYS n 
1 209 MET n 
1 210 GLN n 
1 211 ALA n 
1 212 CYS n 
1 213 ARG n 
1 214 ASP n 
1 215 VAL n 
1 216 GLY n 
1 217 SER n 
1 218 GLU n 
1 219 GLY n 
1 220 PHE n 
1 221 GLY n 
1 222 SER n 
1 223 SER n 
1 224 HIS n 
1 225 HIS n 
1 226 HIS n 
1 227 HIS n 
1 228 HIS n 
1 229 HIS n 
# 
_entity_src_gen.entity_id                          1 
_entity_src_gen.pdbx_src_id                        1 
_entity_src_gen.pdbx_alt_source_flag               sample 
_entity_src_gen.pdbx_seq_type                      'Biological sequence' 
_entity_src_gen.pdbx_beg_seq_num                   1 
_entity_src_gen.pdbx_end_seq_num                   229 
_entity_src_gen.gene_src_common_name               ? 
_entity_src_gen.gene_src_genus                     ? 
_entity_src_gen.pdbx_gene_src_gene                 gag 
_entity_src_gen.gene_src_species                   ? 
_entity_src_gen.gene_src_strain                    ? 
_entity_src_gen.gene_src_tissue                    ? 
_entity_src_gen.gene_src_tissue_fraction           ? 
_entity_src_gen.gene_src_details                   ? 
_entity_src_gen.pdbx_gene_src_fragment             ? 
_entity_src_gen.pdbx_gene_src_scientific_name      'Visna-maedi virus' 
_entity_src_gen.pdbx_gene_src_ncbi_taxonomy_id     2169971 
_entity_src_gen.pdbx_gene_src_variant              ? 
_entity_src_gen.pdbx_gene_src_cell_line            ? 
_entity_src_gen.pdbx_gene_src_atcc                 ? 
_entity_src_gen.pdbx_gene_src_organ                ? 
_entity_src_gen.pdbx_gene_src_organelle            ? 
_entity_src_gen.pdbx_gene_src_cell                 ? 
_entity_src_gen.pdbx_gene_src_cellular_location    ? 
_entity_src_gen.host_org_common_name               ? 
_entity_src_gen.pdbx_host_org_scientific_name      'Escherichia coli' 
_entity_src_gen.pdbx_host_org_ncbi_taxonomy_id     562 
_entity_src_gen.host_org_genus                     ? 
_entity_src_gen.pdbx_host_org_gene                 ? 
_entity_src_gen.pdbx_host_org_organ                ? 
_entity_src_gen.host_org_species                   ? 
_entity_src_gen.pdbx_host_org_tissue               ? 
_entity_src_gen.pdbx_host_org_tissue_fraction      ? 
_entity_src_gen.pdbx_host_org_strain               ? 
_entity_src_gen.pdbx_host_org_variant              ? 
_entity_src_gen.pdbx_host_org_cell_line            ? 
_entity_src_gen.pdbx_host_org_atcc                 ? 
_entity_src_gen.pdbx_host_org_culture_collection   ? 
_entity_src_gen.pdbx_host_org_cell                 ? 
_entity_src_gen.pdbx_host_org_organelle            ? 
_entity_src_gen.pdbx_host_org_cellular_location    ? 
_entity_src_gen.pdbx_host_org_vector_type          ? 
_entity_src_gen.pdbx_host_org_vector               ? 
_entity_src_gen.host_org_details                   ? 
_entity_src_gen.expression_system_id               ? 
_entity_src_gen.plasmid_name                       ? 
_entity_src_gen.plasmid_details                    ? 
_entity_src_gen.pdbx_description                   ? 
# 
loop_
_chem_comp.id 
_chem_comp.type 
_chem_comp.mon_nstd_flag 
_chem_comp.name 
_chem_comp.pdbx_synonyms 
_chem_comp.formula 
_chem_comp.formula_weight 
ALA 'L-peptide linking' y ALANINE         ? 'C3 H7 N O2'     89.093  
ARG 'L-peptide linking' y ARGININE        ? 'C6 H15 N4 O2 1' 175.209 
ASN 'L-peptide linking' y ASPARAGINE      ? 'C4 H8 N2 O3'    132.118 
ASP 'L-peptide linking' y 'ASPARTIC ACID' ? 'C4 H7 N O4'     133.103 
CYS 'L-peptide linking' y CYSTEINE        ? 'C3 H7 N O2 S'   121.158 
GLN 'L-peptide linking' y GLUTAMINE       ? 'C5 H10 N2 O3'   146.144 
GLU 'L-peptide linking' y 'GLUTAMIC ACID' ? 'C5 H9 N O4'     147.129 
GLY 'peptide linking'   y GLYCINE         ? 'C2 H5 N O2'     75.067  
HIS 'L-peptide linking' y HISTIDINE       ? 'C6 H10 N3 O2 1' 156.162 
ILE 'L-peptide linking' y ISOLEUCINE      ? 'C6 H13 N O2'    131.173 
LEU 'L-peptide linking' y LEUCINE         ? 'C6 H13 N O2'    131.173 
LYS 'L-peptide linking' y LYSINE          ? 'C6 H15 N2 O2 1' 147.195 
MET 'L-peptide linking' y METHIONINE      ? 'C5 H11 N O2 S'  149.211 
PHE 'L-peptide linking' y PHENYLALANINE   ? 'C9 H11 N O2'    165.189 
PRO 'L-peptide linking' y PROLINE         ? 'C5 H9 N O2'     115.130 
SER 'L-peptide linking' y SERINE          ? 'C3 H7 N O3'     105.093 
THR 'L-peptide linking' y THREONINE       ? 'C4 H9 N O3'     119.119 
TRP 'L-peptide linking' y TRYPTOPHAN      ? 'C11 H12 N2 O2'  204.225 
TYR 'L-peptide linking' y TYROSINE        ? 'C9 H11 N O3'    181.189 
VAL 'L-peptide linking' y VALINE          ? 'C5 H11 N O2'    117.146 
# 
loop_
_pdbx_poly_seq_scheme.asym_id 
_pdbx_poly_seq_scheme.entity_id 
_pdbx_poly_seq_scheme.seq_id 
_pdbx_poly_seq_scheme.mon_id 
_pdbx_poly_seq_scheme.ndb_seq_num 
_pdbx_poly_seq_scheme.pdb_seq_num 
_pdbx_poly_seq_scheme.auth_seq_num 
_pdbx_poly_seq_scheme.pdb_mon_id 
_pdbx_poly_seq_scheme.auth_mon_id 
_pdbx_poly_seq_scheme.pdb_strand_id 
_pdbx_poly_seq_scheme.pdb_ins_code 
_pdbx_poly_seq_scheme.hetero 
A 1 1   PRO 1   1   1   PRO PRO A . n 
A 1 2   ILE 2   2   2   ILE ILE A . n 
A 1 3   VAL 3   3   3   VAL VAL A . n 
A 1 4   ASN 4   4   4   ASN ASN A . n 
A 1 5   LEU 5   5   5   LEU LEU A . n 
A 1 6   GLN 6   6   6   GLN GLN A . n 
A 1 7   ALA 7   7   7   ALA ALA A . n 
A 1 8   GLY 8   8   8   GLY GLY A . n 
A 1 9   GLY 9   9   9   GLY GLY A . n 
A 1 10  ARG 10  10  10  ARG ARG A . n 
A 1 11  SER 11  11  11  SER SER A . n 
A 1 12  TRP 12  12  12  TRP TRP A . n 
A 1 13  LYS 13  13  13  LYS LYS A . n 
A 1 14  ALA 14  14  14  ALA ALA A . n 
A 1 15  VAL 15  15  15  VAL VAL A . n 
A 1 16  GLU 16  16  16  GLU GLU A . n 
A 1 17  SER 17  17  17  SER SER A . n 
A 1 18  VAL 18  18  18  VAL VAL A . n 
A 1 19  VAL 19  19  19  VAL VAL A . n 
A 1 20  PHE 20  20  20  PHE PHE A . n 
A 1 21  GLN 21  21  21  GLN GLN A . n 
A 1 22  GLN 22  22  22  GLN GLN A . n 
A 1 23  LEU 23  23  23  LEU LEU A . n 
A 1 24  GLN 24  24  24  GLN GLN A . n 
A 1 25  THR 25  25  25  THR THR A . n 
A 1 26  VAL 26  26  26  VAL VAL A . n 
A 1 27  ALA 27  27  27  ALA ALA A . n 
A 1 28  MET 28  28  28  MET MET A . n 
A 1 29  GLN 29  29  29  GLN GLN A . n 
A 1 30  HIS 30  30  30  HIS HIS A . n 
A 1 31  GLY 31  31  31  GLY GLY A . n 
A 1 32  LEU 32  32  32  LEU LEU A . n 
A 1 33  VAL 33  33  33  VAL VAL A . n 
A 1 34  SER 34  34  34  SER SER A . n 
A 1 35  GLU 35  35  35  GLU GLU A . n 
A 1 36  ASP 36  36  36  ASP ASP A . n 
A 1 37  PHE 37  37  37  PHE PHE A . n 
A 1 38  GLU 38  38  38  GLU GLU A . n 
A 1 39  ARG 39  39  39  ARG ARG A . n 
A 1 40  GLN 40  40  40  GLN GLN A . n 
A 1 41  LEU 41  41  41  LEU LEU A . n 
A 1 42  ALA 42  42  42  ALA ALA A . n 
A 1 43  TYR 43  43  43  TYR TYR A . n 
A 1 44  TYR 44  44  44  TYR TYR A . n 
A 1 45  ALA 45  45  45  ALA ALA A . n 
A 1 46  THR 46  46  46  THR THR A . n 
A 1 47  THR 47  47  47  THR THR A . n 
A 1 48  TRP 48  48  48  TRP TRP A . n 
A 1 49  THR 49  49  49  THR THR A . n 
A 1 50  SER 50  50  50  SER SER A . n 
A 1 51  LYS 51  51  51  LYS LYS A . n 
A 1 52  ASP 52  52  52  ASP ASP A . n 
A 1 53  ILE 53  53  53  ILE ILE A . n 
A 1 54  LEU 54  54  54  LEU LEU A . n 
A 1 55  GLU 55  55  55  GLU GLU A . n 
A 1 56  VAL 56  56  56  VAL VAL A . n 
A 1 57  LEU 57  57  57  LEU LEU A . n 
A 1 58  ALA 58  58  58  ALA ALA A . n 
A 1 59  MET 59  59  59  MET MET A . n 
A 1 60  MET 60  60  60  MET MET A . n 
A 1 61  PRO 61  61  61  PRO PRO A . n 
A 1 62  GLY 62  62  62  GLY GLY A . n 
A 1 63  ASN 63  63  63  ASN ASN A . n 
A 1 64  ARG 64  64  64  ARG ARG A . n 
A 1 65  ALA 65  65  65  ALA ALA A . n 
A 1 66  GLN 66  66  66  GLN GLN A . n 
A 1 67  LYS 67  67  67  LYS LYS A . n 
A 1 68  GLU 68  68  68  GLU GLU A . n 
A 1 69  LEU 69  69  69  LEU LEU A . n 
A 1 70  ILE 70  70  70  ILE ILE A . n 
A 1 71  GLN 71  71  71  GLN GLN A . n 
A 1 72  GLY 72  72  72  GLY GLY A . n 
A 1 73  LYS 73  73  73  LYS LYS A . n 
A 1 74  LEU 74  74  74  LEU LEU A . n 
A 1 75  ASN 75  75  75  ASN ASN A . n 
A 1 76  GLU 76  76  76  GLU GLU A . n 
A 1 77  GLU 77  77  77  GLU GLU A . n 
A 1 78  ALA 78  78  78  ALA ALA A . n 
A 1 79  GLU 79  79  79  GLU GLU A . n 
A 1 80  ARG 80  80  80  ARG ARG A . n 
A 1 81  TRP 81  81  81  TRP TRP A . n 
A 1 82  VAL 82  82  82  VAL VAL A . n 
A 1 83  ARG 83  83  83  ARG ARG A . n 
A 1 84  GLN 84  84  84  GLN GLN A . n 
A 1 85  ASN 85  85  85  ASN ASN A . n 
A 1 86  PRO 86  86  86  PRO PRO A . n 
A 1 87  PRO 87  87  87  PRO PRO A . n 
A 1 88  GLY 88  88  88  GLY GLY A . n 
A 1 89  PRO 89  89  89  PRO PRO A . n 
A 1 90  ASN 90  90  90  ASN ASN A . n 
A 1 91  VAL 91  91  91  VAL VAL A . n 
A 1 92  LEU 92  92  92  LEU LEU A . n 
A 1 93  THR 93  93  93  THR THR A . n 
A 1 94  VAL 94  94  94  VAL VAL A . n 
A 1 95  ASP 95  95  95  ASP ASP A . n 
A 1 96  GLN 96  96  96  GLN GLN A . n 
A 1 97  ILE 97  97  97  ILE ILE A . n 
A 1 98  MET 98  98  98  MET MET A . n 
A 1 99  GLY 99  99  99  GLY GLY A . n 
A 1 100 VAL 100 100 100 VAL VAL A . n 
A 1 101 GLY 101 101 101 GLY GLY A . n 
A 1 102 GLN 102 102 102 GLN GLN A . n 
A 1 103 THR 103 103 103 THR THR A . n 
A 1 104 ASN 104 104 104 ASN ASN A . n 
A 1 105 GLN 105 105 105 GLN GLN A . n 
A 1 106 GLN 106 106 106 GLN GLN A . n 
A 1 107 ALA 107 107 107 ALA ALA A . n 
A 1 108 SER 108 108 108 SER SER A . n 
A 1 109 GLN 109 109 109 GLN GLN A . n 
A 1 110 ALA 110 110 110 ALA ALA A . n 
A 1 111 ASN 111 111 111 ASN ASN A . n 
A 1 112 MET 112 112 112 MET MET A . n 
A 1 113 ASP 113 113 113 ASP ASP A . n 
A 1 114 GLN 114 114 114 GLN GLN A . n 
A 1 115 ALA 115 115 115 ALA ALA A . n 
A 1 116 ARG 116 116 116 ARG ARG A . n 
A 1 117 GLN 117 117 117 GLN GLN A . n 
A 1 118 ILE 118 118 118 ILE ILE A . n 
A 1 119 CYS 119 119 119 CYS CYS A . n 
A 1 120 LEU 120 120 120 LEU LEU A . n 
A 1 121 GLN 121 121 121 GLN GLN A . n 
A 1 122 TRP 122 122 122 TRP TRP A . n 
A 1 123 VAL 123 123 123 VAL VAL A . n 
A 1 124 ILE 124 124 124 ILE ILE A . n 
A 1 125 THR 125 125 125 THR THR A . n 
A 1 126 ALA 126 126 126 ALA ALA A . n 
A 1 127 LEU 127 127 127 LEU LEU A . n 
A 1 128 ARG 128 128 128 ARG ARG A . n 
A 1 129 SER 129 129 129 SER SER A . n 
A 1 130 VAL 130 130 130 VAL VAL A . n 
A 1 131 ARG 131 131 131 ARG ARG A . n 
A 1 132 HIS 132 132 132 HIS HIS A . n 
A 1 133 MET 133 133 133 MET MET A . n 
A 1 134 SER 134 134 134 SER SER A . n 
A 1 135 HIS 135 135 135 HIS HIS A . n 
A 1 136 ARG 136 136 136 ARG ARG A . n 
A 1 137 PRO 137 137 137 PRO PRO A . n 
A 1 138 GLY 138 138 138 GLY GLY A . n 
A 1 139 ASN 139 139 139 ASN ASN A . n 
A 1 140 PRO 140 140 140 PRO PRO A . n 
A 1 141 MET 141 141 141 MET MET A . n 
A 1 142 LEU 142 142 142 LEU LEU A . n 
A 1 143 VAL 143 143 143 VAL VAL A . n 
A 1 144 LYS 144 144 144 LYS LYS A . n 
A 1 145 GLN 145 145 145 GLN GLN A . n 
A 1 146 LYS 146 146 146 LYS LYS A . n 
A 1 147 ASN 147 147 147 ASN ASN A . n 
A 1 148 THR 148 148 148 THR THR A . n 
A 1 149 GLU 149 149 149 GLU GLU A . n 
A 1 150 SER 150 150 150 SER SER A . n 
A 1 151 TYR 151 151 151 TYR TYR A . n 
A 1 152 GLU 152 152 152 GLU GLU A . n 
A 1 153 ASP 153 153 153 ASP ASP A . n 
A 1 154 PHE 154 154 154 PHE PHE A . n 
A 1 155 ILE 155 155 155 ILE ILE A . n 
A 1 156 ALA 156 156 156 ALA ALA A . n 
A 1 157 ARG 157 157 157 ARG ARG A . n 
A 1 158 LEU 158 158 158 LEU LEU A . n 
A 1 159 LEU 159 159 159 LEU LEU A . n 
A 1 160 GLU 160 160 160 GLU GLU A . n 
A 1 161 ALA 161 161 161 ALA ALA A . n 
A 1 162 ILE 162 162 162 ILE ILE A . n 
A 1 163 ASP 163 163 163 ASP ASP A . n 
A 1 164 ALA 164 164 164 ALA ALA A . n 
A 1 165 GLU 165 165 165 GLU GLU A . n 
A 1 166 PRO 166 166 166 PRO PRO A . n 
A 1 167 VAL 167 167 167 VAL VAL A . n 
A 1 168 THR 168 168 168 THR THR A . n 
A 1 169 ASP 169 169 169 ASP ASP A . n 
A 1 170 PRO 170 170 170 PRO PRO A . n 
A 1 171 ILE 171 171 171 ILE ILE A . n 
A 1 172 LYS 172 172 172 LYS LYS A . n 
A 1 173 THR 173 173 173 THR THR A . n 
A 1 174 TYR 174 174 174 TYR TYR A . n 
A 1 175 LEU 175 175 175 LEU LEU A . n 
A 1 176 LYS 176 176 176 LYS LYS A . n 
A 1 177 VAL 177 177 177 VAL VAL A . n 
A 1 178 THR 178 178 178 THR THR A . n 
A 1 179 LEU 179 179 179 LEU LEU A . n 
A 1 180 SER 180 180 180 SER SER A . n 
A 1 181 TYR 181 181 181 TYR TYR A . n 
A 1 182 THR 182 182 182 THR THR A . n 
A 1 183 ASN 183 183 183 ASN ASN A . n 
A 1 184 ALA 184 184 184 ALA ALA A . n 
A 1 185 SER 185 185 185 SER SER A . n 
A 1 186 THR 186 186 186 THR THR A . n 
A 1 187 ASP 187 187 187 ASP ASP A . n 
A 1 188 CYS 188 188 188 CYS CYS A . n 
A 1 189 GLN 189 189 189 GLN GLN A . n 
A 1 190 LYS 190 190 190 LYS LYS A . n 
A 1 191 GLN 191 191 191 GLN GLN A . n 
A 1 192 MET 192 192 192 MET MET A . n 
A 1 193 ASP 193 193 193 ASP ASP A . n 
A 1 194 ARG 194 194 194 ARG ARG A . n 
A 1 195 THR 195 195 195 THR THR A . n 
A 1 196 LEU 196 196 196 LEU LEU A . n 
A 1 197 GLY 197 197 197 GLY GLY A . n 
A 1 198 THR 198 198 198 THR THR A . n 
A 1 199 ARG 199 199 199 ARG ARG A . n 
A 1 200 VAL 200 200 200 VAL VAL A . n 
A 1 201 GLN 201 201 201 GLN GLN A . n 
A 1 202 GLN 202 202 202 GLN GLN A . n 
A 1 203 ALA 203 203 203 ALA ALA A . n 
A 1 204 THR 204 204 204 THR THR A . n 
A 1 205 VAL 205 205 205 VAL VAL A . n 
A 1 206 GLU 206 206 206 GLU GLU A . n 
A 1 207 GLU 207 207 207 GLU GLU A . n 
A 1 208 LYS 208 208 208 LYS LYS A . n 
A 1 209 MET 209 209 209 MET MET A . n 
A 1 210 GLN 210 210 210 GLN GLN A . n 
A 1 211 ALA 211 211 211 ALA ALA A . n 
A 1 212 CYS 212 212 212 CYS CYS A . n 
A 1 213 ARG 213 213 213 ARG ARG A . n 
A 1 214 ASP 214 214 ?   ?   ?   A . n 
A 1 215 VAL 215 215 ?   ?   ?   A . n 
A 1 216 GLY 216 216 ?   ?   ?   A . n 
A 1 217 SER 217 217 ?   ?   ?   A . n 
A 1 218 GLU 218 218 ?   ?   ?   A . n 
A 1 219 GLY 219 219 ?   ?   ?   A . n 
A 1 220 PHE 220 220 ?   ?   ?   A . n 
A 1 221 GLY 221 221 ?   ?   ?   A . n 
A 1 222 SER 222 222 ?   ?   ?   A . n 
A 1 223 SER 223 223 ?   ?   ?   A . n 
A 1 224 HIS 224 224 ?   ?   ?   A . n 
A 1 225 HIS 225 225 ?   ?   ?   A . n 
A 1 226 HIS 226 226 ?   ?   ?   A . n 
A 1 227 HIS 227 227 ?   ?   ?   A . n 
A 1 228 HIS 228 228 ?   ?   ?   A . n 
A 1 229 HIS 229 229 ?   ?   ?   A . n 
# 
_cell.angle_alpha                  90.00 
_cell.angle_alpha_esd              ? 
_cell.angle_beta                   90.00 
_cell.angle_beta_esd               ? 
_cell.angle_gamma                  90.00 
_cell.angle_gamma_esd              ? 
_cell.entry_id                     9MKS 
_cell.details                      ? 
_cell.formula_units_Z              ? 
_cell.length_a                     1.00 
_cell.length_a_esd                 ? 
_cell.length_b                     1.00 
_cell.length_b_esd                 ? 
_cell.length_c                     1.00 
_cell.length_c_esd                 ? 
_cell.volume                       ? 
_cell.volume_esd                   ? 
_cell.Z_PDB                        ? 
_cell.reciprocal_angle_alpha       ? 
_cell.reciprocal_angle_beta        ? 
_cell.reciprocal_angle_gamma       ? 
_cell.reciprocal_angle_alpha_esd   ? 
_cell.reciprocal_angle_beta_esd    ? 
_cell.reciprocal_angle_gamma_esd   ? 
_cell.reciprocal_length_a          ? 
_cell.reciprocal_length_b          ? 
_cell.reciprocal_length_c          ? 
_cell.reciprocal_length_a_esd      ? 
_cell.reciprocal_length_b_esd      ? 
_cell.reciprocal_length_c_esd      ? 
_cell.pdbx_unique_axis             ? 
_cell.pdbx_esd_method              ? 
# 
_symmetry.entry_id                         9MKS 
_symmetry.cell_setting                     ? 
_symmetry.Int_Tables_number                1 
_symmetry.space_group_name_Hall            ? 
_symmetry.space_group_name_H-M             'P 1' 
_symmetry.pdbx_full_space_group_name_H-M   ? 
# 
_exptl.absorpt_coefficient_mu     ? 
_exptl.absorpt_correction_T_max   ? 
_exptl.absorpt_correction_T_min   ? 
_exptl.absorpt_correction_type    ? 
_exptl.absorpt_process_details    ? 
_exptl.entry_id                   9MKS 
_exptl.crystals_number            ? 
_exptl.details                    ? 
_exptl.method                     'ELECTRON MICROSCOPY' 
_exptl.method_details             ? 
# 
_struct.entry_id                     9MKS 
_struct.title                        'MVV CA Hexamer Assembled via Liposome Templating' 
_struct.pdbx_model_details           ? 
_struct.pdbx_formula_weight          ? 
_struct.pdbx_formula_weight_method   ? 
_struct.pdbx_model_type_details      ? 
_struct.pdbx_CASP_flag               N 
# 
_struct_keywords.entry_id        9MKS 
_struct_keywords.text            'MVV, Capsid, Hexamer, Viral Protein' 
_struct_keywords.pdbx_keywords   'VIRAL PROTEIN' 
# 
_struct_asym.id                            A 
_struct_asym.pdbx_blank_PDB_chainid_flag   N 
_struct_asym.pdbx_modified                 N 
_struct_asym.entity_id                     1 
_struct_asym.details                       ? 
# 
_struct_ref.id                         1 
_struct_ref.db_name                    UNP 
_struct_ref.db_code                    GAG_VILV 
_struct_ref.pdbx_db_accession          P03352 
_struct_ref.pdbx_db_isoform            ? 
_struct_ref.entity_id                  1 
_struct_ref.pdbx_seq_one_letter_code   
;PIVNLQAGGRSWKAVESVVFQQLQTVAMQHGLVSEDFERQLAYYATTWTSKDILEVLAMMPGNRAQKELIQGKLNEEAER
WVRQNPPGPNVLTVDQIMGVGQTNQQASQANMDQARQICLQWVITALRSVRHMSHRPGNPMLVKQKNTESYEDFIARLLE
AIDAEPVTDPIKTYLKVTLSYTNASTDCQKQMDRTLGTRVQQATVEEKMQACRDVGSEGF
;
_struct_ref.pdbx_align_begin           144 
# 
_struct_ref_seq.align_id                      1 
_struct_ref_seq.ref_id                        1 
_struct_ref_seq.pdbx_PDB_id_code              9MKS 
_struct_ref_seq.pdbx_strand_id                A 
_struct_ref_seq.seq_align_beg                 1 
_struct_ref_seq.pdbx_seq_align_beg_ins_code   ? 
_struct_ref_seq.seq_align_end                 220 
_struct_ref_seq.pdbx_seq_align_end_ins_code   ? 
_struct_ref_seq.pdbx_db_accession             P03352 
_struct_ref_seq.db_align_beg                  144 
_struct_ref_seq.pdbx_db_align_beg_ins_code    ? 
_struct_ref_seq.db_align_end                  363 
_struct_ref_seq.pdbx_db_align_end_ins_code    ? 
_struct_ref_seq.pdbx_auth_seq_align_beg       1 
_struct_ref_seq.pdbx_auth_seq_align_end       220 
# 
loop_
_struct_ref_seq_dif.align_id 
_struct_ref_seq_dif.pdbx_pdb_id_code 
_struct_ref_seq_dif.mon_id 
_struct_ref_seq_dif.pdbx_pdb_strand_id 
_struct_ref_seq_dif.seq_num 
_struct_ref_seq_dif.pdbx_pdb_ins_code 
_struct_ref_seq_dif.pdbx_seq_db_name 
_struct_ref_seq_dif.pdbx_seq_db_accession_code 
_struct_ref_seq_dif.db_mon_id 
_struct_ref_seq_dif.pdbx_seq_db_seq_num 
_struct_ref_seq_dif.details 
_struct_ref_seq_dif.pdbx_auth_seq_num 
_struct_ref_seq_dif.pdbx_ordinal 
1 9MKS GLY A 221 ? UNP P03352 ? ? 'expression tag' 221 1 
1 9MKS SER A 222 ? UNP P03352 ? ? 'expression tag' 222 2 
1 9MKS SER A 223 ? UNP P03352 ? ? 'expression tag' 223 3 
1 9MKS HIS A 224 ? UNP P03352 ? ? 'expression tag' 224 4 
1 9MKS HIS A 225 ? UNP P03352 ? ? 'expression tag' 225 5 
1 9MKS HIS A 226 ? UNP P03352 ? ? 'expression tag' 226 6 
1 9MKS HIS A 227 ? UNP P03352 ? ? 'expression tag' 227 7 
1 9MKS HIS A 228 ? UNP P03352 ? ? 'expression tag' 228 8 
1 9MKS HIS A 229 ? UNP P03352 ? ? 'expression tag' 229 9 
# 
loop_
_pdbx_struct_assembly.id 
_pdbx_struct_assembly.details 
_pdbx_struct_assembly.method_details 
_pdbx_struct_assembly.oligomeric_details 
_pdbx_struct_assembly.oligomeric_count 
1 'complete point assembly'                ? hexameric 6 
2 'point asymmetric unit'                  ? monomeric 1 
3 'point asymmetric unit, std point frame' ? monomeric 1 
# 
loop_
_pdbx_struct_assembly_gen.assembly_id 
_pdbx_struct_assembly_gen.oper_expression 
_pdbx_struct_assembly_gen.asym_id_list 
1 '(1-6)' A 
2 1       A 
3 P       A 
# 
_pdbx_struct_assembly_auth_evidence.id                     1 
_pdbx_struct_assembly_auth_evidence.assembly_id            1 
_pdbx_struct_assembly_auth_evidence.experimental_support   'electron microscopy' 
_pdbx_struct_assembly_auth_evidence.details                'not applicable' 
# 
loop_
_pdbx_struct_oper_list.id 
_pdbx_struct_oper_list.type 
_pdbx_struct_oper_list.name 
_pdbx_struct_oper_list.symmetry_operation 
_pdbx_struct_oper_list.matrix[1][1] 
_pdbx_struct_oper_list.matrix[1][2] 
_pdbx_struct_oper_list.matrix[1][3] 
_pdbx_struct_oper_list.vector[1] 
_pdbx_struct_oper_list.matrix[2][1] 
_pdbx_struct_oper_list.matrix[2][2] 
_pdbx_struct_oper_list.matrix[2][3] 
_pdbx_struct_oper_list.vector[2] 
_pdbx_struct_oper_list.matrix[3][1] 
_pdbx_struct_oper_list.matrix[3][2] 
_pdbx_struct_oper_list.matrix[3][3] 
_pdbx_struct_oper_list.vector[3] 
P 'transform to point frame' ?     ?     -0.37286882 0.90608514  0.19994639 29.25726  -0.75927922 -0.42180956 0.49555197  -0.00204  0.53335158 0.03296074  0.84525125 0.00000   
1 'identity operation'       1_555 x,y,z 1.00000000  0.00000000  0.00000000 0.00000   0.00000000  1.00000000  0.00000000  0.00000   0.00000000 0.00000000  1.00000000 0.00000   
2 'point symmetry operation' ?     ?     0.64223195  -0.72321922 0.25395288 -13.78514 0.74079889  0.50054321  -0.44796596 -23.94123 0.19686321 0.47582607  0.85722484 9.63198   
3 'point symmetry operation' ?     ?     -0.07330414 -0.70563956 0.70476898 -2.87756  0.75837855  -0.49837038 -0.42010585 -50.45166 0.64767930 0.50368618  0.57167453 3.78311   
4 'point symmetry operation' ?     ?     -0.43107219 0.03515933  0.90163218 21.81515  0.03515933  -0.99782718 0.05572022  -53.02086 0.90163218 0.05572022  0.42889937 -11.69775 
5 'point symmetry operation' ?     ?     -0.07330414 0.75837855  0.64767930 35.60028  -0.70563956 -0.49837038 0.50368618  -29.07963 0.70476898 -0.42010585 0.57167453 -21.32973 
6 'point symmetry operation' ?     ?     0.64223195  0.74079889  0.19686321 24.69271  -0.72321922 0.50054321  0.47582607  -2.56920  0.25395288 -0.44796596 0.85722484 -15.48085    
# 
loop_
_struct_conf.conf_type_id 
_struct_conf.id 
_struct_conf.pdbx_PDB_helix_id 
_struct_conf.beg_label_comp_id 
_struct_conf.beg_label_asym_id 
_struct_conf.beg_label_seq_id 
_struct_conf.pdbx_beg_PDB_ins_code 
_struct_conf.end_label_comp_id 
_struct_conf.end_label_asym_id 
_struct_conf.end_label_seq_id 
_struct_conf.pdbx_end_PDB_ins_code 
_struct_conf.beg_auth_comp_id 
_struct_conf.beg_auth_asym_id 
_struct_conf.beg_auth_seq_id 
_struct_conf.end_auth_comp_id 
_struct_conf.end_auth_asym_id 
_struct_conf.end_auth_seq_id 
_struct_conf.pdbx_PDB_helix_class 
_struct_conf.details 
_struct_conf.pdbx_PDB_helix_length 
HELX_P HELX_P1  AA1 GLU A 16  ? HIS A 30  ? GLU A 16  HIS A 30  1 ? 15 
HELX_P HELX_P2  AA2 SER A 34  ? ALA A 45  ? SER A 34  ALA A 45  1 ? 12 
HELX_P HELX_P3  AA3 THR A 49  ? MET A 60  ? THR A 49  MET A 60  1 ? 12 
HELX_P HELX_P4  AA4 ASN A 63  ? ASN A 85  ? ASN A 63  ASN A 85  1 ? 23 
HELX_P HELX_P5  AA5 THR A 93  ? MET A 98  ? THR A 93  MET A 98  1 ? 6  
HELX_P HELX_P6  AA6 THR A 103 ? SER A 108 ? THR A 103 SER A 108 1 ? 6  
HELX_P HELX_P7  AA7 ALA A 110 ? HIS A 135 ? ALA A 110 HIS A 135 1 ? 26 
HELX_P HELX_P8  AA8 GLY A 138 ? VAL A 143 ? GLY A 138 VAL A 143 1 ? 6  
HELX_P HELX_P9  AA9 SER A 150 ? GLU A 165 ? SER A 150 GLU A 165 1 ? 16 
HELX_P HELX_P10 AB1 THR A 168 ? ASN A 183 ? THR A 168 ASN A 183 1 ? 16 
HELX_P HELX_P11 AB2 SER A 185 ? ALA A 203 ? SER A 185 ALA A 203 1 ? 19 
HELX_P HELX_P12 AB3 GLU A 206 ? CYS A 212 ? GLU A 206 CYS A 212 1 ? 7  
# 
_struct_conf_type.id          HELX_P 
_struct_conf_type.criteria    ? 
_struct_conf_type.reference   ? 
# 
_struct_conn.id                            disulf1 
_struct_conn.conn_type_id                  disulf 
_struct_conn.pdbx_leaving_atom_flag        ? 
_struct_conn.pdbx_PDB_id                   ? 
_struct_conn.ptnr1_label_asym_id           A 
_struct_conn.ptnr1_label_comp_id           CYS 
_struct_conn.ptnr1_label_seq_id            188 
_struct_conn.ptnr1_label_atom_id           SG 
_struct_conn.pdbx_ptnr1_label_alt_id       ? 
_struct_conn.pdbx_ptnr1_PDB_ins_code       ? 
_struct_conn.pdbx_ptnr1_standard_comp_id   ? 
_struct_conn.ptnr1_symmetry                1_555 
_struct_conn.ptnr2_label_asym_id           A 
_struct_conn.ptnr2_label_comp_id           CYS 
_struct_conn.ptnr2_label_seq_id            212 
_struct_conn.ptnr2_label_atom_id           SG 
_struct_conn.pdbx_ptnr2_label_alt_id       ? 
_struct_conn.pdbx_ptnr2_PDB_ins_code       ? 
_struct_conn.ptnr1_auth_asym_id            A 
_struct_conn.ptnr1_auth_comp_id            CYS 
_struct_conn.ptnr1_auth_seq_id             188 
_struct_conn.ptnr2_auth_asym_id            A 
_struct_conn.ptnr2_auth_comp_id            CYS 
_struct_conn.ptnr2_auth_seq_id             212 
_struct_conn.ptnr2_symmetry                1_555 
_struct_conn.pdbx_ptnr3_label_atom_id      ? 
_struct_conn.pdbx_ptnr3_label_seq_id       ? 
_struct_conn.pdbx_ptnr3_label_comp_id      ? 
_struct_conn.pdbx_ptnr3_label_asym_id      ? 
_struct_conn.pdbx_ptnr3_label_alt_id       ? 
_struct_conn.pdbx_ptnr3_PDB_ins_code       ? 
_struct_conn.details                       ? 
_struct_conn.pdbx_dist_value               2.027 
_struct_conn.pdbx_value_order              ? 
_struct_conn.pdbx_role                     ? 
# 
_struct_conn_type.id          disulf 
_struct_conn_type.criteria    ? 
_struct_conn_type.reference   ? 
# 
_pdbx_modification_feature.ordinal                            1 
_pdbx_modification_feature.label_comp_id                      CYS 
_pdbx_modification_feature.label_asym_id                      A 
_pdbx_modification_feature.label_seq_id                       188 
_pdbx_modification_feature.label_alt_id                       ? 
_pdbx_modification_feature.modified_residue_label_comp_id     CYS 
_pdbx_modification_feature.modified_residue_label_asym_id     A 
_pdbx_modification_feature.modified_residue_label_seq_id      212 
_pdbx_modification_feature.modified_residue_label_alt_id      ? 
_pdbx_modification_feature.auth_comp_id                       CYS 
_pdbx_modification_feature.auth_asym_id                       A 
_pdbx_modification_feature.auth_seq_id                        188 
_pdbx_modification_feature.PDB_ins_code                       ? 
_pdbx_modification_feature.symmetry                           1_555 
_pdbx_modification_feature.modified_residue_auth_comp_id      CYS 
_pdbx_modification_feature.modified_residue_auth_asym_id      A 
_pdbx_modification_feature.modified_residue_auth_seq_id       212 
_pdbx_modification_feature.modified_residue_PDB_ins_code      ? 
_pdbx_modification_feature.modified_residue_symmetry          1_555 
_pdbx_modification_feature.comp_id_linking_atom               SG 
_pdbx_modification_feature.modified_residue_id_linking_atom   SG 
_pdbx_modification_feature.modified_residue_id                . 
_pdbx_modification_feature.ref_pcm_id                         . 
_pdbx_modification_feature.ref_comp_id                        . 
_pdbx_modification_feature.type                               None 
_pdbx_modification_feature.category                           'Disulfide bridge' 
# 
_struct_sheet.id               AA1 
_struct_sheet.type             ? 
_struct_sheet.number_strands   2 
_struct_sheet.details          ? 
# 
_struct_sheet_order.sheet_id     AA1 
_struct_sheet_order.range_id_1   1 
_struct_sheet_order.range_id_2   2 
_struct_sheet_order.offset       ? 
_struct_sheet_order.sense        anti-parallel 
# 
loop_
_struct_sheet_range.sheet_id 
_struct_sheet_range.id 
_struct_sheet_range.beg_label_comp_id 
_struct_sheet_range.beg_label_asym_id 
_struct_sheet_range.beg_label_seq_id 
_struct_sheet_range.pdbx_beg_PDB_ins_code 
_struct_sheet_range.end_label_comp_id 
_struct_sheet_range.end_label_asym_id 
_struct_sheet_range.end_label_seq_id 
_struct_sheet_range.pdbx_end_PDB_ins_code 
_struct_sheet_range.beg_auth_comp_id 
_struct_sheet_range.beg_auth_asym_id 
_struct_sheet_range.beg_auth_seq_id 
_struct_sheet_range.end_auth_comp_id 
_struct_sheet_range.end_auth_asym_id 
_struct_sheet_range.end_auth_seq_id 
AA1 1 ILE A 2  ? ASN A 4  ? ILE A 2  ASN A 4  
AA1 2 ARG A 10 ? TRP A 12 ? ARG A 10 TRP A 12 
# 
_pdbx_struct_sheet_hbond.sheet_id                AA1 
_pdbx_struct_sheet_hbond.range_id_1              1 
_pdbx_struct_sheet_hbond.range_id_2              2 
_pdbx_struct_sheet_hbond.range_1_label_atom_id   N 
_pdbx_struct_sheet_hbond.range_1_label_comp_id   VAL 
_pdbx_struct_sheet_hbond.range_1_label_asym_id   A 
_pdbx_struct_sheet_hbond.range_1_label_seq_id    3 
_pdbx_struct_sheet_hbond.range_1_PDB_ins_code    ? 
_pdbx_struct_sheet_hbond.range_1_auth_atom_id    N 
_pdbx_struct_sheet_hbond.range_1_auth_comp_id    VAL 
_pdbx_struct_sheet_hbond.range_1_auth_asym_id    A 
_pdbx_struct_sheet_hbond.range_1_auth_seq_id     3 
_pdbx_struct_sheet_hbond.range_2_label_atom_id   O 
_pdbx_struct_sheet_hbond.range_2_label_comp_id   SER 
_pdbx_struct_sheet_hbond.range_2_label_asym_id   A 
_pdbx_struct_sheet_hbond.range_2_label_seq_id    11 
_pdbx_struct_sheet_hbond.range_2_PDB_ins_code    ? 
_pdbx_struct_sheet_hbond.range_2_auth_atom_id    O 
_pdbx_struct_sheet_hbond.range_2_auth_comp_id    SER 
_pdbx_struct_sheet_hbond.range_2_auth_asym_id    A 
_pdbx_struct_sheet_hbond.range_2_auth_seq_id     11 
# 
_pdbx_entry_details.entry_id                   9MKS 
_pdbx_entry_details.nonpolymer_details         ? 
_pdbx_entry_details.sequence_details           ? 
_pdbx_entry_details.compound_details           ? 
_pdbx_entry_details.source_details             ? 
_pdbx_entry_details.has_ligand_of_interest     ? 
_pdbx_entry_details.has_protein_modification   Y 
# 
_pdbx_point_symmetry.entry_id             9MKS 
_pdbx_point_symmetry.Schoenflies_symbol   C 
_pdbx_point_symmetry.circular_symmetry    6 
# 
_em_3d_fitting.id                1 
_em_3d_fitting.entry_id          9MKS 
_em_3d_fitting.method            ? 
_em_3d_fitting.target_criteria   ? 
_em_3d_fitting.details           ? 
_em_3d_fitting.overall_b_value   ? 
_em_3d_fitting.ref_space         ? 
_em_3d_fitting.ref_protocol      ? 
# 
_em_3d_fitting_list.id                            1 
_em_3d_fitting_list.3d_fitting_id                 1 
_em_3d_fitting_list.pdb_entry_id                  . 
_em_3d_fitting_list.pdb_chain_id                  . 
_em_3d_fitting_list.pdb_chain_residue_range       . 
_em_3d_fitting_list.details                       ModelAngelo 
_em_3d_fitting_list.chain_id                      ? 
_em_3d_fitting_list.chain_residue_range           ? 
_em_3d_fitting_list.source_name                   Other 
_em_3d_fitting_list.type                          'in silico model' 
_em_3d_fitting_list.accession_code                ? 
_em_3d_fitting_list.initial_refinement_model_id   ? 
# 
_em_3d_reconstruction.entry_id                    9MKS 
_em_3d_reconstruction.id                          1 
_em_3d_reconstruction.method                      ? 
_em_3d_reconstruction.algorithm                   ? 
_em_3d_reconstruction.citation_id                 ? 
_em_3d_reconstruction.details                     ? 
_em_3d_reconstruction.resolution                  3.13 
_em_3d_reconstruction.resolution_method           'FSC 0.143 CUT-OFF' 
_em_3d_reconstruction.magnification_calibration   ? 
_em_3d_reconstruction.nominal_pixel_size          ? 
_em_3d_reconstruction.actual_pixel_size           ? 
_em_3d_reconstruction.num_particles               536199 
_em_3d_reconstruction.euler_angles_details        ? 
_em_3d_reconstruction.num_class_averages          ? 
_em_3d_reconstruction.refinement_type             ? 
_em_3d_reconstruction.image_processing_id         1 
_em_3d_reconstruction.symmetry_type               POINT 
# 
_em_buffer.id            1 
_em_buffer.specimen_id   1 
_em_buffer.name          ? 
_em_buffer.details       ? 
_em_buffer.pH            8 
# 
_em_entity_assembly.id                   1 
_em_entity_assembly.parent_id            0 
_em_entity_assembly.source               RECOMBINANT 
_em_entity_assembly.type                 VIRUS 
_em_entity_assembly.name                 'Visna-maedi virus' 
_em_entity_assembly.details              ? 
_em_entity_assembly.synonym              ? 
_em_entity_assembly.oligomeric_details   ? 
_em_entity_assembly.entity_id_list       1 
# 
_em_imaging.entry_id                        9MKS 
_em_imaging.id                              1 
_em_imaging.astigmatism                     ? 
_em_imaging.electron_beam_tilt_params       ? 
_em_imaging.residual_tilt                   ? 
_em_imaging.microscope_model                'TFS KRIOS' 
_em_imaging.specimen_holder_type            ? 
_em_imaging.specimen_holder_model           ? 
_em_imaging.details                         ? 
_em_imaging.date                            ? 
_em_imaging.accelerating_voltage            300 
_em_imaging.illumination_mode               'FLOOD BEAM' 
_em_imaging.mode                            'BRIGHT FIELD' 
_em_imaging.nominal_cs                      2.7 
_em_imaging.nominal_defocus_min             500 
_em_imaging.nominal_defocus_max             2800 
_em_imaging.calibrated_defocus_min          ? 
_em_imaging.calibrated_defocus_max          ? 
_em_imaging.tilt_angle_min                  ? 
_em_imaging.tilt_angle_max                  ? 
_em_imaging.nominal_magnification           ? 
_em_imaging.calibrated_magnification        ? 
_em_imaging.electron_source                 'FIELD EMISSION GUN' 
_em_imaging.citation_id                     ? 
_em_imaging.temperature                     ? 
_em_imaging.detector_distance               ? 
_em_imaging.recording_temperature_minimum   ? 
_em_imaging.recording_temperature_maximum   ? 
_em_imaging.alignment_procedure             ? 
_em_imaging.c2_aperture_diameter            ? 
_em_imaging.specimen_id                     1 
_em_imaging.cryogen                         NITROGEN 
# 
_em_virus_entity.id                    1 
_em_virus_entity.virus_host_category   ? 
_em_virus_entity.virus_type            'VIRUS-LIKE PARTICLE' 
_em_virus_entity.virus_isolate         STRAIN 
_em_virus_entity.entity_assembly_id    1 
_em_virus_entity.enveloped             NO 
_em_virus_entity.empty                 YES 
_em_virus_entity.details               ? 
# 
_em_vitrification.entry_id              9MKS 
_em_vitrification.id                    1 
_em_vitrification.specimen_id           1 
_em_vitrification.cryogen_name          ETHANE 
_em_vitrification.humidity              ? 
_em_vitrification.temp                  ? 
_em_vitrification.chamber_temperature   ? 
_em_vitrification.instrument            ? 
_em_vitrification.method                ? 
_em_vitrification.time_resolved_state   ? 
_em_vitrification.citation_id           ? 
_em_vitrification.details               ? 
# 
_em_experiment.entry_id                9MKS 
_em_experiment.id                      1 
_em_experiment.reconstruction_method   'SINGLE PARTICLE' 
_em_experiment.aggregation_state       PARTICLE 
_em_experiment.entity_assembly_id      1 
# 
loop_
_pdbx_unobs_or_zero_occ_residues.id 
_pdbx_unobs_or_zero_occ_residues.PDB_model_num 
_pdbx_unobs_or_zero_occ_residues.polymer_flag 
_pdbx_unobs_or_zero_occ_residues.occupancy_flag 
_pdbx_unobs_or_zero_occ_residues.auth_asym_id 
_pdbx_unobs_or_zero_occ_residues.auth_comp_id 
_pdbx_unobs_or_zero_occ_residues.auth_seq_id 
_pdbx_unobs_or_zero_occ_residues.PDB_ins_code 
_pdbx_unobs_or_zero_occ_residues.label_asym_id 
_pdbx_unobs_or_zero_occ_residues.label_comp_id 
_pdbx_unobs_or_zero_occ_residues.label_seq_id 
1  1 Y 1 A ASP 214 ? A ASP 214 
2  1 Y 1 A VAL 215 ? A VAL 215 
3  1 Y 1 A GLY 216 ? A GLY 216 
4  1 Y 1 A SER 217 ? A SER 217 
5  1 Y 1 A GLU 218 ? A GLU 218 
6  1 Y 1 A GLY 219 ? A GLY 219 
7  1 Y 1 A PHE 220 ? A PHE 220 
8  1 Y 1 A GLY 221 ? A GLY 221 
9  1 Y 1 A SER 222 ? A SER 222 
10 1 Y 1 A SER 223 ? A SER 223 
11 1 Y 1 A HIS 224 ? A HIS 224 
12 1 Y 1 A HIS 225 ? A HIS 225 
13 1 Y 1 A HIS 226 ? A HIS 226 
14 1 Y 1 A HIS 227 ? A HIS 227 
15 1 Y 1 A HIS 228 ? A HIS 228 
16 1 Y 1 A HIS 229 ? A HIS 229 
# 
loop_
_chem_comp_atom.comp_id 
_chem_comp_atom.atom_id 
_chem_comp_atom.type_symbol 
_chem_comp_atom.pdbx_aromatic_flag 
_chem_comp_atom.pdbx_stereo_config 
_chem_comp_atom.pdbx_ordinal 
ALA N    N N N 1   
ALA CA   C N S 2   
ALA C    C N N 3   
ALA O    O N N 4   
ALA CB   C N N 5   
ALA OXT  O N N 6   
ALA H    H N N 7   
ALA H2   H N N 8   
ALA HA   H N N 9   
ALA HB1  H N N 10  
ALA HB2  H N N 11  
ALA HB3  H N N 12  
ALA HXT  H N N 13  
ARG N    N N N 14  
ARG CA   C N S 15  
ARG C    C N N 16  
ARG O    O N N 17  
ARG CB   C N N 18  
ARG CG   C N N 19  
ARG CD   C N N 20  
ARG NE   N N N 21  
ARG CZ   C N N 22  
ARG NH1  N N N 23  
ARG NH2  N N N 24  
ARG OXT  O N N 25  
ARG H    H N N 26  
ARG H2   H N N 27  
ARG HA   H N N 28  
ARG HB2  H N N 29  
ARG HB3  H N N 30  
ARG HG2  H N N 31  
ARG HG3  H N N 32  
ARG HD2  H N N 33  
ARG HD3  H N N 34  
ARG HE   H N N 35  
ARG HH11 H N N 36  
ARG HH12 H N N 37  
ARG HH21 H N N 38  
ARG HH22 H N N 39  
ARG HXT  H N N 40  
ASN N    N N N 41  
ASN CA   C N S 42  
ASN C    C N N 43  
ASN O    O N N 44  
ASN CB   C N N 45  
ASN CG   C N N 46  
ASN OD1  O N N 47  
ASN ND2  N N N 48  
ASN OXT  O N N 49  
ASN H    H N N 50  
ASN H2   H N N 51  
ASN HA   H N N 52  
ASN HB2  H N N 53  
ASN HB3  H N N 54  
ASN HD21 H N N 55  
ASN HD22 H N N 56  
ASN HXT  H N N 57  
ASP N    N N N 58  
ASP CA   C N S 59  
ASP C    C N N 60  
ASP O    O N N 61  
ASP CB   C N N 62  
ASP CG   C N N 63  
ASP OD1  O N N 64  
ASP OD2  O N N 65  
ASP OXT  O N N 66  
ASP H    H N N 67  
ASP H2   H N N 68  
ASP HA   H N N 69  
ASP HB2  H N N 70  
ASP HB3  H N N 71  
ASP HD2  H N N 72  
ASP HXT  H N N 73  
CYS N    N N N 74  
CYS CA   C N R 75  
CYS C    C N N 76  
CYS O    O N N 77  
CYS CB   C N N 78  
CYS SG   S N N 79  
CYS OXT  O N N 80  
CYS H    H N N 81  
CYS H2   H N N 82  
CYS HA   H N N 83  
CYS HB2  H N N 84  
CYS HB3  H N N 85  
CYS HG   H N N 86  
CYS HXT  H N N 87  
GLN N    N N N 88  
GLN CA   C N S 89  
GLN C    C N N 90  
GLN O    O N N 91  
GLN CB   C N N 92  
GLN CG   C N N 93  
GLN CD   C N N 94  
GLN OE1  O N N 95  
GLN NE2  N N N 96  
GLN OXT  O N N 97  
GLN H    H N N 98  
GLN H2   H N N 99  
GLN HA   H N N 100 
GLN HB2  H N N 101 
GLN HB3  H N N 102 
GLN HG2  H N N 103 
GLN HG3  H N N 104 
GLN HE21 H N N 105 
GLN HE22 H N N 106 
GLN HXT  H N N 107 
GLU N    N N N 108 
GLU CA   C N S 109 
GLU C    C N N 110 
GLU O    O N N 111 
GLU CB   C N N 112 
GLU CG   C N N 113 
GLU CD   C N N 114 
GLU OE1  O N N 115 
GLU OE2  O N N 116 
GLU OXT  O N N 117 
GLU H    H N N 118 
GLU H2   H N N 119 
GLU HA   H N N 120 
GLU HB2  H N N 121 
GLU HB3  H N N 122 
GLU HG2  H N N 123 
GLU HG3  H N N 124 
GLU HE2  H N N 125 
GLU HXT  H N N 126 
GLY N    N N N 127 
GLY CA   C N N 128 
GLY C    C N N 129 
GLY O    O N N 130 
GLY OXT  O N N 131 
GLY H    H N N 132 
GLY H2   H N N 133 
GLY HA2  H N N 134 
GLY HA3  H N N 135 
GLY HXT  H N N 136 
HIS N    N N N 137 
HIS CA   C N S 138 
HIS C    C N N 139 
HIS O    O N N 140 
HIS CB   C N N 141 
HIS CG   C Y N 142 
HIS ND1  N Y N 143 
HIS CD2  C Y N 144 
HIS CE1  C Y N 145 
HIS NE2  N Y N 146 
HIS OXT  O N N 147 
HIS H    H N N 148 
HIS H2   H N N 149 
HIS HA   H N N 150 
HIS HB2  H N N 151 
HIS HB3  H N N 152 
HIS HD1  H N N 153 
HIS HD2  H N N 154 
HIS HE1  H N N 155 
HIS HE2  H N N 156 
HIS HXT  H N N 157 
ILE N    N N N 158 
ILE CA   C N S 159 
ILE C    C N N 160 
ILE O    O N N 161 
ILE CB   C N S 162 
ILE CG1  C N N 163 
ILE CG2  C N N 164 
ILE CD1  C N N 165 
ILE OXT  O N N 166 
ILE H    H N N 167 
ILE H2   H N N 168 
ILE HA   H N N 169 
ILE HB   H N N 170 
ILE HG12 H N N 171 
ILE HG13 H N N 172 
ILE HG21 H N N 173 
ILE HG22 H N N 174 
ILE HG23 H N N 175 
ILE HD11 H N N 176 
ILE HD12 H N N 177 
ILE HD13 H N N 178 
ILE HXT  H N N 179 
LEU N    N N N 180 
LEU CA   C N S 181 
LEU C    C N N 182 
LEU O    O N N 183 
LEU CB   C N N 184 
LEU CG   C N N 185 
LEU CD1  C N N 186 
LEU CD2  C N N 187 
LEU OXT  O N N 188 
LEU H    H N N 189 
LEU H2   H N N 190 
LEU HA   H N N 191 
LEU HB2  H N N 192 
LEU HB3  H N N 193 
LEU HG   H N N 194 
LEU HD11 H N N 195 
LEU HD12 H N N 196 
LEU HD13 H N N 197 
LEU HD21 H N N 198 
LEU HD22 H N N 199 
LEU HD23 H N N 200 
LEU HXT  H N N 201 
LYS N    N N N 202 
LYS CA   C N S 203 
LYS C    C N N 204 
LYS O    O N N 205 
LYS CB   C N N 206 
LYS CG   C N N 207 
LYS CD   C N N 208 
LYS CE   C N N 209 
LYS NZ   N N N 210 
LYS OXT  O N N 211 
LYS H    H N N 212 
LYS H2   H N N 213 
LYS HA   H N N 214 
LYS HB2  H N N 215 
LYS HB3  H N N 216 
LYS HG2  H N N 217 
LYS HG3  H N N 218 
LYS HD2  H N N 219 
LYS HD3  H N N 220 
LYS HE2  H N N 221 
LYS HE3  H N N 222 
LYS HZ1  H N N 223 
LYS HZ2  H N N 224 
LYS HZ3  H N N 225 
LYS HXT  H N N 226 
MET N    N N N 227 
MET CA   C N S 228 
MET C    C N N 229 
MET O    O N N 230 
MET CB   C N N 231 
MET CG   C N N 232 
MET SD   S N N 233 
MET CE   C N N 234 
MET OXT  O N N 235 
MET H    H N N 236 
MET H2   H N N 237 
MET HA   H N N 238 
MET HB2  H N N 239 
MET HB3  H N N 240 
MET HG2  H N N 241 
MET HG3  H N N 242 
MET HE1  H N N 243 
MET HE2  H N N 244 
MET HE3  H N N 245 
MET HXT  H N N 246 
PHE N    N N N 247 
PHE CA   C N S 248 
PHE C    C N N 249 
PHE O    O N N 250 
PHE CB   C N N 251 
PHE CG   C Y N 252 
PHE CD1  C Y N 253 
PHE CD2  C Y N 254 
PHE CE1  C Y N 255 
PHE CE2  C Y N 256 
PHE CZ   C Y N 257 
PHE OXT  O N N 258 
PHE H    H N N 259 
PHE H2   H N N 260 
PHE HA   H N N 261 
PHE HB2  H N N 262 
PHE HB3  H N N 263 
PHE HD1  H N N 264 
PHE HD2  H N N 265 
PHE HE1  H N N 266 
PHE HE2  H N N 267 
PHE HZ   H N N 268 
PHE HXT  H N N 269 
PRO N    N N N 270 
PRO CA   C N S 271 
PRO C    C N N 272 
PRO O    O N N 273 
PRO CB   C N N 274 
PRO CG   C N N 275 
PRO CD   C N N 276 
PRO OXT  O N N 277 
PRO H    H N N 278 
PRO HA   H N N 279 
PRO HB2  H N N 280 
PRO HB3  H N N 281 
PRO HG2  H N N 282 
PRO HG3  H N N 283 
PRO HD2  H N N 284 
PRO HD3  H N N 285 
PRO HXT  H N N 286 
SER N    N N N 287 
SER CA   C N S 288 
SER C    C N N 289 
SER O    O N N 290 
SER CB   C N N 291 
SER OG   O N N 292 
SER OXT  O N N 293 
SER H    H N N 294 
SER H2   H N N 295 
SER HA   H N N 296 
SER HB2  H N N 297 
SER HB3  H N N 298 
SER HG   H N N 299 
SER HXT  H N N 300 
THR N    N N N 301 
THR CA   C N S 302 
THR C    C N N 303 
THR O    O N N 304 
THR CB   C N R 305 
THR OG1  O N N 306 
THR CG2  C N N 307 
THR OXT  O N N 308 
THR H    H N N 309 
THR H2   H N N 310 
THR HA   H N N 311 
THR HB   H N N 312 
THR HG1  H N N 313 
THR HG21 H N N 314 
THR HG22 H N N 315 
THR HG23 H N N 316 
THR HXT  H N N 317 
TRP N    N N N 318 
TRP CA   C N S 319 
TRP C    C N N 320 
TRP O    O N N 321 
TRP CB   C N N 322 
TRP CG   C Y N 323 
TRP CD1  C Y N 324 
TRP CD2  C Y N 325 
TRP NE1  N Y N 326 
TRP CE2  C Y N 327 
TRP CE3  C Y N 328 
TRP CZ2  C Y N 329 
TRP CZ3  C Y N 330 
TRP CH2  C Y N 331 
TRP OXT  O N N 332 
TRP H    H N N 333 
TRP H2   H N N 334 
TRP HA   H N N 335 
TRP HB2  H N N 336 
TRP HB3  H N N 337 
TRP HD1  H N N 338 
TRP HE1  H N N 339 
TRP HE3  H N N 340 
TRP HZ2  H N N 341 
TRP HZ3  H N N 342 
TRP HH2  H N N 343 
TRP HXT  H N N 344 
TYR N    N N N 345 
TYR CA   C N S 346 
TYR C    C N N 347 
TYR O    O N N 348 
TYR CB   C N N 349 
TYR CG   C Y N 350 
TYR CD1  C Y N 351 
TYR CD2  C Y N 352 
TYR CE1  C Y N 353 
TYR CE2  C Y N 354 
TYR CZ   C Y N 355 
TYR OH   O N N 356 
TYR OXT  O N N 357 
TYR H    H N N 358 
TYR H2   H N N 359 
TYR HA   H N N 360 
TYR HB2  H N N 361 
TYR HB3  H N N 362 
TYR HD1  H N N 363 
TYR HD2  H N N 364 
TYR HE1  H N N 365 
TYR HE2  H N N 366 
TYR HH   H N N 367 
TYR HXT  H N N 368 
VAL N    N N N 369 
VAL CA   C N S 370 
VAL C    C N N 371 
VAL O    O N N 372 
VAL CB   C N N 373 
VAL CG1  C N N 374 
VAL CG2  C N N 375 
VAL OXT  O N N 376 
VAL H    H N N 377 
VAL H2   H N N 378 
VAL HA   H N N 379 
VAL HB   H N N 380 
VAL HG11 H N N 381 
VAL HG12 H N N 382 
VAL HG13 H N N 383 
VAL HG21 H N N 384 
VAL HG22 H N N 385 
VAL HG23 H N N 386 
VAL HXT  H N N 387 
# 
loop_
_chem_comp_bond.comp_id 
_chem_comp_bond.atom_id_1 
_chem_comp_bond.atom_id_2 
_chem_comp_bond.value_order 
_chem_comp_bond.pdbx_aromatic_flag 
_chem_comp_bond.pdbx_stereo_config 
_chem_comp_bond.pdbx_ordinal 
ALA N   CA   sing N N 1   
ALA N   H    sing N N 2   
ALA N   H2   sing N N 3   
ALA CA  C    sing N N 4   
ALA CA  CB   sing N N 5   
ALA CA  HA   sing N N 6   
ALA C   O    doub N N 7   
ALA C   OXT  sing N N 8   
ALA CB  HB1  sing N N 9   
ALA CB  HB2  sing N N 10  
ALA CB  HB3  sing N N 11  
ALA OXT HXT  sing N N 12  
ARG N   CA   sing N N 13  
ARG N   H    sing N N 14  
ARG N   H2   sing N N 15  
ARG CA  C    sing N N 16  
ARG CA  CB   sing N N 17  
ARG CA  HA   sing N N 18  
ARG C   O    doub N N 19  
ARG C   OXT  sing N N 20  
ARG CB  CG   sing N N 21  
ARG CB  HB2  sing N N 22  
ARG CB  HB3  sing N N 23  
ARG CG  CD   sing N N 24  
ARG CG  HG2  sing N N 25  
ARG CG  HG3  sing N N 26  
ARG CD  NE   sing N N 27  
ARG CD  HD2  sing N N 28  
ARG CD  HD3  sing N N 29  
ARG NE  CZ   sing N N 30  
ARG NE  HE   sing N N 31  
ARG CZ  NH1  sing N N 32  
ARG CZ  NH2  doub N N 33  
ARG NH1 HH11 sing N N 34  
ARG NH1 HH12 sing N N 35  
ARG NH2 HH21 sing N N 36  
ARG NH2 HH22 sing N N 37  
ARG OXT HXT  sing N N 38  
ASN N   CA   sing N N 39  
ASN N   H    sing N N 40  
ASN N   H2   sing N N 41  
ASN CA  C    sing N N 42  
ASN CA  CB   sing N N 43  
ASN CA  HA   sing N N 44  
ASN C   O    doub N N 45  
ASN C   OXT  sing N N 46  
ASN CB  CG   sing N N 47  
ASN CB  HB2  sing N N 48  
ASN CB  HB3  sing N N 49  
ASN CG  OD1  doub N N 50  
ASN CG  ND2  sing N N 51  
ASN ND2 HD21 sing N N 52  
ASN ND2 HD22 sing N N 53  
ASN OXT HXT  sing N N 54  
ASP N   CA   sing N N 55  
ASP N   H    sing N N 56  
ASP N   H2   sing N N 57  
ASP CA  C    sing N N 58  
ASP CA  CB   sing N N 59  
ASP CA  HA   sing N N 60  
ASP C   O    doub N N 61  
ASP C   OXT  sing N N 62  
ASP CB  CG   sing N N 63  
ASP CB  HB2  sing N N 64  
ASP CB  HB3  sing N N 65  
ASP CG  OD1  doub N N 66  
ASP CG  OD2  sing N N 67  
ASP OD2 HD2  sing N N 68  
ASP OXT HXT  sing N N 69  
CYS N   CA   sing N N 70  
CYS N   H    sing N N 71  
CYS N   H2   sing N N 72  
CYS CA  C    sing N N 73  
CYS CA  CB   sing N N 74  
CYS CA  HA   sing N N 75  
CYS C   O    doub N N 76  
CYS C   OXT  sing N N 77  
CYS CB  SG   sing N N 78  
CYS CB  HB2  sing N N 79  
CYS CB  HB3  sing N N 80  
CYS SG  HG   sing N N 81  
CYS OXT HXT  sing N N 82  
GLN N   CA   sing N N 83  
GLN N   H    sing N N 84  
GLN N   H2   sing N N 85  
GLN CA  C    sing N N 86  
GLN CA  CB   sing N N 87  
GLN CA  HA   sing N N 88  
GLN C   O    doub N N 89  
GLN C   OXT  sing N N 90  
GLN CB  CG   sing N N 91  
GLN CB  HB2  sing N N 92  
GLN CB  HB3  sing N N 93  
GLN CG  CD   sing N N 94  
GLN CG  HG2  sing N N 95  
GLN CG  HG3  sing N N 96  
GLN CD  OE1  doub N N 97  
GLN CD  NE2  sing N N 98  
GLN NE2 HE21 sing N N 99  
GLN NE2 HE22 sing N N 100 
GLN OXT HXT  sing N N 101 
GLU N   CA   sing N N 102 
GLU N   H    sing N N 103 
GLU N   H2   sing N N 104 
GLU CA  C    sing N N 105 
GLU CA  CB   sing N N 106 
GLU CA  HA   sing N N 107 
GLU C   O    doub N N 108 
GLU C   OXT  sing N N 109 
GLU CB  CG   sing N N 110 
GLU CB  HB2  sing N N 111 
GLU CB  HB3  sing N N 112 
GLU CG  CD   sing N N 113 
GLU CG  HG2  sing N N 114 
GLU CG  HG3  sing N N 115 
GLU CD  OE1  doub N N 116 
GLU CD  OE2  sing N N 117 
GLU OE2 HE2  sing N N 118 
GLU OXT HXT  sing N N 119 
GLY N   CA   sing N N 120 
GLY N   H    sing N N 121 
GLY N   H2   sing N N 122 
GLY CA  C    sing N N 123 
GLY CA  HA2  sing N N 124 
GLY CA  HA3  sing N N 125 
GLY C   O    doub N N 126 
GLY C   OXT  sing N N 127 
GLY OXT HXT  sing N N 128 
HIS N   CA   sing N N 129 
HIS N   H    sing N N 130 
HIS N   H2   sing N N 131 
HIS CA  C    sing N N 132 
HIS CA  CB   sing N N 133 
HIS CA  HA   sing N N 134 
HIS C   O    doub N N 135 
HIS C   OXT  sing N N 136 
HIS CB  CG   sing N N 137 
HIS CB  HB2  sing N N 138 
HIS CB  HB3  sing N N 139 
HIS CG  ND1  sing Y N 140 
HIS CG  CD2  doub Y N 141 
HIS ND1 CE1  doub Y N 142 
HIS ND1 HD1  sing N N 143 
HIS CD2 NE2  sing Y N 144 
HIS CD2 HD2  sing N N 145 
HIS CE1 NE2  sing Y N 146 
HIS CE1 HE1  sing N N 147 
HIS NE2 HE2  sing N N 148 
HIS OXT HXT  sing N N 149 
ILE N   CA   sing N N 150 
ILE N   H    sing N N 151 
ILE N   H2   sing N N 152 
ILE CA  C    sing N N 153 
ILE CA  CB   sing N N 154 
ILE CA  HA   sing N N 155 
ILE C   O    doub N N 156 
ILE C   OXT  sing N N 157 
ILE CB  CG1  sing N N 158 
ILE CB  CG2  sing N N 159 
ILE CB  HB   sing N N 160 
ILE CG1 CD1  sing N N 161 
ILE CG1 HG12 sing N N 162 
ILE CG1 HG13 sing N N 163 
ILE CG2 HG21 sing N N 164 
ILE CG2 HG22 sing N N 165 
ILE CG2 HG23 sing N N 166 
ILE CD1 HD11 sing N N 167 
ILE CD1 HD12 sing N N 168 
ILE CD1 HD13 sing N N 169 
ILE OXT HXT  sing N N 170 
LEU N   CA   sing N N 171 
LEU N   H    sing N N 172 
LEU N   H2   sing N N 173 
LEU CA  C    sing N N 174 
LEU CA  CB   sing N N 175 
LEU CA  HA   sing N N 176 
LEU C   O    doub N N 177 
LEU C   OXT  sing N N 178 
LEU CB  CG   sing N N 179 
LEU CB  HB2  sing N N 180 
LEU CB  HB3  sing N N 181 
LEU CG  CD1  sing N N 182 
LEU CG  CD2  sing N N 183 
LEU CG  HG   sing N N 184 
LEU CD1 HD11 sing N N 185 
LEU CD1 HD12 sing N N 186 
LEU CD1 HD13 sing N N 187 
LEU CD2 HD21 sing N N 188 
LEU CD2 HD22 sing N N 189 
LEU CD2 HD23 sing N N 190 
LEU OXT HXT  sing N N 191 
LYS N   CA   sing N N 192 
LYS N   H    sing N N 193 
LYS N   H2   sing N N 194 
LYS CA  C    sing N N 195 
LYS CA  CB   sing N N 196 
LYS CA  HA   sing N N 197 
LYS C   O    doub N N 198 
LYS C   OXT  sing N N 199 
LYS CB  CG   sing N N 200 
LYS CB  HB2  sing N N 201 
LYS CB  HB3  sing N N 202 
LYS CG  CD   sing N N 203 
LYS CG  HG2  sing N N 204 
LYS CG  HG3  sing N N 205 
LYS CD  CE   sing N N 206 
LYS CD  HD2  sing N N 207 
LYS CD  HD3  sing N N 208 
LYS CE  NZ   sing N N 209 
LYS CE  HE2  sing N N 210 
LYS CE  HE3  sing N N 211 
LYS NZ  HZ1  sing N N 212 
LYS NZ  HZ2  sing N N 213 
LYS NZ  HZ3  sing N N 214 
LYS OXT HXT  sing N N 215 
MET N   CA   sing N N 216 
MET N   H    sing N N 217 
MET N   H2   sing N N 218 
MET CA  C    sing N N 219 
MET CA  CB   sing N N 220 
MET CA  HA   sing N N 221 
MET C   O    doub N N 222 
MET C   OXT  sing N N 223 
MET CB  CG   sing N N 224 
MET CB  HB2  sing N N 225 
MET CB  HB3  sing N N 226 
MET CG  SD   sing N N 227 
MET CG  HG2  sing N N 228 
MET CG  HG3  sing N N 229 
MET SD  CE   sing N N 230 
MET CE  HE1  sing N N 231 
MET CE  HE2  sing N N 232 
MET CE  HE3  sing N N 233 
MET OXT HXT  sing N N 234 
PHE N   CA   sing N N 235 
PHE N   H    sing N N 236 
PHE N   H2   sing N N 237 
PHE CA  C    sing N N 238 
PHE CA  CB   sing N N 239 
PHE CA  HA   sing N N 240 
PHE C   O    doub N N 241 
PHE C   OXT  sing N N 242 
PHE CB  CG   sing N N 243 
PHE CB  HB2  sing N N 244 
PHE CB  HB3  sing N N 245 
PHE CG  CD1  doub Y N 246 
PHE CG  CD2  sing Y N 247 
PHE CD1 CE1  sing Y N 248 
PHE CD1 HD1  sing N N 249 
PHE CD2 CE2  doub Y N 250 
PHE CD2 HD2  sing N N 251 
PHE CE1 CZ   doub Y N 252 
PHE CE1 HE1  sing N N 253 
PHE CE2 CZ   sing Y N 254 
PHE CE2 HE2  sing N N 255 
PHE CZ  HZ   sing N N 256 
PHE OXT HXT  sing N N 257 
PRO N   CA   sing N N 258 
PRO N   CD   sing N N 259 
PRO N   H    sing N N 260 
PRO CA  C    sing N N 261 
PRO CA  CB   sing N N 262 
PRO CA  HA   sing N N 263 
PRO C   O    doub N N 264 
PRO C   OXT  sing N N 265 
PRO CB  CG   sing N N 266 
PRO CB  HB2  sing N N 267 
PRO CB  HB3  sing N N 268 
PRO CG  CD   sing N N 269 
PRO CG  HG2  sing N N 270 
PRO CG  HG3  sing N N 271 
PRO CD  HD2  sing N N 272 
PRO CD  HD3  sing N N 273 
PRO OXT HXT  sing N N 274 
SER N   CA   sing N N 275 
SER N   H    sing N N 276 
SER N   H2   sing N N 277 
SER CA  C    sing N N 278 
SER CA  CB   sing N N 279 
SER CA  HA   sing N N 280 
SER C   O    doub N N 281 
SER C   OXT  sing N N 282 
SER CB  OG   sing N N 283 
SER CB  HB2  sing N N 284 
SER CB  HB3  sing N N 285 
SER OG  HG   sing N N 286 
SER OXT HXT  sing N N 287 
THR N   CA   sing N N 288 
THR N   H    sing N N 289 
THR N   H2   sing N N 290 
THR CA  C    sing N N 291 
THR CA  CB   sing N N 292 
THR CA  HA   sing N N 293 
THR C   O    doub N N 294 
THR C   OXT  sing N N 295 
THR CB  OG1  sing N N 296 
THR CB  CG2  sing N N 297 
THR CB  HB   sing N N 298 
THR OG1 HG1  sing N N 299 
THR CG2 HG21 sing N N 300 
THR CG2 HG22 sing N N 301 
THR CG2 HG23 sing N N 302 
THR OXT HXT  sing N N 303 
TRP N   CA   sing N N 304 
TRP N   H    sing N N 305 
TRP N   H2   sing N N 306 
TRP CA  C    sing N N 307 
TRP CA  CB   sing N N 308 
TRP CA  HA   sing N N 309 
TRP C   O    doub N N 310 
TRP C   OXT  sing N N 311 
TRP CB  CG   sing N N 312 
TRP CB  HB2  sing N N 313 
TRP CB  HB3  sing N N 314 
TRP CG  CD1  doub Y N 315 
TRP CG  CD2  sing Y N 316 
TRP CD1 NE1  sing Y N 317 
TRP CD1 HD1  sing N N 318 
TRP CD2 CE2  doub Y N 319 
TRP CD2 CE3  sing Y N 320 
TRP NE1 CE2  sing Y N 321 
TRP NE1 HE1  sing N N 322 
TRP CE2 CZ2  sing Y N 323 
TRP CE3 CZ3  doub Y N 324 
TRP CE3 HE3  sing N N 325 
TRP CZ2 CH2  doub Y N 326 
TRP CZ2 HZ2  sing N N 327 
TRP CZ3 CH2  sing Y N 328 
TRP CZ3 HZ3  sing N N 329 
TRP CH2 HH2  sing N N 330 
TRP OXT HXT  sing N N 331 
TYR N   CA   sing N N 332 
TYR N   H    sing N N 333 
TYR N   H2   sing N N 334 
TYR CA  C    sing N N 335 
TYR CA  CB   sing N N 336 
TYR CA  HA   sing N N 337 
TYR C   O    doub N N 338 
TYR C   OXT  sing N N 339 
TYR CB  CG   sing N N 340 
TYR CB  HB2  sing N N 341 
TYR CB  HB3  sing N N 342 
TYR CG  CD1  doub Y N 343 
TYR CG  CD2  sing Y N 344 
TYR CD1 CE1  sing Y N 345 
TYR CD1 HD1  sing N N 346 
TYR CD2 CE2  doub Y N 347 
TYR CD2 HD2  sing N N 348 
TYR CE1 CZ   doub Y N 349 
TYR CE1 HE1  sing N N 350 
TYR CE2 CZ   sing Y N 351 
TYR CE2 HE2  sing N N 352 
TYR CZ  OH   sing N N 353 
TYR OH  HH   sing N N 354 
TYR OXT HXT  sing N N 355 
VAL N   CA   sing N N 356 
VAL N   H    sing N N 357 
VAL N   H2   sing N N 358 
VAL CA  C    sing N N 359 
VAL CA  CB   sing N N 360 
VAL CA  HA   sing N N 361 
VAL C   O    doub N N 362 
VAL C   OXT  sing N N 363 
VAL CB  CG1  sing N N 364 
VAL CB  CG2  sing N N 365 
VAL CB  HB   sing N N 366 
VAL CG1 HG11 sing N N 367 
VAL CG1 HG12 sing N N 368 
VAL CG1 HG13 sing N N 369 
VAL CG2 HG21 sing N N 370 
VAL CG2 HG22 sing N N 371 
VAL CG2 HG23 sing N N 372 
VAL OXT HXT  sing N N 373 
# 
_em_admin.current_status     REL 
_em_admin.deposition_date    2024-12-18 
_em_admin.deposition_site    RCSB 
_em_admin.entry_id           9MKS 
_em_admin.last_update        2025-10-08 
_em_admin.map_release_date   2025-10-08 
_em_admin.title              'MVV CA Hexamer Assembled via Liposome Templating' 
# 
_em_ctf_correction.details                  ? 
_em_ctf_correction.em_image_processing_id   1 
_em_ctf_correction.id                       1 
_em_ctf_correction.type                     'PHASE FLIPPING AND AMPLITUDE CORRECTION' 
# 
_em_entity_assembly_naturalsource.cell                 ? 
_em_entity_assembly_naturalsource.cellular_location    ? 
_em_entity_assembly_naturalsource.entity_assembly_id   1 
_em_entity_assembly_naturalsource.id                   2 
_em_entity_assembly_naturalsource.ncbi_tax_id          2169971 
_em_entity_assembly_naturalsource.organism             'Visna-maedi virus' 
_em_entity_assembly_naturalsource.organelle            ? 
_em_entity_assembly_naturalsource.organ                ? 
_em_entity_assembly_naturalsource.strain               ? 
_em_entity_assembly_naturalsource.tissue               ? 
_em_entity_assembly_naturalsource.details              ? 
# 
_em_entity_assembly_recombinant.cell                 ? 
_em_entity_assembly_recombinant.entity_assembly_id   1 
_em_entity_assembly_recombinant.id                   2 
_em_entity_assembly_recombinant.ncbi_tax_id          562 
_em_entity_assembly_recombinant.organism             'Escherichia coli' 
_em_entity_assembly_recombinant.plasmid              pET28a 
_em_entity_assembly_recombinant.strain               ? 
# 
_em_image_processing.details              ? 
_em_image_processing.id                   1 
_em_image_processing.image_recording_id   1 
# 
_em_image_recording.average_exposure_time               ? 
_em_image_recording.avg_electron_dose_per_subtomogram   ? 
_em_image_recording.avg_electron_dose_per_image         50 
_em_image_recording.details                             ? 
_em_image_recording.detector_mode                       ? 
_em_image_recording.film_or_detector_model              'GATAN K3 BIOQUANTUM (6k x 4k)' 
_em_image_recording.id                                  1 
_em_image_recording.imaging_id                          1 
_em_image_recording.num_diffraction_images              ? 
_em_image_recording.num_grids_imaged                    ? 
_em_image_recording.num_real_images                     ? 
# 
loop_
_em_software.category 
_em_software.details 
_em_software.id 
_em_software.image_processing_id 
_em_software.fitting_id 
_em_software.imaging_id 
_em_software.name 
_em_software.version 
'PARTICLE SELECTION'            ? 1  1 ? ? ?         ?      
'IMAGE ACQUISITION'             ? 2  ? ? 1 ?         ?      
MASKING                         ? 3  ? ? ? ?         ?      
'CTF CORRECTION'                ? 4  1 ? ? cryoSPARC v4.6.1 
'LAYERLINE INDEXING'            ? 5  ? ? ? ?         ?      
'DIFFRACTION INDEXING'          ? 6  ? ? ? ?         ?      
'MODEL FITTING'                 ? 7  ? 1 ? ?         ?      
OTHER                           ? 8  ? ? ? ?         ?      
'INITIAL EULER ASSIGNMENT'      ? 9  1 ? ? cryoSPARC v4.6.1 
'FINAL EULER ASSIGNMENT'        ? 10 1 ? ? cryoSPARC v4.6.1 
CLASSIFICATION                  ? 11 1 ? ? ?         ?      
RECONSTRUCTION                  ? 12 1 ? ? cryoSPARC v4     
'MODEL REFINEMENT'              ? 13 ? 1 ? Coot      ?      
'VOLUME SELECTION'              ? 14 1 1 1 ?         ?      
'SERIES ALIGNMENT'              ? 15 1 1 1 ?         ?      
'MOLECULAR REPLACEMENT'         ? 16 1 1 1 ?         ?      
'LATTICE DISTORTION CORRECTION' ? 17 1 1 1 ?         ?      
'SYMMETRY DETERMINATION'        ? 18 1 1 1 ?         ?      
'CRYSTALLOGRAPHY MERGING'       ? 19 1 1 1 ?         ?      
# 
_em_specimen.concentration           ? 
_em_specimen.details                 ? 
_em_specimen.embedding_applied       NO 
_em_specimen.experiment_id           1 
_em_specimen.id                      1 
_em_specimen.shadowing_applied       NO 
_em_specimen.staining_applied        NO 
_em_specimen.vitrification_applied   YES 
# 
_em_virus_natural_host.entity_assembly_id   1 
_em_virus_natural_host.id                   1 
_em_virus_natural_host.ncbi_tax_id          9940 
_em_virus_natural_host.organism             'Ovis aries' 
_em_virus_natural_host.strain               ? 
# 
loop_
_pdbx_audit_support.funding_organization 
_pdbx_audit_support.country 
_pdbx_audit_support.grant_number 
_pdbx_audit_support.ordinal 
'National Institutes of Health/National Institute Of Allergy and Infectious Diseases (NIH/NIAID)' 'United States' U54AI170791 1 
'National Institutes of Health/National Institute Of Allergy and Infectious Diseases (NIH/NIAID)' 'United States' R37AI116313 2 
'National Institutes of Health/National Institute Of Allergy and Infectious Diseases (NIH/NIAID)' 'United States' T32GM008283 3 
# 
_pdbx_initial_refinement_model.id               1 
_pdbx_initial_refinement_model.entity_id_list   ? 
_pdbx_initial_refinement_model.type             'in silico model' 
_pdbx_initial_refinement_model.source_name      Other 
_pdbx_initial_refinement_model.accession_code   ? 
_pdbx_initial_refinement_model.details          ? 
# 
_atom_sites.entry_id                    9MKS 
_atom_sites.Cartn_transf_matrix[1][1]   ? 
_atom_sites.Cartn_transf_matrix[1][2]   ? 
_atom_sites.Cartn_transf_matrix[1][3]   ? 
_atom_sites.Cartn_transf_matrix[2][1]   ? 
_atom_sites.Cartn_transf_matrix[2][2]   ? 
_atom_sites.Cartn_transf_matrix[2][3]   ? 
_atom_sites.Cartn_transf_matrix[3][1]   ? 
_atom_sites.Cartn_transf_matrix[3][2]   ? 
_atom_sites.Cartn_transf_matrix[3][3]   ? 
_atom_sites.Cartn_transf_vector[1]      ? 
_atom_sites.Cartn_transf_vector[2]      ? 
_atom_sites.Cartn_transf_vector[3]      ? 
_atom_sites.Cartn_transform_axes        ? 
_atom_sites.fract_transf_matrix[1][1]   1.000000 
_atom_sites.fract_transf_matrix[1][2]   0.000000 
_atom_sites.fract_transf_matrix[1][3]   0.000000 
_atom_sites.fract_transf_matrix[2][1]   0.000000 
_atom_sites.fract_transf_matrix[2][2]   1.000000 
_atom_sites.fract_transf_matrix[2][3]   0.000000 
_atom_sites.fract_transf_matrix[3][1]   0.000000 
_atom_sites.fract_transf_matrix[3][2]   0.000000 
_atom_sites.fract_transf_matrix[3][3]   1.000000 
_atom_sites.fract_transf_vector[1]      0.00000 
_atom_sites.fract_transf_vector[2]      0.00000 
_atom_sites.fract_transf_vector[3]      0.00000 
_atom_sites.solution_primary            ? 
_atom_sites.solution_secondary          ? 
_atom_sites.solution_hydrogens          ? 
_atom_sites.special_details             ? 
# 
loop_
_atom_type.symbol 
C 
N 
O 
S 
# 
loop_
_atom_site.group_PDB 
_atom_site.id 
_atom_site.type_symbol 
_atom_site.label_atom_id 
_atom_site.label_alt_id 
_atom_site.label_comp_id 
_atom_site.label_asym_id 
_atom_site.label_entity_id 
_atom_site.label_seq_id 
_atom_site.pdbx_PDB_ins_code 
_atom_site.Cartn_x 
_atom_site.Cartn_y 
_atom_site.Cartn_z 
_atom_site.occupancy 
_atom_site.B_iso_or_equiv 
_atom_site.pdbx_formal_charge 
_atom_site.auth_seq_id 
_atom_site.auth_comp_id 
_atom_site.auth_asym_id 
_atom_site.auth_atom_id 
_atom_site.pdbx_PDB_model_num 
ATOM 1    N N   . PRO A 1 1   ? -7.968  -17.296 -9.704  1.00 30.00  ? 1   PRO A N   1 
ATOM 2    C CA  . PRO A 1 1   ? -7.565  -16.716 -10.975 1.00 30.00  ? 1   PRO A CA  1 
ATOM 3    C C   . PRO A 1 1   ? -8.498  -17.069 -12.115 1.00 30.00  ? 1   PRO A C   1 
ATOM 4    O O   . PRO A 1 1   ? -8.731  -18.269 -12.346 1.00 30.00  ? 1   PRO A O   1 
ATOM 5    C CB  . PRO A 1 1   ? -6.198  -17.375 -11.136 1.00 30.00  ? 1   PRO A CB  1 
ATOM 6    C CG  . PRO A 1 1   ? -5.607  -17.292 -9.753  1.00 30.00  ? 1   PRO A CG  1 
ATOM 7    C CD  . PRO A 1 1   ? -6.808  -17.281 -8.822  1.00 30.00  ? 1   PRO A CD  1 
ATOM 8    N N   . ILE A 1 2   ? -9.018  -16.059 -12.817 1.00 100.00 ? 2   ILE A N   1 
ATOM 9    C CA  . ILE A 1 2   ? -9.874  -16.331 -14.008 1.00 100.00 ? 2   ILE A CA  1 
ATOM 10   C C   . ILE A 1 2   ? -8.983  -16.958 -15.088 1.00 100.00 ? 2   ILE A C   1 
ATOM 11   O O   . ILE A 1 2   ? -7.808  -16.552 -15.195 1.00 100.00 ? 2   ILE A O   1 
ATOM 12   C CB  . ILE A 1 2   ? -10.546 -15.046 -14.523 1.00 100.00 ? 2   ILE A CB  1 
ATOM 13   C CG1 . ILE A 1 2   ? -9.537  -14.081 -15.139 1.00 100.00 ? 2   ILE A CG1 1 
ATOM 14   C CG2 . ILE A 1 2   ? -11.367 -14.378 -13.422 1.00 100.00 ? 2   ILE A CG2 1 
ATOM 15   C CD1 . ILE A 1 2   ? -10.154 -12.809 -15.689 1.00 100.00 ? 2   ILE A CD1 1 
ATOM 16   N N   . VAL A 1 3   ? -9.509  -17.928 -15.836 1.00 100.00 ? 3   VAL A N   1 
ATOM 17   C CA  . VAL A 1 3   ? -8.727  -18.502 -16.972 1.00 100.00 ? 3   VAL A CA  1 
ATOM 18   C C   . VAL A 1 3   ? -9.513  -18.229 -18.263 1.00 100.00 ? 3   VAL A C   1 
ATOM 19   O O   . VAL A 1 3   ? -10.722 -18.550 -18.305 1.00 100.00 ? 3   VAL A O   1 
ATOM 20   C CB  . VAL A 1 3   ? -8.388  -19.996 -16.801 1.00 100.00 ? 3   VAL A CB  1 
ATOM 21   C CG1 . VAL A 1 3   ? -7.378  -20.222 -15.684 1.00 100.00 ? 3   VAL A CG1 1 
ATOM 22   C CG2 . VAL A 1 3   ? -9.625  -20.860 -16.600 1.00 100.00 ? 3   VAL A CG2 1 
ATOM 23   N N   . ASN A 1 4   ? -8.901  -17.634 -19.286 1.00 100.00 ? 4   ASN A N   1 
ATOM 24   C CA  . ASN A 1 4   ? -9.703  -17.311 -20.499 1.00 100.00 ? 4   ASN A CA  1 
ATOM 25   C C   . ASN A 1 4   ? -9.684  -18.525 -21.425 1.00 100.00 ? 4   ASN A C   1 
ATOM 26   O O   . ASN A 1 4   ? -8.612  -18.819 -21.986 1.00 100.00 ? 4   ASN A O   1 
ATOM 27   C CB  . ASN A 1 4   ? -9.224  -16.048 -21.201 1.00 30.00  ? 4   ASN A CB  1 
ATOM 28   C CG  . ASN A 1 4   ? -9.588  -14.799 -20.434 1.00 30.00  ? 4   ASN A CG  1 
ATOM 29   O OD1 . ASN A 1 4   ? -10.774 -14.528 -20.221 1.00 30.00  ? 4   ASN A OD1 1 
ATOM 30   N ND2 . ASN A 1 4   ? -8.593  -14.026 -20.025 1.00 30.00  ? 4   ASN A ND2 1 
ATOM 31   N N   . LEU A 1 5   ? -10.822 -19.202 -21.575 1.00 100.00 ? 5   LEU A N   1 
ATOM 32   C CA  . LEU A 1 5   ? -10.859 -20.443 -22.392 1.00 100.00 ? 5   LEU A CA  1 
ATOM 33   C C   . LEU A 1 5   ? -10.641 -20.081 -23.866 1.00 100.00 ? 5   LEU A C   1 
ATOM 34   O O   . LEU A 1 5   ? -11.023 -18.961 -24.263 1.00 100.00 ? 5   LEU A O   1 
ATOM 35   C CB  . LEU A 1 5   ? -12.173 -21.197 -22.197 1.00 30.00  ? 5   LEU A CB  1 
ATOM 36   C CG  . LEU A 1 5   ? -12.465 -21.668 -20.770 1.00 30.00  ? 5   LEU A CG  1 
ATOM 37   C CD1 . LEU A 1 5   ? -13.796 -22.393 -20.711 1.00 30.00  ? 5   LEU A CD1 1 
ATOM 38   C CD2 . LEU A 1 5   ? -11.346 -22.558 -20.261 1.00 30.00  ? 5   LEU A CD2 1 
ATOM 39   N N   . GLN A 1 6   ? -10.067 -21.006 -24.639 1.00 100.00 ? 6   GLN A N   1 
ATOM 40   C CA  . GLN A 1 6   ? -9.819  -20.770 -26.088 1.00 100.00 ? 6   GLN A CA  1 
ATOM 41   C C   . GLN A 1 6   ? -11.173 -20.527 -26.770 1.00 100.00 ? 6   GLN A C   1 
ATOM 42   O O   . GLN A 1 6   ? -11.226 -19.701 -27.706 1.00 100.00 ? 6   GLN A O   1 
ATOM 43   C CB  . GLN A 1 6   ? -9.017  -21.939 -26.664 1.00 30.00  ? 6   GLN A CB  1 
ATOM 44   C CG  . GLN A 1 6   ? -9.583  -23.321 -26.344 1.00 30.00  ? 6   GLN A CG  1 
ATOM 45   C CD  . GLN A 1 6   ? -10.703 -23.762 -27.262 1.00 30.00  ? 6   GLN A CD  1 
ATOM 46   O OE1 . GLN A 1 6   ? -11.065 -23.076 -28.223 1.00 30.00  ? 6   GLN A OE1 1 
ATOM 47   N NE2 . GLN A 1 6   ? -11.244 -24.940 -26.988 1.00 30.00  ? 6   GLN A NE2 1 
ATOM 48   N N   . ALA A 1 7   ? -12.221 -21.213 -26.309 1.00 100.00 ? 7   ALA A N   1 
ATOM 49   C CA  . ALA A 1 7   ? -13.579 -21.032 -26.874 1.00 100.00 ? 7   ALA A CA  1 
ATOM 50   C C   . ALA A 1 7   ? -14.038 -19.593 -26.635 1.00 100.00 ? 7   ALA A C   1 
ATOM 51   O O   . ALA A 1 7   ? -14.950 -19.129 -27.353 1.00 100.00 ? 7   ALA A O   1 
ATOM 52   C CB  . ALA A 1 7   ? -14.529 -22.028 -26.252 1.00 100.00 ? 7   ALA A CB  1 
ATOM 53   N N   . GLY A 1 8   ? -13.435 -18.909 -25.658 1.00 95.94  ? 8   GLY A N   1 
ATOM 54   C CA  . GLY A 1 8   ? -13.840 -17.531 -25.318 1.00 95.94  ? 8   GLY A CA  1 
ATOM 55   C C   . GLY A 1 8   ? -14.692 -17.512 -24.069 1.00 95.94  ? 8   GLY A C   1 
ATOM 56   O O   . GLY A 1 8   ? -14.957 -16.407 -23.554 1.00 95.94  ? 8   GLY A O   1 
ATOM 57   N N   . GLY A 1 9   ? -15.127 -18.681 -23.599 1.00 100.00 ? 9   GLY A N   1 
ATOM 58   C CA  . GLY A 1 9   ? -15.840 -18.710 -22.312 1.00 100.00 ? 9   GLY A CA  1 
ATOM 59   C C   . GLY A 1 9   ? -14.814 -18.530 -21.214 1.00 100.00 ? 9   GLY A C   1 
ATOM 60   O O   . GLY A 1 9   ? -13.615 -18.662 -21.518 1.00 100.00 ? 9   GLY A O   1 
ATOM 61   N N   . ARG A 1 10  ? -15.231 -18.193 -19.999 1.00 100.00 ? 10  ARG A N   1 
ATOM 62   C CA  . ARG A 1 10  ? -14.207 -17.937 -18.961 1.00 100.00 ? 10  ARG A CA  1 
ATOM 63   C C   . ARG A 1 10  ? -14.474 -18.900 -17.800 1.00 100.00 ? 10  ARG A C   1 
ATOM 64   O O   . ARG A 1 10  ? -15.644 -19.021 -17.396 1.00 100.00 ? 10  ARG A O   1 
ATOM 65   C CB  . ARG A 1 10  ? -14.267 -16.443 -18.636 1.00 100.00 ? 10  ARG A CB  1 
ATOM 66   C CG  . ARG A 1 10  ? -14.043 -15.643 -19.910 1.00 100.00 ? 10  ARG A CG  1 
ATOM 67   C CD  . ARG A 1 10  ? -14.120 -14.137 -19.761 1.00 100.00 ? 10  ARG A CD  1 
ATOM 68   N NE  . ARG A 1 10  ? -13.113 -13.571 -18.859 1.00 100.00 ? 10  ARG A NE  1 
ATOM 69   C CZ  . ARG A 1 10  ? -13.028 -12.272 -18.623 1.00 100.00 ? 10  ARG A CZ  1 
ATOM 70   N NH1 . ARG A 1 10  ? -12.076 -11.794 -17.849 1.00 100.00 ? 10  ARG A NH1 1 
ATOM 71   N NH2 . ARG A 1 10  ? -13.883 -11.444 -19.193 1.00 100.00 ? 10  ARG A NH2 1 
ATOM 72   N N   . SER A 1 11  ? -13.437 -19.582 -17.322 1.00 100.00 ? 11  SER A N   1 
ATOM 73   C CA  . SER A 1 11  ? -13.598 -20.503 -16.171 1.00 100.00 ? 11  SER A CA  1 
ATOM 74   C C   . SER A 1 11  ? -12.678 -20.057 -15.034 1.00 100.00 ? 11  SER A C   1 
ATOM 75   O O   . SER A 1 11  ? -11.949 -19.072 -15.227 1.00 100.00 ? 11  SER A O   1 
ATOM 76   C CB  . SER A 1 11  ? -13.291 -21.905 -16.567 1.00 100.00 ? 11  SER A CB  1 
ATOM 77   O OG  . SER A 1 11  ? -13.432 -22.779 -15.456 1.00 100.00 ? 11  SER A OG  1 
ATOM 78   N N   . TRP A 1 12  ? -12.711 -20.753 -13.903 1.00 100.00 ? 12  TRP A N   1 
ATOM 79   C CA  . TRP A 1 12  ? -11.893 -20.323 -12.747 1.00 100.00 ? 12  TRP A CA  1 
ATOM 80   C C   . TRP A 1 12  ? -10.737 -21.290 -12.512 1.00 100.00 ? 12  TRP A C   1 
ATOM 81   O O   . TRP A 1 12  ? -10.811 -22.426 -13.009 1.00 100.00 ? 12  TRP A O   1 
ATOM 82   C CB  . TRP A 1 12  ? -12.803 -20.205 -11.519 1.00 100.00 ? 12  TRP A CB  1 
ATOM 83   C CG  . TRP A 1 12  ? -12.092 -20.071 -10.201 1.00 100.00 ? 12  TRP A CG  1 
ATOM 84   C CD1 . TRP A 1 12  ? -11.697 -18.923 -9.582  1.00 100.00 ? 12  TRP A CD1 1 
ATOM 85   C CD2 . TRP A 1 12  ? -11.718 -21.153 -9.325  1.00 100.00 ? 12  TRP A CD2 1 
ATOM 86   N NE1 . TRP A 1 12  ? -11.092 -19.215 -8.389  1.00 100.00 ? 12  TRP A NE1 1 
ATOM 87   C CE2 . TRP A 1 12  ? -11.092 -20.572 -8.204  1.00 100.00 ? 12  TRP A CE2 1 
ATOM 88   C CE3 . TRP A 1 12  ? -11.847 -22.543 -9.384  1.00 100.00 ? 12  TRP A CE3 1 
ATOM 89   C CZ2 . TRP A 1 12  ? -10.600 -21.341 -7.153  1.00 100.00 ? 12  TRP A CZ2 1 
ATOM 90   C CZ3 . TRP A 1 12  ? -11.359 -23.301 -8.343  1.00 100.00 ? 12  TRP A CZ3 1 
ATOM 91   C CH2 . TRP A 1 12  ? -10.749 -22.705 -7.243  1.00 100.00 ? 12  TRP A CH2 1 
ATOM 92   N N   . LYS A 1 13  ? -9.685  -20.838 -11.825 1.00 100.00 ? 13  LYS A N   1 
ATOM 93   C CA  . LYS A 1 13  ? -8.557  -21.727 -11.455 1.00 100.00 ? 13  LYS A CA  1 
ATOM 94   C C   . LYS A 1 13  ? -8.159  -21.405 -10.011 1.00 100.00 ? 13  LYS A C   1 
ATOM 95   O O   . LYS A 1 13  ? -8.134  -20.207 -9.674  1.00 100.00 ? 13  LYS A O   1 
ATOM 96   C CB  . LYS A 1 13  ? -7.387  -21.474 -12.406 1.00 100.00 ? 13  LYS A CB  1 
ATOM 97   C CG  . LYS A 1 13  ? -6.130  -22.291 -12.155 1.00 100.00 ? 13  LYS A CG  1 
ATOM 98   C CD  . LYS A 1 13  ? -4.918  -21.788 -12.929 1.00 100.00 ? 13  LYS A CD  1 
ATOM 99   C CE  . LYS A 1 13  ? -4.444  -20.455 -12.443 1.00 100.00 ? 13  LYS A CE  1 
ATOM 100  N NZ  . LYS A 1 13  ? -3.270  -20.013 -13.195 1.00 100.00 ? 13  LYS A NZ  1 
ATOM 101  N N   . ALA A 1 14  ? -7.851  -22.409 -9.190  1.00 100.00 ? 14  ALA A N   1 
ATOM 102  C CA  . ALA A 1 14  ? -7.375  -22.169 -7.808  1.00 100.00 ? 14  ALA A CA  1 
ATOM 103  C C   . ALA A 1 14  ? -6.070  -21.382 -7.897  1.00 100.00 ? 14  ALA A C   1 
ATOM 104  O O   . ALA A 1 14  ? -5.272  -21.664 -8.814  1.00 100.00 ? 14  ALA A O   1 
ATOM 105  C CB  . ALA A 1 14  ? -7.200  -23.474 -7.073  1.00 100.00 ? 14  ALA A CB  1 
ATOM 106  N N   . VAL A 1 15  ? -5.847  -20.435 -6.985  1.00 100.00 ? 15  VAL A N   1 
ATOM 107  C CA  . VAL A 1 15  ? -4.640  -19.563 -7.078  1.00 100.00 ? 15  VAL A CA  1 
ATOM 108  C C   . VAL A 1 15  ? -3.445  -20.510 -7.235  1.00 100.00 ? 15  VAL A C   1 
ATOM 109  O O   . VAL A 1 15  ? -3.371  -21.504 -6.478  1.00 100.00 ? 15  VAL A O   1 
ATOM 110  C CB  . VAL A 1 15  ? -4.443  -18.611 -5.881  1.00 100.00 ? 15  VAL A CB  1 
ATOM 111  C CG1 . VAL A 1 15  ? -4.264  -19.362 -4.567  1.00 100.00 ? 15  VAL A CG1 1 
ATOM 112  C CG2 . VAL A 1 15  ? -3.272  -17.663 -6.099  1.00 100.00 ? 15  VAL A CG2 1 
ATOM 113  N N   . GLU A 1 16  ? -2.559  -20.221 -8.186  1.00 100.00 ? 16  GLU A N   1 
ATOM 114  C CA  . GLU A 1 16  ? -1.363  -21.071 -8.393  1.00 100.00 ? 16  GLU A CA  1 
ATOM 115  C C   . GLU A 1 16  ? -0.715  -21.224 -7.016  1.00 100.00 ? 16  GLU A C   1 
ATOM 116  O O   . GLU A 1 16  ? -0.587  -20.200 -6.328  1.00 100.00 ? 16  GLU A O   1 
ATOM 117  C CB  . GLU A 1 16  ? -0.378  -20.448 -9.379  1.00 30.00  ? 16  GLU A CB  1 
ATOM 118  C CG  . GLU A 1 16  ? -0.952  -20.260 -10.780 1.00 30.00  ? 16  GLU A CG  1 
ATOM 119  C CD  . GLU A 1 16  ? 0.005   -19.608 -11.762 1.00 30.00  ? 16  GLU A CD  1 
ATOM 120  O OE1 . GLU A 1 16  ? 1.144   -19.286 -11.363 1.00 30.00  ? 16  GLU A OE1 1 
ATOM 121  O OE2 . GLU A 1 16  ? -0.392  -19.424 -12.931 1.00 30.00  ? 16  GLU A OE2 1 
ATOM 122  N N   . SER A 1 17  ? -0.343  -22.441 -6.622  1.00 100.00 ? 17  SER A N   1 
ATOM 123  C CA  . SER A 1 17  ? 0.212   -22.671 -5.265  1.00 100.00 ? 17  SER A CA  1 
ATOM 124  C C   . SER A 1 17  ? 1.588   -22.000 -5.167  1.00 100.00 ? 17  SER A C   1 
ATOM 125  O O   . SER A 1 17  ? 2.028   -21.751 -4.034  1.00 100.00 ? 17  SER A O   1 
ATOM 126  C CB  . SER A 1 17  ? 0.286   -24.135 -4.939  1.00 100.00 ? 17  SER A CB  1 
ATOM 127  O OG  . SER A 1 17  ? 0.864   -24.336 -3.656  1.00 100.00 ? 17  SER A OG  1 
ATOM 128  N N   . VAL A 1 18  ? 2.216   -21.673 -6.302  1.00 100.00 ? 18  VAL A N   1 
ATOM 129  C CA  . VAL A 1 18  ? 3.538   -20.979 -6.305  1.00 100.00 ? 18  VAL A CA  1 
ATOM 130  C C   . VAL A 1 18  ? 3.301   -19.529 -5.847  1.00 100.00 ? 18  VAL A C   1 
ATOM 131  O O   . VAL A 1 18  ? 4.005   -19.084 -4.915  1.00 100.00 ? 18  VAL A O   1 
ATOM 132  C CB  . VAL A 1 18  ? 4.210   -21.030 -7.690  1.00 100.00 ? 18  VAL A CB  1 
ATOM 133  C CG1 . VAL A 1 18  ? 5.587   -20.379 -7.667  1.00 100.00 ? 18  VAL A CG1 1 
ATOM 134  C CG2 . VAL A 1 18  ? 4.311   -22.457 -8.211  1.00 100.00 ? 18  VAL A CG2 1 
ATOM 135  N N   . VAL A 1 19  ? 2.341   -18.835 -6.469  1.00 100.00 ? 19  VAL A N   1 
ATOM 136  C CA  . VAL A 1 19  ? 2.059   -17.405 -6.131  1.00 100.00 ? 19  VAL A CA  1 
ATOM 137  C C   . VAL A 1 19  ? 1.552   -17.286 -4.684  1.00 100.00 ? 19  VAL A C   1 
ATOM 138  O O   . VAL A 1 19  ? 2.017   -16.375 -3.971  1.00 100.00 ? 19  VAL A O   1 
ATOM 139  C CB  . VAL A 1 19  ? 1.038   -16.815 -7.123  1.00 30.00  ? 19  VAL A CB  1 
ATOM 140  C CG1 . VAL A 1 19  ? 0.620   -15.401 -6.738  1.00 30.00  ? 19  VAL A CG1 1 
ATOM 141  C CG2 . VAL A 1 19  ? 1.552   -16.857 -8.556  1.00 30.00  ? 19  VAL A CG2 1 
ATOM 142  N N   . PHE A 1 20  ? 0.635   -18.166 -4.270  1.00 100.00 ? 20  PHE A N   1 
ATOM 143  C CA  . PHE A 1 20  ? 0.053   -18.076 -2.903  1.00 100.00 ? 20  PHE A CA  1 
ATOM 144  C C   . PHE A 1 20  ? 1.188   -18.114 -1.891  1.00 100.00 ? 20  PHE A C   1 
ATOM 145  O O   . PHE A 1 20  ? 1.309   -17.184 -1.065  1.00 100.00 ? 20  PHE A O   1 
ATOM 146  C CB  . PHE A 1 20  ? -0.915  -19.237 -2.664  1.00 100.00 ? 20  PHE A CB  1 
ATOM 147  C CG  . PHE A 1 20  ? -1.553  -19.260 -1.282  1.00 100.00 ? 20  PHE A CG  1 
ATOM 148  C CD1 . PHE A 1 20  ? -2.761  -18.615 -1.043  1.00 100.00 ? 20  PHE A CD1 1 
ATOM 149  C CD2 . PHE A 1 20  ? -0.941  -19.920 -0.221  1.00 100.00 ? 20  PHE A CD2 1 
ATOM 150  C CE1 . PHE A 1 20  ? -3.339  -18.636 0.215   1.00 100.00 ? 20  PHE A CE1 1 
ATOM 151  C CE2 . PHE A 1 20  ? -1.524  -19.936 1.036   1.00 100.00 ? 20  PHE A CE2 1 
ATOM 152  C CZ  . PHE A 1 20  ? -2.720  -19.294 1.252   1.00 100.00 ? 20  PHE A CZ  1 
ATOM 153  N N   . GLN A 1 21  ? 2.007   -19.163 -1.956  1.00 100.00 ? 21  GLN A N   1 
ATOM 154  C CA  . GLN A 1 21  ? 3.147   -19.327 -1.017  1.00 100.00 ? 21  GLN A CA  1 
ATOM 155  C C   . GLN A 1 21  ? 4.062   -18.100 -1.139  1.00 100.00 ? 21  GLN A C   1 
ATOM 156  O O   . GLN A 1 21  ? 4.645   -17.707 -0.110  1.00 100.00 ? 21  GLN A O   1 
ATOM 157  C CB  . GLN A 1 21  ? 3.848   -20.655 -1.306  1.00 100.00 ? 21  GLN A CB  1 
ATOM 158  C CG  . GLN A 1 21  ? 2.981   -21.870 -0.992  1.00 100.00 ? 21  GLN A CG  1 
ATOM 159  C CD  . GLN A 1 21  ? 3.678   -23.191 -1.235  1.00 100.00 ? 21  GLN A CD  1 
ATOM 160  O OE1 . GLN A 1 21  ? 3.835   -24.012 -0.324  1.00 100.00 ? 21  GLN A OE1 1 
ATOM 161  N NE2 . GLN A 1 21  ? 4.096   -23.415 -2.472  1.00 100.00 ? 21  GLN A NE2 1 
ATOM 162  N N   . GLN A 1 22  ? 4.186   -17.518 -2.333  1.00 100.00 ? 22  GLN A N   1 
ATOM 163  C CA  . GLN A 1 22  ? 5.048   -16.321 -2.516  1.00 100.00 ? 22  GLN A CA  1 
ATOM 164  C C   . GLN A 1 22  ? 4.512   -15.168 -1.650  1.00 100.00 ? 22  GLN A C   1 
ATOM 165  O O   . GLN A 1 22  ? 5.307   -14.575 -0.895  1.00 100.00 ? 22  GLN A O   1 
ATOM 166  C CB  . GLN A 1 22  ? 5.118   -15.880 -3.977  1.00 100.00 ? 22  GLN A CB  1 
ATOM 167  C CG  . GLN A 1 22  ? 6.008   -14.663 -4.205  1.00 100.00 ? 22  GLN A CG  1 
ATOM 168  C CD  . GLN A 1 22  ? 5.973   -14.156 -5.628  1.00 100.00 ? 22  GLN A CD  1 
ATOM 169  O OE1 . GLN A 1 22  ? 6.640   -13.180 -5.982  1.00 100.00 ? 22  GLN A OE1 1 
ATOM 170  N NE2 . GLN A 1 22  ? 5.182   -14.818 -6.460  1.00 100.00 ? 22  GLN A NE2 1 
ATOM 171  N N   . LEU A 1 23  ? 3.220   -14.852 -1.770  1.00 100.00 ? 23  LEU A N   1 
ATOM 172  C CA  . LEU A 1 23  ? 2.634   -13.715 -1.013  1.00 100.00 ? 23  LEU A CA  1 
ATOM 173  C C   . LEU A 1 23  ? 2.683   -14.008 0.496   1.00 100.00 ? 23  LEU A C   1 
ATOM 174  O O   . LEU A 1 23  ? 2.958   -13.067 1.269   1.00 100.00 ? 23  LEU A O   1 
ATOM 175  C CB  . LEU A 1 23  ? 1.204   -13.472 -1.489  1.00 100.00 ? 23  LEU A CB  1 
ATOM 176  C CG  . LEU A 1 23  ? 1.026   -13.261 -2.995  1.00 100.00 ? 23  LEU A CG  1 
ATOM 177  C CD1 . LEU A 1 23  ? -0.418  -12.947 -3.326  1.00 100.00 ? 23  LEU A CD1 1 
ATOM 178  C CD2 . LEU A 1 23  ? 1.935   -12.154 -3.481  1.00 100.00 ? 23  LEU A CD2 1 
ATOM 179  N N   . GLN A 1 24  ? 2.415   -15.254 0.894   1.00 100.00 ? 24  GLN A N   1 
ATOM 180  C CA  . GLN A 1 24  ? 2.377   -15.621 2.335   1.00 100.00 ? 24  GLN A CA  1 
ATOM 181  C C   . GLN A 1 24  ? 3.722   -15.305 3.004   1.00 100.00 ? 24  GLN A C   1 
ATOM 182  O O   . GLN A 1 24  ? 3.709   -14.681 4.086   1.00 100.00 ? 24  GLN A O   1 
ATOM 183  C CB  . GLN A 1 24  ? 2.050   -17.109 2.436   1.00 100.00 ? 24  GLN A CB  1 
ATOM 184  C CG  . GLN A 1 24  ? 2.029   -17.653 3.860   1.00 100.00 ? 24  GLN A CG  1 
ATOM 185  C CD  . GLN A 1 24  ? 1.631   -19.111 3.931   1.00 100.00 ? 24  GLN A CD  1 
ATOM 186  O OE1 . GLN A 1 24  ? 1.363   -19.756 2.911   1.00 100.00 ? 24  GLN A OE1 1 
ATOM 187  N NE2 . GLN A 1 24  ? 1.587   -19.644 5.143   1.00 100.00 ? 24  GLN A NE2 1 
ATOM 188  N N   . THR A 1 25  ? 4.854   -15.667 2.396   1.00 100.00 ? 25  THR A N   1 
ATOM 189  C CA  . THR A 1 25  ? 6.183   -15.458 3.021   1.00 100.00 ? 25  THR A CA  1 
ATOM 190  C C   . THR A 1 25  ? 6.454   -13.966 3.096   1.00 100.00 ? 25  THR A C   1 
ATOM 191  O O   . THR A 1 25  ? 7.248   -13.567 3.973   1.00 100.00 ? 25  THR A O   1 
ATOM 192  C CB  . THR A 1 25  ? 7.283   -16.213 2.273   1.00 100.00 ? 25  THR A CB  1 
ATOM 193  O OG1 . THR A 1 25  ? 8.483   -15.924 2.984   1.00 100.00 ? 25  THR A OG1 1 
ATOM 194  C CG2 . THR A 1 25  ? 7.443   -15.797 0.823   1.00 100.00 ? 25  THR A CG2 1 
ATOM 195  N N   . VAL A 1 26  ? 5.814   -13.158 2.245   1.00 100.00 ? 26  VAL A N   1 
ATOM 196  C CA  . VAL A 1 26  ? 5.964   -11.670 2.279   1.00 100.00 ? 26  VAL A CA  1 
ATOM 197  C C   . VAL A 1 26  ? 4.961   -11.091 3.289   1.00 100.00 ? 26  VAL A C   1 
ATOM 198  O O   . VAL A 1 26  ? 5.144   -9.921  3.688   1.00 100.00 ? 26  VAL A O   1 
ATOM 199  C CB  . VAL A 1 26  ? 5.791   -11.090 0.862   1.00 100.00 ? 26  VAL A CB  1 
ATOM 200  C CG1 . VAL A 1 26  ? 5.705   -9.568  0.843   1.00 100.00 ? 26  VAL A CG1 1 
ATOM 201  C CG2 . VAL A 1 26  ? 6.907   -11.569 -0.055  1.00 100.00 ? 26  VAL A CG2 1 
ATOM 202  N N   . ALA A 1 27  ? 3.979   -11.881 3.732   1.00 100.00 ? 27  ALA A N   1 
ATOM 203  C CA  . ALA A 1 27  ? 2.991   -11.459 4.754   1.00 100.00 ? 27  ALA A CA  1 
ATOM 204  C C   . ALA A 1 27  ? 3.377   -12.090 6.090   1.00 100.00 ? 27  ALA A C   1 
ATOM 205  O O   . ALA A 1 27  ? 2.687   -11.802 7.091   1.00 100.00 ? 27  ALA A O   1 
ATOM 206  C CB  . ALA A 1 27  ? 1.601   -11.873 4.339   1.00 100.00 ? 27  ALA A CB  1 
ATOM 207  N N   . MET A 1 28  ? 4.435   -12.908 6.114   1.00 100.00 ? 28  MET A N   1 
ATOM 208  C CA  . MET A 1 28  ? 4.900   -13.611 7.338   1.00 100.00 ? 28  MET A CA  1 
ATOM 209  C C   . MET A 1 28  ? 6.216   -12.990 7.821   1.00 100.00 ? 28  MET A C   1 
ATOM 210  O O   . MET A 1 28  ? 6.520   -13.139 9.021   1.00 100.00 ? 28  MET A O   1 
ATOM 211  C CB  . MET A 1 28  ? 5.106   -15.096 7.031   1.00 100.00 ? 28  MET A CB  1 
ATOM 212  C CG  . MET A 1 28  ? 5.506   -15.945 8.220   1.00 100.00 ? 28  MET A CG  1 
ATOM 213  S SD  . MET A 1 28  ? 5.688   -17.688 7.794   1.00 100.00 ? 28  MET A SD  1 
ATOM 214  C CE  . MET A 1 28  ? 4.042   -18.107 7.203   1.00 100.00 ? 28  MET A CE  1 
ATOM 215  N N   . GLN A 1 29  ? 6.925   -12.269 6.947   1.00 100.00 ? 29  GLN A N   1 
ATOM 216  C CA  . GLN A 1 29  ? 8.217   -11.626 7.295   1.00 100.00 ? 29  GLN A CA  1 
ATOM 217  C C   . GLN A 1 29  ? 8.011   -10.113 7.441   1.00 100.00 ? 29  GLN A C   1 
ATOM 218  O O   . GLN A 1 29  ? 8.573   -9.542  8.401   1.00 100.00 ? 29  GLN A O   1 
ATOM 219  C CB  . GLN A 1 29  ? 9.235   -11.931 6.201   1.00 100.00 ? 29  GLN A CB  1 
ATOM 220  C CG  . GLN A 1 29  ? 9.575   -13.412 6.076   1.00 100.00 ? 29  GLN A CG  1 
ATOM 221  C CD  . GLN A 1 29  ? 10.445  -13.727 4.879   1.00 100.00 ? 29  GLN A CD  1 
ATOM 222  O OE1 . GLN A 1 29  ? 10.825  -12.845 4.102   1.00 100.00 ? 29  GLN A OE1 1 
ATOM 223  N NE2 . GLN A 1 29  ? 10.767  -15.003 4.721   1.00 100.00 ? 29  GLN A NE2 1 
ATOM 224  N N   . HIS A 1 30  ? 7.244   -9.494  6.539   1.00 100.00 ? 30  HIS A N   1 
ATOM 225  C CA  . HIS A 1 30  ? 7.020   -8.022  6.547   1.00 100.00 ? 30  HIS A CA  1 
ATOM 226  C C   . HIS A 1 30  ? 5.696   -7.687  7.244   1.00 100.00 ? 30  HIS A C   1 
ATOM 227  O O   . HIS A 1 30  ? 5.649   -6.625  7.900   1.00 100.00 ? 30  HIS A O   1 
ATOM 228  C CB  . HIS A 1 30  ? 7.064   -7.494  5.111   1.00 100.00 ? 30  HIS A CB  1 
ATOM 229  C CG  . HIS A 1 30  ? 8.369   -7.754  4.441   1.00 100.00 ? 30  HIS A CG  1 
ATOM 230  N ND1 . HIS A 1 30  ? 9.534   -7.120  4.812   1.00 100.00 ? 30  HIS A ND1 1 
ATOM 231  C CD2 . HIS A 1 30  ? 8.704   -8.598  3.459   1.00 100.00 ? 30  HIS A CD2 1 
ATOM 232  C CE1 . HIS A 1 30  ? 10.529  -7.561  4.056   1.00 100.00 ? 30  HIS A CE1 1 
ATOM 233  N NE2 . HIS A 1 30  ? 10.046  -8.460  3.227   1.00 100.00 ? 30  HIS A NE2 1 
ATOM 234  N N   . GLY A 1 31  ? 4.686   -8.557  7.146   1.00 100.00 ? 31  GLY A N   1 
ATOM 235  C CA  . GLY A 1 31  ? 3.348   -8.309  7.728   1.00 100.00 ? 31  GLY A CA  1 
ATOM 236  C C   . GLY A 1 31  ? 2.301   -8.284  6.632   1.00 100.00 ? 31  GLY A C   1 
ATOM 237  O O   . GLY A 1 31  ? 2.696   -8.047  5.472   1.00 100.00 ? 31  GLY A O   1 
ATOM 238  N N   . LEU A 1 32  ? 1.014   -8.480  6.950   1.00 100.00 ? 32  LEU A N   1 
ATOM 239  C CA  . LEU A 1 32  ? -0.044  -8.578  5.915   1.00 100.00 ? 32  LEU A CA  1 
ATOM 240  C C   . LEU A 1 32  ? -0.553  -7.162  5.648   1.00 100.00 ? 32  LEU A C   1 
ATOM 241  O O   . LEU A 1 32  ? -1.296  -6.984  4.666   1.00 100.00 ? 32  LEU A O   1 
ATOM 242  C CB  . LEU A 1 32  ? -1.142  -9.513  6.421   1.00 100.00 ? 32  LEU A CB  1 
ATOM 243  C CG  . LEU A 1 32  ? -2.315  -9.794  5.479   1.00 100.00 ? 32  LEU A CG  1 
ATOM 244  C CD1 . LEU A 1 32  ? -1.807  -10.457 4.222   1.00 100.00 ? 32  LEU A CD1 1 
ATOM 245  C CD2 . LEU A 1 32  ? -3.357  -10.661 6.153   1.00 100.00 ? 32  LEU A CD2 1 
ATOM 246  N N   . VAL A 1 33  ? -0.127  -6.173  6.440   1.00 100.00 ? 33  VAL A N   1 
ATOM 247  C CA  . VAL A 1 33  ? -0.517  -4.744  6.238   1.00 100.00 ? 33  VAL A CA  1 
ATOM 248  C C   . VAL A 1 33  ? 0.715   -4.007  5.694   1.00 100.00 ? 33  VAL A C   1 
ATOM 249  O O   . VAL A 1 33  ? 0.571   -2.846  5.274   1.00 100.00 ? 33  VAL A O   1 
ATOM 250  C CB  . VAL A 1 33  ? -1.037  -4.111  7.545   1.00 100.00 ? 33  VAL A CB  1 
ATOM 251  C CG1 . VAL A 1 33  ? 0.025   -4.090  8.638   1.00 100.00 ? 33  VAL A CG1 1 
ATOM 252  C CG2 . VAL A 1 33  ? -1.612  -2.719  7.334   1.00 100.00 ? 33  VAL A CG2 1 
ATOM 253  N N   . SER A 1 34  ? 1.866   -4.682  5.636   1.00 100.00 ? 34  SER A N   1 
ATOM 254  C CA  . SER A 1 34  ? 3.130   -4.050  5.183   1.00 100.00 ? 34  SER A CA  1 
ATOM 255  C C   . SER A 1 34  ? 3.055   -3.743  3.684   1.00 100.00 ? 34  SER A C   1 
ATOM 256  O O   . SER A 1 34  ? 2.356   -4.489  2.966   1.00 100.00 ? 34  SER A O   1 
ATOM 257  C CB  . SER A 1 34  ? 4.311   -4.922  5.490   1.00 100.00 ? 34  SER A CB  1 
ATOM 258  O OG  . SER A 1 34  ? 5.517   -4.290  5.088   1.00 100.00 ? 34  SER A OG  1 
ATOM 259  N N   . GLU A 1 35  ? 3.777   -2.718  3.230   1.00 100.00 ? 35  GLU A N   1 
ATOM 260  C CA  . GLU A 1 35  ? 3.746   -2.292  1.807   1.00 100.00 ? 35  GLU A CA  1 
ATOM 261  C C   . GLU A 1 35  ? 4.225   -3.449  0.922   1.00 100.00 ? 35  GLU A C   1 
ATOM 262  O O   . GLU A 1 35  ? 3.674   -3.599  -0.180  1.00 100.00 ? 35  GLU A O   1 
ATOM 263  C CB  . GLU A 1 35  ? 4.629   -1.068  1.578   1.00 100.00 ? 35  GLU A CB  1 
ATOM 264  C CG  . GLU A 1 35  ? 4.183   0.156   2.372   1.00 100.00 ? 35  GLU A CG  1 
ATOM 265  C CD  . GLU A 1 35  ? 5.062   1.379   2.186   1.00 100.00 ? 35  GLU A CD  1 
ATOM 266  O OE1 . GLU A 1 35  ? 6.045   1.300   1.419   1.00 100.00 ? 35  GLU A OE1 1 
ATOM 267  O OE2 . GLU A 1 35  ? 4.764   2.415   2.816   1.00 100.00 ? 35  GLU A OE2 1 
ATOM 268  N N   . ASP A 1 36  ? 5.202   -4.234  1.377   1.00 100.00 ? 36  ASP A N   1 
ATOM 269  C CA  . ASP A 1 36  ? 5.780   -5.314  0.531   1.00 100.00 ? 36  ASP A CA  1 
ATOM 270  C C   . ASP A 1 36  ? 4.677   -6.303  0.149   1.00 100.00 ? 36  ASP A C   1 
ATOM 271  O O   . ASP A 1 36  ? 4.622   -6.684  -1.040  1.00 100.00 ? 36  ASP A O   1 
ATOM 272  C CB  . ASP A 1 36  ? 6.928   -6.016  1.238   1.00 100.00 ? 36  ASP A CB  1 
ATOM 273  C CG  . ASP A 1 36  ? 8.138   -5.146  1.541   1.00 100.00 ? 36  ASP A CG  1 
ATOM 274  O OD1 . ASP A 1 36  ? 8.096   -3.943  1.208   1.00 100.00 ? 36  ASP A OD1 1 
ATOM 275  O OD2 . ASP A 1 36  ? 9.117   -5.679  2.100   1.00 100.00 ? 36  ASP A OD2 1 
ATOM 276  N N   . PHE A 1 37  ? 3.822   -6.690  1.099   1.00 100.00 ? 37  PHE A N   1 
ATOM 277  C CA  . PHE A 1 37  ? 2.678   -7.594  0.793   1.00 100.00 ? 37  PHE A CA  1 
ATOM 278  C C   . PHE A 1 37  ? 1.697   -6.861  -0.119  1.00 100.00 ? 37  PHE A C   1 
ATOM 279  O O   . PHE A 1 37  ? 1.174   -7.491  -1.061  1.00 100.00 ? 37  PHE A O   1 
ATOM 280  C CB  . PHE A 1 37  ? 1.942   -8.106  2.034   1.00 100.00 ? 37  PHE A CB  1 
ATOM 281  C CG  . PHE A 1 37  ? 0.661   -8.846  1.673   1.00 100.00 ? 37  PHE A CG  1 
ATOM 282  C CD1 . PHE A 1 37  ? 0.682   -10.202 1.370   1.00 100.00 ? 37  PHE A CD1 1 
ATOM 283  C CD2 . PHE A 1 37  ? -0.557  -8.179  1.626   1.00 100.00 ? 37  PHE A CD2 1 
ATOM 284  C CE1 . PHE A 1 37  ? -0.483  -10.871 1.035   1.00 100.00 ? 37  PHE A CE1 1 
ATOM 285  C CE2 . PHE A 1 37  ? -1.719  -8.853  1.291   1.00 100.00 ? 37  PHE A CE2 1 
ATOM 286  C CZ  . PHE A 1 37  ? -1.680  -10.196 0.996   1.00 100.00 ? 37  PHE A CZ  1 
ATOM 287  N N   . GLU A 1 38  ? 1.454   -5.573  0.138   1.00 100.00 ? 38  GLU A N   1 
ATOM 288  C CA  . GLU A 1 38  ? 0.473   -4.788  -0.656  1.00 100.00 ? 38  GLU A CA  1 
ATOM 289  C C   . GLU A 1 38  ? 0.932   -4.735  -2.121  1.00 100.00 ? 38  GLU A C   1 
ATOM 290  O O   . GLU A 1 38  ? 0.065   -4.867  -3.004  1.00 100.00 ? 38  GLU A O   1 
ATOM 291  C CB  . GLU A 1 38  ? 0.320   -3.358  -0.136  1.00 100.00 ? 38  GLU A CB  1 
ATOM 292  C CG  . GLU A 1 38  ? -0.280  -3.257  1.264   1.00 100.00 ? 38  GLU A CG  1 
ATOM 293  C CD  . GLU A 1 38  ? -0.301  -1.846  1.829   1.00 100.00 ? 38  GLU A CD  1 
ATOM 294  O OE1 . GLU A 1 38  ? 0.137   -0.915  1.122   1.00 100.00 ? 38  GLU A OE1 1 
ATOM 295  O OE2 . GLU A 1 38  ? -0.742  -1.675  2.984   1.00 100.00 ? 38  GLU A OE2 1 
ATOM 296  N N   . ARG A 1 39  ? 2.230   -4.526  -2.366  1.00 100.00 ? 39  ARG A N   1 
ATOM 297  C CA  . ARG A 1 39  ? 2.773   -4.425  -3.746  1.00 100.00 ? 39  ARG A CA  1 
ATOM 298  C C   . ARG A 1 39  ? 2.658   -5.769  -4.477  1.00 100.00 ? 39  ARG A C   1 
ATOM 299  O O   . ARG A 1 39  ? 2.215   -5.763  -5.643  1.00 100.00 ? 39  ARG A O   1 
ATOM 300  C CB  . ARG A 1 39  ? 4.251   -4.027  -3.709  1.00 100.00 ? 39  ARG A CB  1 
ATOM 301  C CG  . ARG A 1 39  ? 4.516   -2.630  -3.170  1.00 100.00 ? 39  ARG A CG  1 
ATOM 302  C CD  . ARG A 1 39  ? 5.993   -2.407  -2.921  1.00 100.00 ? 39  ARG A CD  1 
ATOM 303  N NE  . ARG A 1 39  ? 6.243   -1.124  -2.257  1.00 100.00 ? 39  ARG A NE  1 
ATOM 304  C CZ  . ARG A 1 39  ? 7.437   -0.650  -1.918  1.00 100.00 ? 39  ARG A CZ  1 
ATOM 305  N NH1 . ARG A 1 39  ? 8.544   -1.213  -2.372  1.00 100.00 ? 39  ARG A NH1 1 
ATOM 306  N NH2 . ARG A 1 39  ? 7.518   0.406   -1.129  1.00 100.00 ? 39  ARG A NH2 1 
ATOM 307  N N   . GLN A 1 40  ? 3.037   -6.868  -3.820  1.00 100.00 ? 40  GLN A N   1 
ATOM 308  C CA  . GLN A 1 40  ? 3.014   -8.214  -4.455  1.00 100.00 ? 40  GLN A CA  1 
ATOM 309  C C   . GLN A 1 40  ? 1.566   -8.669  -4.687  1.00 100.00 ? 40  GLN A C   1 
ATOM 310  O O   . GLN A 1 40  ? 1.325   -9.311  -5.725  1.00 100.00 ? 40  GLN A O   1 
ATOM 311  C CB  . GLN A 1 40  ? 3.786   -9.255  -3.647  1.00 100.00 ? 40  GLN A CB  1 
ATOM 312  C CG  . GLN A 1 40  ? 5.292   -9.025  -3.657  1.00 100.00 ? 40  GLN A CG  1 
ATOM 313  C CD  . GLN A 1 40  ? 6.089   -10.265 -3.315  1.00 100.00 ? 40  GLN A CD  1 
ATOM 314  O OE1 . GLN A 1 40  ? 5.536   -11.343 -3.067  1.00 100.00 ? 40  GLN A OE1 1 
ATOM 315  N NE2 . GLN A 1 40  ? 7.405   -10.123 -3.316  1.00 100.00 ? 40  GLN A NE2 1 
ATOM 316  N N   . LEU A 1 41  ? 0.654   -8.377  -3.758  1.00 100.00 ? 41  LEU A N   1 
ATOM 317  C CA  . LEU A 1 41  ? -0.751  -8.850  -3.874  1.00 100.00 ? 41  LEU A CA  1 
ATOM 318  C C   . LEU A 1 41  ? -1.411  -8.152  -5.069  1.00 100.00 ? 41  LEU A C   1 
ATOM 319  O O   . LEU A 1 41  ? -2.129  -8.843  -5.789  1.00 100.00 ? 41  LEU A O   1 
ATOM 320  C CB  . LEU A 1 41  ? -1.553  -8.590  -2.599  1.00 100.00 ? 41  LEU A CB  1 
ATOM 321  C CG  . LEU A 1 41  ? -3.043  -8.945  -2.674  1.00 100.00 ? 41  LEU A CG  1 
ATOM 322  C CD1 . LEU A 1 41  ? -3.227  -10.434 -2.909  1.00 100.00 ? 41  LEU A CD1 1 
ATOM 323  C CD2 . LEU A 1 41  ? -3.802  -8.502  -1.440  1.00 100.00 ? 41  LEU A CD2 1 
ATOM 324  N N   . ALA A 1 42  ? -1.189  -6.850  -5.260  1.00 100.00 ? 42  ALA A N   1 
ATOM 325  C CA  . ALA A 1 42  ? -1.835  -6.067  -6.341  1.00 100.00 ? 42  ALA A CA  1 
ATOM 326  C C   . ALA A 1 42  ? -1.375  -6.582  -7.705  1.00 100.00 ? 42  ALA A C   1 
ATOM 327  O O   . ALA A 1 42  ? -2.224  -6.733  -8.611  1.00 100.00 ? 42  ALA A O   1 
ATOM 328  C CB  . ALA A 1 42  ? -1.513  -4.600  -6.172  1.00 100.00 ? 42  ALA A CB  1 
ATOM 329  N N   . TYR A 1 43  ? -0.075  -6.850  -7.847  1.00 100.00 ? 43  TYR A N   1 
ATOM 330  C CA  . TYR A 1 43  ? 0.475   -7.325  -9.144  1.00 100.00 ? 43  TYR A CA  1 
ATOM 331  C C   . TYR A 1 43  ? -0.101  -8.697  -9.484  1.00 100.00 ? 43  TYR A C   1 
ATOM 332  O O   . TYR A 1 43  ? -0.450  -8.929  -10.661 1.00 100.00 ? 43  TYR A O   1 
ATOM 333  C CB  . TYR A 1 43  ? 2.002   -7.359  -9.027  1.00 100.00 ? 43  TYR A CB  1 
ATOM 334  C CG  . TYR A 1 43  ? 2.749   -7.800  -10.279 1.00 100.00 ? 43  TYR A CG  1 
ATOM 335  C CD1 . TYR A 1 43  ? 2.247   -7.544  -11.550 1.00 100.00 ? 43  TYR A CD1 1 
ATOM 336  C CD2 . TYR A 1 43  ? 3.958   -8.477  -10.185 1.00 100.00 ? 43  TYR A CD2 1 
ATOM 337  C CE1 . TYR A 1 43  ? 2.926   -7.946  -12.687 1.00 100.00 ? 43  TYR A CE1 1 
ATOM 338  C CE2 . TYR A 1 43  ? 4.644   -8.886  -11.316 1.00 100.00 ? 43  TYR A CE2 1 
ATOM 339  C CZ  . TYR A 1 43  ? 4.128   -8.620  -12.570 1.00 100.00 ? 43  TYR A CZ  1 
ATOM 340  O OH  . TYR A 1 43  ? 4.803   -9.023  -13.685 1.00 100.00 ? 43  TYR A OH  1 
ATOM 341  N N   . TYR A 1 44  ? -0.211  -9.582  -8.490  1.00 100.00 ? 44  TYR A N   1 
ATOM 342  C CA  . TYR A 1 44  ? -0.653  -10.977 -8.770  1.00 100.00 ? 44  TYR A CA  1 
ATOM 343  C C   . TYR A 1 44  ? -2.173  -11.120 -8.677  1.00 100.00 ? 44  TYR A C   1 
ATOM 344  O O   . TYR A 1 44  ? -2.676  -12.189 -9.078  1.00 100.00 ? 44  TYR A O   1 
ATOM 345  C CB  . TYR A 1 44  ? 0.082   -11.885 -7.781  1.00 100.00 ? 44  TYR A CB  1 
ATOM 346  C CG  . TYR A 1 44  ? 1.595   -11.887 -7.955  1.00 100.00 ? 44  TYR A CG  1 
ATOM 347  C CD1 . TYR A 1 44  ? 2.173   -11.735 -9.209  1.00 100.00 ? 44  TYR A CD1 1 
ATOM 348  C CD2 . TYR A 1 44  ? 2.441   -12.005 -6.861  1.00 100.00 ? 44  TYR A CD2 1 
ATOM 349  C CE1 . TYR A 1 44  ? 3.548   -11.730 -9.373  1.00 100.00 ? 44  TYR A CE1 1 
ATOM 350  C CE2 . TYR A 1 44  ? 3.817   -11.991 -7.011  1.00 100.00 ? 44  TYR A CE2 1 
ATOM 351  C CZ  . TYR A 1 44  ? 4.373   -11.855 -8.269  1.00 100.00 ? 44  TYR A CZ  1 
ATOM 352  O OH  . TYR A 1 44  ? 5.730   -11.845 -8.420  1.00 100.00 ? 44  TYR A OH  1 
ATOM 353  N N   . ALA A 1 45  ? -2.886  -10.101 -8.188  1.00 100.00 ? 45  ALA A N   1 
ATOM 354  C CA  . ALA A 1 45  ? -4.352  -10.239 -7.989  1.00 100.00 ? 45  ALA A CA  1 
ATOM 355  C C   . ALA A 1 45  ? -5.114  -9.679  -9.191  1.00 100.00 ? 45  ALA A C   1 
ATOM 356  O O   . ALA A 1 45  ? -6.354  -9.555  -9.110  1.00 100.00 ? 45  ALA A O   1 
ATOM 357  C CB  . ALA A 1 45  ? -4.785  -9.564  -6.707  1.00 100.00 ? 45  ALA A CB  1 
ATOM 358  N N   . THR A 1 46  ? -4.407  -9.355  -10.279 1.00 100.00 ? 46  THR A N   1 
ATOM 359  C CA  . THR A 1 46  ? -5.013  -8.829  -11.520 1.00 100.00 ? 46  THR A CA  1 
ATOM 360  C C   . THR A 1 46  ? -6.003  -9.836  -12.059 1.00 100.00 ? 46  THR A C   1 
ATOM 361  O O   . THR A 1 46  ? -7.086  -9.400  -12.506 1.00 100.00 ? 46  THR A O   1 
ATOM 362  C CB  . THR A 1 46  ? -3.892  -8.547  -12.519 1.00 100.00 ? 46  THR A CB  1 
ATOM 363  O OG1 . THR A 1 46  ? -3.026  -7.623  -11.869 1.00 100.00 ? 46  THR A OG1 1 
ATOM 364  C CG2 . THR A 1 46  ? -4.396  -7.955  -13.822 1.00 100.00 ? 46  THR A CG2 1 
ATOM 365  N N   . THR A 1 47  ? -5.674  -11.132 -12.020 1.00 100.00 ? 47  THR A N   1 
ATOM 366  C CA  . THR A 1 47  ? -6.529  -12.212 -12.567 1.00 100.00 ? 47  THR A CA  1 
ATOM 367  C C   . THR A 1 47  ? -7.411  -12.773 -11.477 1.00 100.00 ? 47  THR A C   1 
ATOM 368  O O   . THR A 1 47  ? -8.416  -13.426 -11.818 1.00 100.00 ? 47  THR A O   1 
ATOM 369  C CB  . THR A 1 47  ? -5.639  -13.299 -13.170 1.00 100.00 ? 47  THR A CB  1 
ATOM 370  O OG1 . THR A 1 47  ? -6.527  -14.215 -13.802 1.00 100.00 ? 47  THR A OG1 1 
ATOM 371  C CG2 . THR A 1 47  ? -4.811  -14.042 -12.137 1.00 100.00 ? 47  THR A CG2 1 
ATOM 372  N N   . TRP A 1 48  ? -7.094  -12.506 -10.210 1.00 100.00 ? 48  TRP A N   1 
ATOM 373  C CA  . TRP A 1 48  ? -7.845  -13.083 -9.068  1.00 100.00 ? 48  TRP A CA  1 
ATOM 374  C C   . TRP A 1 48  ? -9.301  -12.641 -9.105  1.00 100.00 ? 48  TRP A C   1 
ATOM 375  O O   . TRP A 1 48  ? -9.533  -11.438 -9.345  1.00 100.00 ? 48  TRP A O   1 
ATOM 376  C CB  . TRP A 1 48  ? -7.190  -12.657 -7.751  1.00 100.00 ? 48  TRP A CB  1 
ATOM 377  C CG  . TRP A 1 48  ? -5.873  -13.330 -7.483  1.00 100.00 ? 48  TRP A CG  1 
ATOM 378  C CD1 . TRP A 1 48  ? -5.023  -13.898 -8.386  1.00 100.00 ? 48  TRP A CD1 1 
ATOM 379  C CD2 . TRP A 1 48  ? -5.211  -13.411 -6.205  1.00 100.00 ? 48  TRP A CD2 1 
ATOM 380  N NE1 . TRP A 1 48  ? -3.910  -14.382 -7.751  1.00 100.00 ? 48  TRP A NE1 1 
ATOM 381  C CE2 . TRP A 1 48  ? -3.990  -14.083 -6.418  1.00 100.00 ? 48  TRP A CE2 1 
ATOM 382  C CE3 . TRP A 1 48  ? -5.541  -12.992 -4.913  1.00 100.00 ? 48  TRP A CE3 1 
ATOM 383  C CZ2 . TRP A 1 48  ? -3.099  -14.343 -5.383  1.00 100.00 ? 48  TRP A CZ2 1 
ATOM 384  C CZ3 . TRP A 1 48  ? -4.656  -13.247 -3.892  1.00 100.00 ? 48  TRP A CZ3 1 
ATOM 385  C CH2 . TRP A 1 48  ? -3.451  -13.904 -4.129  1.00 100.00 ? 48  TRP A CH2 1 
ATOM 386  N N   . THR A 1 49  ? -10.237 -13.549 -8.819  1.00 100.00 ? 49  THR A N   1 
ATOM 387  C CA  . THR A 1 49  ? -11.683 -13.250 -8.788  1.00 100.00 ? 49  THR A CA  1 
ATOM 388  C C   . THR A 1 49  ? -11.954 -12.445 -7.544  1.00 100.00 ? 49  THR A C   1 
ATOM 389  O O   . THR A 1 49  ? -11.093 -12.460 -6.643  1.00 100.00 ? 49  THR A O   1 
ATOM 390  C CB  . THR A 1 49  ? -12.495 -14.543 -8.791  1.00 100.00 ? 49  THR A CB  1 
ATOM 391  O OG1 . THR A 1 49  ? -12.041 -15.260 -7.647  1.00 100.00 ? 49  THR A OG1 1 
ATOM 392  C CG2 . THR A 1 49  ? -12.284 -15.372 -10.044 1.00 100.00 ? 49  THR A CG2 1 
ATOM 393  N N   . SER A 1 50  ? -13.112 -11.791 -7.457  1.00 100.00 ? 50  SER A N   1 
ATOM 394  C CA  . SER A 1 50  ? -13.481 -11.048 -6.229  1.00 100.00 ? 50  SER A CA  1 
ATOM 395  C C   . SER A 1 50  ? -13.427 -12.048 -5.073  1.00 100.00 ? 50  SER A C   1 
ATOM 396  O O   . SER A 1 50  ? -12.962 -11.667 -3.977  1.00 100.00 ? 50  SER A O   1 
ATOM 397  C CB  . SER A 1 50  ? -14.835 -10.411 -6.343  1.00 100.00 ? 50  SER A CB  1 
ATOM 398  O OG  . SER A 1 50  ? -15.834 -11.386 -6.608  1.00 100.00 ? 50  SER A OG  1 
ATOM 399  N N   . LYS A 1 51  ? -13.853 -13.286 -5.325  1.00 100.00 ? 51  LYS A N   1 
ATOM 400  C CA  . LYS A 1 51  ? -13.826 -14.355 -4.296  1.00 100.00 ? 51  LYS A CA  1 
ATOM 401  C C   . LYS A 1 51  ? -12.382 -14.668 -3.883  1.00 100.00 ? 51  LYS A C   1 
ATOM 402  O O   . LYS A 1 51  ? -12.180 -14.884 -2.690  1.00 100.00 ? 51  LYS A O   1 
ATOM 403  C CB  . LYS A 1 51  ? -14.491 -15.631 -4.817  1.00 100.00 ? 51  LYS A CB  1 
ATOM 404  C CG  . LYS A 1 51  ? -15.979 -15.499 -5.082  1.00 100.00 ? 51  LYS A CG  1 
ATOM 405  C CD  . LYS A 1 51  ? -16.680 -16.821 -5.363  1.00 100.00 ? 51  LYS A CD  1 
ATOM 406  C CE  . LYS A 1 51  ? -16.611 -17.749 -4.189  1.00 100.00 ? 51  LYS A CE  1 
ATOM 407  N NZ  . LYS A 1 51  ? -17.370 -18.987 -4.381  1.00 100.00 ? 51  LYS A NZ  1 
ATOM 408  N N   . ASP A 1 52  ? -11.420 -14.676 -4.810  1.00 100.00 ? 52  ASP A N   1 
ATOM 409  C CA  . ASP A 1 52  ? -10.023 -15.086 -4.487  1.00 100.00 ? 52  ASP A CA  1 
ATOM 410  C C   . ASP A 1 52  ? -9.207  -13.913 -3.934  1.00 100.00 ? 52  ASP A C   1 
ATOM 411  O O   . ASP A 1 52  ? -8.093  -14.169 -3.432  1.00 100.00 ? 52  ASP A O   1 
ATOM 412  C CB  . ASP A 1 52  ? -9.311  -15.674 -5.691  1.00 100.00 ? 52  ASP A CB  1 
ATOM 413  C CG  . ASP A 1 52  ? -9.901  -16.974 -6.210  1.00 100.00 ? 52  ASP A CG  1 
ATOM 414  O OD1 . ASP A 1 52  ? -10.947 -17.402 -5.680  1.00 100.00 ? 52  ASP A OD1 1 
ATOM 415  O OD2 . ASP A 1 52  ? -9.275  -17.578 -7.099  1.00 100.00 ? 52  ASP A OD2 1 
ATOM 416  N N   . ILE A 1 53  ? -9.735  -12.692 -3.996  1.00 100.00 ? 53  ILE A N   1 
ATOM 417  C CA  . ILE A 1 53  ? -9.037  -11.497 -3.435  1.00 100.00 ? 53  ILE A CA  1 
ATOM 418  C C   . ILE A 1 53  ? -9.321  -11.475 -1.926  1.00 100.00 ? 53  ILE A C   1 
ATOM 419  O O   . ILE A 1 53  ? -8.487  -10.912 -1.185  1.00 100.00 ? 53  ILE A O   1 
ATOM 420  C CB  . ILE A 1 53  ? -9.499  -10.214 -4.153  1.00 100.00 ? 53  ILE A CB  1 
ATOM 421  C CG1 . ILE A 1 53  ? -9.053  -10.200 -5.614  1.00 100.00 ? 53  ILE A CG1 1 
ATOM 422  C CG2 . ILE A 1 53  ? -9.022  -8.957  -3.423  1.00 100.00 ? 53  ILE A CG2 1 
ATOM 423  C CD1 . ILE A 1 53  ? -9.812  -9.213  -6.482  1.00 100.00 ? 53  ILE A CD1 1 
ATOM 424  N N   . LEU A 1 54  ? -10.426 -12.088 -1.484  1.00 100.00 ? 54  LEU A N   1 
ATOM 425  C CA  . LEU A 1 54  ? -10.829 -12.091 -0.054  1.00 100.00 ? 54  LEU A CA  1 
ATOM 426  C C   . LEU A 1 54  ? -10.371 -13.384 0.635   1.00 100.00 ? 54  LEU A C   1 
ATOM 427  O O   . LEU A 1 54  ? -9.792  -13.290 1.739   1.00 100.00 ? 54  LEU A O   1 
ATOM 428  C CB  . LEU A 1 54  ? -12.346 -11.937 0.006   1.00 100.00 ? 54  LEU A CB  1 
ATOM 429  C CG  . LEU A 1 54  ? -12.901 -10.655 -0.621  1.00 100.00 ? 54  LEU A CG  1 
ATOM 430  C CD1 . LEU A 1 54  ? -14.414 -10.676 -0.596  1.00 100.00 ? 54  LEU A CD1 1 
ATOM 431  C CD2 . LEU A 1 54  ? -12.365 -9.445  0.126   1.00 100.00 ? 54  LEU A CD2 1 
ATOM 432  N N   . GLU A 1 55  ? -10.599 -14.537 0.001   1.00 100.00 ? 55  GLU A N   1 
ATOM 433  C CA  . GLU A 1 55  ? -10.269 -15.829 0.657   1.00 100.00 ? 55  GLU A CA  1 
ATOM 434  C C   . GLU A 1 55  ? -8.756  -15.918 0.896   1.00 100.00 ? 55  GLU A C   1 
ATOM 435  O O   . GLU A 1 55  ? -8.354  -16.273 2.024   1.00 100.00 ? 55  GLU A O   1 
ATOM 436  C CB  . GLU A 1 55  ? -10.738 -16.992 -0.215  1.00 100.00 ? 55  GLU A CB  1 
ATOM 437  C CG  . GLU A 1 55  ? -12.246 -17.004 -0.445  1.00 100.00 ? 55  GLU A CG  1 
ATOM 438  C CD  . GLU A 1 55  ? -12.701 -18.073 -1.420  1.00 100.00 ? 55  GLU A CD  1 
ATOM 439  O OE1 . GLU A 1 55  ? -11.832 -18.818 -1.921  1.00 100.00 ? 55  GLU A OE1 1 
ATOM 440  O OE2 . GLU A 1 55  ? -13.918 -18.158 -1.686  1.00 100.00 ? 55  GLU A OE2 1 
ATOM 441  N N   . VAL A 1 56  ? -7.955  -15.582 -0.118  1.00 100.00 ? 56  VAL A N   1 
ATOM 442  C CA  . VAL A 1 56  ? -6.473  -15.707 0.013   1.00 100.00 ? 56  VAL A CA  1 
ATOM 443  C C   . VAL A 1 56  ? -5.981  -14.737 1.099   1.00 100.00 ? 56  VAL A C   1 
ATOM 444  O O   . VAL A 1 56  ? -5.148  -15.157 1.932   1.00 100.00 ? 56  VAL A O   1 
ATOM 445  C CB  . VAL A 1 56  ? -5.781  -15.454 -1.339  1.00 100.00 ? 56  VAL A CB  1 
ATOM 446  C CG1 . VAL A 1 56  ? -4.270  -15.374 -1.192  1.00 100.00 ? 56  VAL A CG1 1 
ATOM 447  C CG2 . VAL A 1 56  ? -6.159  -16.508 -2.372  1.00 100.00 ? 56  VAL A CG2 1 
ATOM 448  N N   . LEU A 1 57  ? -6.496  -13.505 1.105   1.00 100.00 ? 57  LEU A N   1 
ATOM 449  C CA  . LEU A 1 57  ? -6.097  -12.509 2.133   1.00 100.00 ? 57  LEU A CA  1 
ATOM 450  C C   . LEU A 1 57  ? -6.338  -13.108 3.524   1.00 100.00 ? 57  LEU A C   1 
ATOM 451  O O   . LEU A 1 57  ? -5.446  -12.976 4.391   1.00 100.00 ? 57  LEU A O   1 
ATOM 452  C CB  . LEU A 1 57  ? -6.909  -11.232 1.932   1.00 100.00 ? 57  LEU A CB  1 
ATOM 453  C CG  . LEU A 1 57  ? -6.643  -10.101 2.931   1.00 100.00 ? 57  LEU A CG  1 
ATOM 454  C CD1 . LEU A 1 57  ? -5.222  -9.586  2.799   1.00 100.00 ? 57  LEU A CD1 1 
ATOM 455  C CD2 . LEU A 1 57  ? -7.646  -8.976  2.762   1.00 100.00 ? 57  LEU A CD2 1 
ATOM 456  N N   . ALA A 1 58  ? -7.493  -13.745 3.720   1.00 100.00 ? 58  ALA A N   1 
ATOM 457  C CA  . ALA A 1 58  ? -7.850  -14.329 5.035   1.00 100.00 ? 58  ALA A CA  1 
ATOM 458  C C   . ALA A 1 58  ? -6.870  -15.446 5.390   1.00 100.00 ? 58  ALA A C   1 
ATOM 459  O O   . ALA A 1 58  ? -6.471  -15.537 6.570   1.00 100.00 ? 58  ALA A O   1 
ATOM 460  C CB  . ALA A 1 58  ? -9.270  -14.841 4.996   1.00 100.00 ? 58  ALA A CB  1 
ATOM 461  N N   . MET A 1 59  ? -6.488  -16.266 4.408   1.00 100.00 ? 59  MET A N   1 
ATOM 462  C CA  . MET A 1 59  ? -5.565  -17.409 4.638   1.00 100.00 ? 59  MET A CA  1 
ATOM 463  C C   . MET A 1 59  ? -4.165  -16.886 4.994   1.00 100.00 ? 59  MET A C   1 
ATOM 464  O O   . MET A 1 59  ? -3.457  -17.586 5.749   1.00 100.00 ? 59  MET A O   1 
ATOM 465  C CB  . MET A 1 59  ? -5.480  -18.294 3.391   1.00 100.00 ? 59  MET A CB  1 
ATOM 466  C CG  . MET A 1 59  ? -6.799  -18.926 3.006   1.00 100.00 ? 59  MET A CG  1 
ATOM 467  S SD  . MET A 1 59  ? -6.851  -19.434 1.278   1.00 100.00 ? 59  MET A SD  1 
ATOM 468  C CE  . MET A 1 59  ? -8.640  -19.538 1.149   1.00 100.00 ? 59  MET A CE  1 
ATOM 469  N N   . MET A 1 60  ? -3.778  -15.714 4.481   1.00 100.00 ? 60  MET A N   1 
ATOM 470  C CA  . MET A 1 60  ? -2.411  -15.172 4.712   1.00 100.00 ? 60  MET A CA  1 
ATOM 471  C C   . MET A 1 60  ? -2.163  -15.016 6.220   1.00 100.00 ? 60  MET A C   1 
ATOM 472  O O   . MET A 1 60  ? -3.111  -14.641 6.944   1.00 100.00 ? 60  MET A O   1 
ATOM 473  C CB  . MET A 1 60  ? -2.211  -13.812 4.034   1.00 100.00 ? 60  MET A CB  1 
ATOM 474  C CG  . MET A 1 60  ? -2.194  -13.878 2.524   1.00 100.00 ? 60  MET A CG  1 
ATOM 475  S SD  . MET A 1 60  ? -0.893  -14.959 1.902   1.00 100.00 ? 60  MET A SD  1 
ATOM 476  C CE  . MET A 1 60  ? -1.312  -14.983 0.156   1.00 100.00 ? 60  MET A CE  1 
ATOM 477  N N   . PRO A 1 61  ? -0.932  -15.273 6.718   1.00 100.00 ? 61  PRO A N   1 
ATOM 478  C CA  . PRO A 1 61  ? -0.664  -15.224 8.149   1.00 100.00 ? 61  PRO A CA  1 
ATOM 479  C C   . PRO A 1 61  ? -0.671  -13.800 8.675   1.00 100.00 ? 61  PRO A C   1 
ATOM 480  O O   . PRO A 1 61  ? -0.003  -12.945 8.058   1.00 100.00 ? 61  PRO A O   1 
ATOM 481  C CB  . PRO A 1 61  ? 0.725   -15.874 8.255   1.00 100.00 ? 61  PRO A CB  1 
ATOM 482  C CG  . PRO A 1 61  ? 1.386   -15.538 6.936   1.00 100.00 ? 61  PRO A CG  1 
ATOM 483  C CD  . PRO A 1 61  ? 0.252   -15.570 5.928   1.00 100.00 ? 61  PRO A CD  1 
ATOM 484  N N   . GLY A 1 62  ? -1.407  -13.527 9.760   1.00 100.00 ? 62  GLY A N   1 
ATOM 485  C CA  . GLY A 1 62  ? -1.436  -12.191 10.384  1.00 100.00 ? 62  GLY A CA  1 
ATOM 486  C C   . GLY A 1 62  ? -2.039  -12.248 11.773  1.00 100.00 ? 62  GLY A C   1 
ATOM 487  O O   . GLY A 1 62  ? -2.663  -13.277 12.103  1.00 100.00 ? 62  GLY A O   1 
ATOM 488  N N   . ASN A 1 63  ? -1.868  -11.185 12.564  1.00 100.00 ? 63  ASN A N   1 
ATOM 489  C CA  . ASN A 1 63  ? -2.478  -11.126 13.920  1.00 100.00 ? 63  ASN A CA  1 
ATOM 490  C C   . ASN A 1 63  ? -4.002  -11.172 13.767  1.00 100.00 ? 63  ASN A C   1 
ATOM 491  O O   . ASN A 1 63  ? -4.524  -10.543 12.822  1.00 100.00 ? 63  ASN A O   1 
ATOM 492  C CB  . ASN A 1 63  ? -2.009  -9.889  14.678  1.00 100.00 ? 63  ASN A CB  1 
ATOM 493  C CG  . ASN A 1 63  ? -2.563  -9.801  16.081  1.00 100.00 ? 63  ASN A CG  1 
ATOM 494  O OD1 . ASN A 1 63  ? -3.296  -10.691 16.525  1.00 100.00 ? 63  ASN A OD1 1 
ATOM 495  N ND2 . ASN A 1 63  ? -2.207  -8.748  16.802  1.00 100.00 ? 63  ASN A ND2 1 
ATOM 496  N N   . ARG A 1 64  ? -4.742  -11.824 14.657  1.00 100.00 ? 64  ARG A N   1 
ATOM 497  C CA  . ARG A 1 64  ? -6.208  -11.901 14.432  1.00 100.00 ? 64  ARG A CA  1 
ATOM 498  C C   . ARG A 1 64  ? -6.813  -10.492 14.394  1.00 100.00 ? 64  ARG A C   1 
ATOM 499  O O   . ARG A 1 64  ? -7.649  -10.239 13.511  1.00 100.00 ? 64  ARG A O   1 
ATOM 500  C CB  . ARG A 1 64  ? -6.894  -12.717 15.528  1.00 100.00 ? 64  ARG A CB  1 
ATOM 501  C CG  . ARG A 1 64  ? -8.402  -12.734 15.333  1.00 100.00 ? 64  ARG A CG  1 
ATOM 502  C CD  . ARG A 1 64  ? -8.783  -13.285 13.970  1.00 100.00 ? 64  ARG A CD  1 
ATOM 503  N NE  . ARG A 1 64  ? -10.230 -13.236 13.737  1.00 100.00 ? 64  ARG A NE  1 
ATOM 504  C CZ  . ARG A 1 64  ? -10.960 -12.130 13.726  1.00 100.00 ? 64  ARG A CZ  1 
ATOM 505  N NH1 . ARG A 1 64  ? -12.268 -12.212 13.570  1.00 100.00 ? 64  ARG A NH1 1 
ATOM 506  N NH2 . ARG A 1 64  ? -10.394 -10.948 13.874  1.00 100.00 ? 64  ARG A NH2 1 
ATOM 507  N N   . ALA A 1 65  ? -6.403  -9.603  15.298  1.00 100.00 ? 65  ALA A N   1 
ATOM 508  C CA  . ALA A 1 65  ? -7.011  -8.253  15.372  1.00 100.00 ? 65  ALA A CA  1 
ATOM 509  C C   . ALA A 1 65  ? -6.798  -7.513  14.056  1.00 100.00 ? 65  ALA A C   1 
ATOM 510  O O   . ALA A 1 65  ? -7.703  -6.785  13.635  1.00 100.00 ? 65  ALA A O   1 
ATOM 511  C CB  . ALA A 1 65  ? -6.415  -7.478  16.513  1.00 100.00 ? 65  ALA A CB  1 
ATOM 512  N N   . GLN A 1 66  ? -5.632  -7.679  13.437  1.00 100.00 ? 66  GLN A N   1 
ATOM 513  C CA  . GLN A 1 66  ? -5.319  -6.963  12.177  1.00 100.00 ? 66  GLN A CA  1 
ATOM 514  C C   . GLN A 1 66  ? -6.335  -7.313  11.086  1.00 100.00 ? 66  GLN A C   1 
ATOM 515  O O   . GLN A 1 66  ? -6.794  -6.384  10.416  1.00 100.00 ? 66  GLN A O   1 
ATOM 516  C CB  . GLN A 1 66  ? -3.964  -7.409  11.646  1.00 100.00 ? 66  GLN A CB  1 
ATOM 517  C CG  . GLN A 1 66  ? -3.619  -6.869  10.267  1.00 100.00 ? 66  GLN A CG  1 
ATOM 518  C CD  . GLN A 1 66  ? -2.351  -7.480  9.721   1.00 100.00 ? 66  GLN A CD  1 
ATOM 519  O OE1 . GLN A 1 66  ? -1.703  -8.313  10.364  1.00 100.00 ? 66  GLN A OE1 1 
ATOM 520  N NE2 . GLN A 1 66  ? -1.990  -7.076  8.516   1.00 100.00 ? 66  GLN A NE2 1 
ATOM 521  N N   . LYS A 1 67  ? -6.704  -8.594  10.990  1.00 100.00 ? 67  LYS A N   1 
ATOM 522  C CA  . LYS A 1 67  ? -7.749  -9.005  10.019  1.00 100.00 ? 67  LYS A CA  1 
ATOM 523  C C   . LYS A 1 67  ? -9.066  -8.313  10.400  1.00 100.00 ? 67  LYS A C   1 
ATOM 524  O O   . LYS A 1 67  ? -9.793  -7.895  9.478   1.00 100.00 ? 67  LYS A O   1 
ATOM 525  C CB  . LYS A 1 67  ? -7.905  -10.529 9.980   1.00 100.00 ? 67  LYS A CB  1 
ATOM 526  C CG  . LYS A 1 67  ? -6.665  -11.297 9.546   1.00 100.00 ? 67  LYS A CG  1 
ATOM 527  C CD  . LYS A 1 67  ? -6.902  -12.802 9.494   1.00 100.00 ? 67  LYS A CD  1 
ATOM 528  C CE  . LYS A 1 67  ? -5.693  -13.559 9.050   1.00 100.00 ? 67  LYS A CE  1 
ATOM 529  N NZ  . LYS A 1 67  ? -4.567  -13.341 9.961   1.00 100.00 ? 67  LYS A NZ  1 
ATOM 530  N N   . GLU A 1 68  ? -9.355  -8.184  11.700  1.00 100.00 ? 68  GLU A N   1 
ATOM 531  C CA  . GLU A 1 68  ? -10.569 -7.431  12.104  1.00 100.00 ? 68  GLU A CA  1 
ATOM 532  C C   . GLU A 1 68  ? -10.420 -5.990  11.611  1.00 100.00 ? 68  GLU A C   1 
ATOM 533  O O   . GLU A 1 68  ? -11.385 -5.452  11.031  1.00 100.00 ? 68  GLU A O   1 
ATOM 534  C CB  . GLU A 1 68  ? -10.757 -7.298  13.613  1.00 100.00 ? 68  GLU A CB  1 
ATOM 535  C CG  . GLU A 1 68  ? -12.057 -6.581  13.970  1.00 100.00 ? 68  GLU A CG  1 
ATOM 536  C CD  . GLU A 1 68  ? -13.349 -7.279  13.595  1.00 100.00 ? 68  GLU A CD  1 
ATOM 537  O OE1 . GLU A 1 68  ? -13.300 -8.476  13.256  1.00 100.00 ? 68  GLU A OE1 1 
ATOM 538  O OE2 . GLU A 1 68  ? -14.412 -6.624  13.652  1.00 100.00 ? 68  GLU A OE2 1 
ATOM 539  N N   . LEU A 1 69  ? -9.256  -5.390  11.875  1.00 100.00 ? 69  LEU A N   1 
ATOM 540  C CA  . LEU A 1 69  ? -8.994  -3.991  11.452  1.00 100.00 ? 69  LEU A CA  1 
ATOM 541  C C   . LEU A 1 69  ? -9.128  -3.904  9.927   1.00 100.00 ? 69  LEU A C   1 
ATOM 542  O O   . LEU A 1 69  ? -9.835  -2.999  9.448   1.00 100.00 ? 69  LEU A O   1 
ATOM 543  C CB  . LEU A 1 69  ? -7.590  -3.631  11.925  1.00 100.00 ? 69  LEU A CB  1 
ATOM 544  C CG  . LEU A 1 69  ? -7.355  -3.742  13.433  1.00 100.00 ? 69  LEU A CG  1 
ATOM 545  C CD1 . LEU A 1 69  ? -5.910  -3.475  13.806  1.00 100.00 ? 69  LEU A CD1 1 
ATOM 546  C CD2 . LEU A 1 69  ? -8.280  -2.801  14.178  1.00 100.00 ? 69  LEU A CD2 1 
ATOM 547  N N   . ILE A 1 70  ? -8.548  -4.831  9.151   1.00 100.00 ? 70  ILE A N   1 
ATOM 548  C CA  . ILE A 1 70  ? -8.601  -4.799  7.648   1.00 100.00 ? 70  ILE A CA  1 
ATOM 549  C C   . ILE A 1 70  ? -10.047 -4.952  7.148   1.00 100.00 ? 70  ILE A C   1 
ATOM 550  O O   . ILE A 1 70  ? -10.436 -4.194  6.252   1.00 100.00 ? 70  ILE A O   1 
ATOM 551  C CB  . ILE A 1 70  ? -7.693  -5.874  7.020   1.00 100.00 ? 70  ILE A CB  1 
ATOM 552  C CG1 . ILE A 1 70  ? -6.256  -5.737  7.493   1.00 100.00 ? 70  ILE A CG1 1 
ATOM 553  C CG2 . ILE A 1 70  ? -7.787  -5.859  5.496   1.00 100.00 ? 70  ILE A CG2 1 
ATOM 554  C CD1 . ILE A 1 70  ? -5.357  -6.863  7.029   1.00 100.00 ? 70  ILE A CD1 1 
ATOM 555  N N   . GLN A 1 71  ? -10.799 -5.918  7.666   1.00 100.00 ? 71  GLN A N   1 
ATOM 556  C CA  . GLN A 1 71  ? -12.220 -6.114  7.276   1.00 100.00 ? 71  GLN A CA  1 
ATOM 557  C C   . GLN A 1 71  ? -13.024 -4.933  7.816   1.00 100.00 ? 71  GLN A C   1 
ATOM 558  O O   . GLN A 1 71  ? -14.038 -4.578  7.196   1.00 100.00 ? 71  GLN A O   1 
ATOM 559  C CB  . GLN A 1 71  ? -12.814 -7.413  7.815   1.00 100.00 ? 71  GLN A CB  1 
ATOM 560  C CG  . GLN A 1 71  ? -14.237 -7.711  7.361   1.00 100.00 ? 71  GLN A CG  1 
ATOM 561  C CD  . GLN A 1 71  ? -14.356 -7.890  5.864   1.00 100.00 ? 71  GLN A CD  1 
ATOM 562  O OE1 . GLN A 1 71  ? -13.709 -8.755  5.265   1.00 100.00 ? 71  GLN A OE1 1 
ATOM 563  N NE2 . GLN A 1 71  ? -15.176 -7.056  5.243   1.00 100.00 ? 71  GLN A NE2 1 
ATOM 564  N N   . GLY A 1 72  ? -12.607 -4.382  8.960   1.00 100.00 ? 72  GLY A N   1 
ATOM 565  C CA  . GLY A 1 72  ? -13.284 -3.183  9.485   1.00 100.00 ? 72  GLY A CA  1 
ATOM 566  C C   . GLY A 1 72  ? -13.134 -2.059  8.484   1.00 100.00 ? 72  GLY A C   1 
ATOM 567  O O   . GLY A 1 72  ? -14.165 -1.487  8.076   1.00 100.00 ? 72  GLY A O   1 
ATOM 568  N N   . LYS A 1 73  ? -11.895 -1.780  8.071   1.00 100.00 ? 73  LYS A N   1 
ATOM 569  C CA  . LYS A 1 73  ? -11.643 -0.731  7.052   1.00 100.00 ? 73  LYS A CA  1 
ATOM 570  C C   . LYS A 1 73  ? -12.329 -1.136  5.740   1.00 100.00 ? 73  LYS A C   1 
ATOM 571  O O   . LYS A 1 73  ? -12.859 -0.245  5.052   1.00 100.00 ? 73  LYS A O   1 
ATOM 572  C CB  . LYS A 1 73  ? -10.136 -0.567  6.834   1.00 100.00 ? 73  LYS A CB  1 
ATOM 573  C CG  . LYS A 1 73  ? -9.346  -0.179  8.073   1.00 100.00 ? 73  LYS A CG  1 
ATOM 574  C CD  . LYS A 1 73  ? -9.760  1.154   8.682   1.00 100.00 ? 73  LYS A CD  1 
ATOM 575  C CE  . LYS A 1 73  ? -8.923  1.491   9.872   1.00 100.00 ? 73  LYS A CE  1 
ATOM 576  N NZ  . LYS A 1 73  ? -9.315  2.770   10.465  1.00 100.00 ? 73  LYS A NZ  1 
ATOM 577  N N   . LEU A 1 74  ? -12.305 -2.430  5.410   1.00 100.00 ? 74  LEU A N   1 
ATOM 578  C CA  . LEU A 1 74  ? -12.921 -2.914  4.148   1.00 100.00 ? 74  LEU A CA  1 
ATOM 579  C C   . LEU A 1 74  ? -14.424 -2.602  4.190   1.00 100.00 ? 74  LEU A C   1 
ATOM 580  O O   . LEU A 1 74  ? -14.962 -2.148  3.158   1.00 100.00 ? 74  LEU A O   1 
ATOM 581  C CB  . LEU A 1 74  ? -12.643 -4.407  4.004   1.00 100.00 ? 74  LEU A CB  1 
ATOM 582  C CG  . LEU A 1 74  ? -13.157 -5.082  2.730   1.00 100.00 ? 74  LEU A CG  1 
ATOM 583  C CD1 . LEU A 1 74  ? -12.538 -4.411  1.523   1.00 100.00 ? 74  LEU A CD1 1 
ATOM 584  C CD2 . LEU A 1 74  ? -12.767 -6.548  2.759   1.00 100.00 ? 74  LEU A CD2 1 
ATOM 585  N N   . ASN A 1 75  ? -15.067 -2.820  5.340   1.00 100.00 ? 75  ASN A N   1 
ATOM 586  C CA  . ASN A 1 75  ? -16.506 -2.460  5.483   1.00 100.00 ? 75  ASN A CA  1 
ATOM 587  C C   . ASN A 1 75  ? -16.655 -0.944  5.333   1.00 100.00 ? 75  ASN A C   1 
ATOM 588  O O   . ASN A 1 75  ? -17.629 -0.504  4.689   1.00 100.00 ? 75  ASN A O   1 
ATOM 589  C CB  . ASN A 1 75  ? -17.088 -2.965  6.798   1.00 100.00 ? 75  ASN A CB  1 
ATOM 590  C CG  . ASN A 1 75  ? -17.069 -4.472  6.883   1.00 100.00 ? 75  ASN A CG  1 
ATOM 591  O OD1 . ASN A 1 75  ? -16.642 -5.141  5.938   1.00 100.00 ? 75  ASN A OD1 1 
ATOM 592  N ND2 . ASN A 1 75  ? -17.546 -5.023  7.991   1.00 100.00 ? 75  ASN A ND2 1 
ATOM 593  N N   . GLU A 1 76  ? -15.709 -0.154  5.844   1.00 100.00 ? 76  GLU A N   1 
ATOM 594  C CA  . GLU A 1 76  ? -15.764 1.319   5.651   1.00 100.00 ? 76  GLU A CA  1 
ATOM 595  C C   . GLU A 1 76  ? -15.771 1.620   4.143   1.00 100.00 ? 76  GLU A C   1 
ATOM 596  O O   . GLU A 1 76  ? -16.519 2.526   3.728   1.00 100.00 ? 76  GLU A O   1 
ATOM 597  C CB  . GLU A 1 76  ? -14.610 2.059   6.327   1.00 100.00 ? 76  GLU A CB  1 
ATOM 598  C CG  . GLU A 1 76  ? -14.564 1.873   7.840   1.00 100.00 ? 76  GLU A CG  1 
ATOM 599  C CD  . GLU A 1 76  ? -13.327 2.437   8.515   1.00 100.00 ? 76  GLU A CD  1 
ATOM 600  O OE1 . GLU A 1 76  ? -12.458 2.997   7.814   1.00 100.00 ? 76  GLU A OE1 1 
ATOM 601  O OE2 . GLU A 1 76  ? -13.228 2.306   9.753   1.00 100.00 ? 76  GLU A OE2 1 
ATOM 602  N N   . GLU A 1 77  ? -14.958 0.908   3.356   1.00 100.00 ? 77  GLU A N   1 
ATOM 603  C CA  . GLU A 1 77  ? -14.886 1.146   1.891   1.00 100.00 ? 77  GLU A CA  1 
ATOM 604  C C   . GLU A 1 77  ? -16.244 0.809   1.271   1.00 100.00 ? 77  GLU A C   1 
ATOM 605  O O   . GLU A 1 77  ? -16.690 1.572   0.395   1.00 100.00 ? 77  GLU A O   1 
ATOM 606  C CB  . GLU A 1 77  ? -13.892 0.275   1.122   1.00 100.00 ? 77  GLU A CB  1 
ATOM 607  C CG  . GLU A 1 77  ? -12.494 0.184   1.730   1.00 100.00 ? 77  GLU A CG  1 
ATOM 608  C CD  . GLU A 1 77  ? -11.718 1.481   1.863   1.00 100.00 ? 77  GLU A CD  1 
ATOM 609  O OE1 . GLU A 1 77  ? -12.231 2.550   1.475   1.00 100.00 ? 77  GLU A OE1 1 
ATOM 610  O OE2 . GLU A 1 77  ? -10.577 1.410   2.363   1.00 100.00 ? 77  GLU A OE2 1 
ATOM 611  N N   . ALA A 1 78  ? -16.872 -0.288  1.696   1.00 100.00 ? 78  ALA A N   1 
ATOM 612  C CA  . ALA A 1 78  ? -18.148 -0.752  1.106   1.00 100.00 ? 78  ALA A CA  1 
ATOM 613  C C   . ALA A 1 78  ? -19.270 0.251   1.358   1.00 100.00 ? 78  ALA A C   1 
ATOM 614  O O   . ALA A 1 78  ? -20.013 0.563   0.409   1.00 100.00 ? 78  ALA A O   1 
ATOM 615  C CB  . ALA A 1 78  ? -18.502 -2.098  1.680   1.00 100.00 ? 78  ALA A CB  1 
ATOM 616  N N   . GLU A 1 79  ? -19.386 0.751   2.588   1.00 100.00 ? 79  GLU A N   1 
ATOM 617  C CA  . GLU A 1 79  ? -20.480 1.697   2.929   1.00 100.00 ? 79  GLU A CA  1 
ATOM 618  C C   . GLU A 1 79  ? -20.245 2.962   2.100   1.00 100.00 ? 79  GLU A C   1 
ATOM 619  O O   . GLU A 1 79  ? -21.224 3.497   1.545   1.00 100.00 ? 79  GLU A O   1 
ATOM 620  C CB  . GLU A 1 79  ? -20.560 1.987   4.428   1.00 100.00 ? 79  GLU A CB  1 
ATOM 621  C CG  . GLU A 1 79  ? -19.285 2.576   5.024   1.00 100.00 ? 79  GLU A CG  1 
ATOM 622  C CD  . GLU A 1 79  ? -19.361 2.895   6.505   1.00 100.00 ? 79  GLU A CD  1 
ATOM 623  O OE1 . GLU A 1 79  ? -20.423 2.658   7.117   1.00 100.00 ? 79  GLU A OE1 1 
ATOM 624  O OE2 . GLU A 1 79  ? -18.349 3.386   7.049   1.00 100.00 ? 79  GLU A OE2 1 
ATOM 625  N N   . ARG A 1 80  ? -18.986 3.378   1.978   1.00 100.00 ? 80  ARG A N   1 
ATOM 626  C CA  . ARG A 1 80  ? -18.632 4.581   1.189   1.00 100.00 ? 80  ARG A CA  1 
ATOM 627  C C   . ARG A 1 80  ? -19.029 4.339   -0.270  1.00 100.00 ? 80  ARG A C   1 
ATOM 628  O O   . ARG A 1 80  ? -19.574 5.272   -0.890  1.00 100.00 ? 80  ARG A O   1 
ATOM 629  C CB  . ARG A 1 80  ? -17.132 4.827   1.352   1.00 100.00 ? 80  ARG A CB  1 
ATOM 630  C CG  . ARG A 1 80  ? -16.557 5.931   0.479   1.00 100.00 ? 80  ARG A CG  1 
ATOM 631  C CD  . ARG A 1 80  ? -15.046 5.992   0.588   1.00 100.00 ? 80  ARG A CD  1 
ATOM 632  N NE  . ARG A 1 80  ? -14.430 4.712   0.216   1.00 100.00 ? 80  ARG A NE  1 
ATOM 633  C CZ  . ARG A 1 80  ? -13.590 4.484   -0.788  1.00 100.00 ? 80  ARG A CZ  1 
ATOM 634  N NH1 . ARG A 1 80  ? -12.997 5.476   -1.431  1.00 100.00 ? 80  ARG A NH1 1 
ATOM 635  N NH2 . ARG A 1 80  ? -13.331 3.237   -1.138  1.00 100.00 ? 80  ARG A NH2 1 
ATOM 636  N N   . TRP A 1 81  ? -18.790 3.132   -0.784  1.00 100.00 ? 81  TRP A N   1 
ATOM 637  C CA  . TRP A 1 81  ? -19.092 2.805   -2.199  1.00 100.00 ? 81  TRP A CA  1 
ATOM 638  C C   . TRP A 1 81  ? -20.593 2.910   -2.435  1.00 100.00 ? 81  TRP A C   1 
ATOM 639  O O   . TRP A 1 81  ? -20.996 3.390   -3.507  1.00 100.00 ? 81  TRP A O   1 
ATOM 640  C CB  . TRP A 1 81  ? -18.598 1.399   -2.549  1.00 100.00 ? 81  TRP A CB  1 
ATOM 641  C CG  . TRP A 1 81  ? -18.565 1.124   -4.027  1.00 100.00 ? 81  TRP A CG  1 
ATOM 642  C CD1 . TRP A 1 81  ? -17.499 1.260   -4.866  1.00 100.00 ? 81  TRP A CD1 1 
ATOM 643  C CD2 . TRP A 1 81  ? -19.666 0.680   -4.844  1.00 100.00 ? 81  TRP A CD2 1 
ATOM 644  N NE1 . TRP A 1 81  ? -17.853 0.916   -6.142  1.00 100.00 ? 81  TRP A NE1 1 
ATOM 645  C CE2 . TRP A 1 81  ? -19.175 0.560   -6.161  1.00 100.00 ? 81  TRP A CE2 1 
ATOM 646  C CE3 . TRP A 1 81  ? -21.006 0.372   -4.590  1.00 100.00 ? 81  TRP A CE3 1 
ATOM 647  C CZ2 . TRP A 1 81  ? -19.981 0.148   -7.218  1.00 100.00 ? 81  TRP A CZ2 1 
ATOM 648  C CZ3 . TRP A 1 81  ? -21.801 -0.032  -5.638  1.00 100.00 ? 81  TRP A CZ3 1 
ATOM 649  C CH2 . TRP A 1 81  ? -21.294 -0.142  -6.932  1.00 100.00 ? 81  TRP A CH2 1 
ATOM 650  N N   . VAL A 1 82  ? -21.393 2.436   -1.482  1.00 100.00 ? 82  VAL A N   1 
ATOM 651  C CA  . VAL A 1 82  ? -22.877 2.476   -1.620  1.00 100.00 ? 82  VAL A CA  1 
ATOM 652  C C   . VAL A 1 82  ? -23.321 3.946   -1.642  1.00 100.00 ? 82  VAL A C   1 
ATOM 653  O O   . VAL A 1 82  ? -24.192 4.287   -2.464  1.00 100.00 ? 82  VAL A O   1 
ATOM 654  C CB  . VAL A 1 82  ? -23.584 1.699   -0.495  1.00 30.00  ? 82  VAL A CB  1 
ATOM 655  C CG1 . VAL A 1 82  ? -25.092 1.918   -0.509  1.00 30.00  ? 82  VAL A CG1 1 
ATOM 656  C CG2 . VAL A 1 82  ? -23.267 0.212   -0.557  1.00 30.00  ? 82  VAL A CG2 1 
ATOM 657  N N   . ARG A 1 83  ? -22.759 4.775   -0.762  1.00 100.00 ? 83  ARG A N   1 
ATOM 658  C CA  . ARG A 1 83  ? -23.158 6.203   -0.689  1.00 100.00 ? 83  ARG A CA  1 
ATOM 659  C C   . ARG A 1 83  ? -22.740 6.923   -1.975  1.00 100.00 ? 83  ARG A C   1 
ATOM 660  O O   . ARG A 1 83  ? -23.577 7.661   -2.530  1.00 100.00 ? 83  ARG A O   1 
ATOM 661  C CB  . ARG A 1 83  ? -22.502 6.897   0.506   1.00 100.00 ? 83  ARG A CB  1 
ATOM 662  C CG  . ARG A 1 83  ? -22.955 6.386   1.865   1.00 100.00 ? 83  ARG A CG  1 
ATOM 663  C CD  . ARG A 1 83  ? -22.265 7.124   2.998   1.00 100.00 ? 83  ARG A CD  1 
ATOM 664  N NE  . ARG A 1 83  ? -20.807 6.993   2.915   1.00 100.00 ? 83  ARG A NE  1 
ATOM 665  C CZ  . ARG A 1 83  ? -19.918 7.539   3.734   1.00 100.00 ? 83  ARG A CZ  1 
ATOM 666  N NH1 . ARG A 1 83  ? -20.301 8.245   4.783   1.00 100.00 ? 83  ARG A NH1 1 
ATOM 667  N NH2 . ARG A 1 83  ? -18.629 7.383   3.488   1.00 100.00 ? 83  ARG A NH2 1 
ATOM 668  N N   . GLN A 1 84  ? -21.508 6.700   -2.438  1.00 100.00 ? 84  GLN A N   1 
ATOM 669  C CA  . GLN A 1 84  ? -20.987 7.399   -3.645  1.00 100.00 ? 84  GLN A CA  1 
ATOM 670  C C   . GLN A 1 84  ? -21.748 6.887   -4.878  1.00 100.00 ? 84  GLN A C   1 
ATOM 671  O O   . GLN A 1 84  ? -22.031 7.717   -5.767  1.00 100.00 ? 84  GLN A O   1 
ATOM 672  C CB  . GLN A 1 84  ? -19.468 7.251   -3.755  1.00 30.00  ? 84  GLN A CB  1 
ATOM 673  C CG  . GLN A 1 84  ? -18.991 5.853   -4.125  1.00 30.00  ? 84  GLN A CG  1 
ATOM 674  C CD  . GLN A 1 84  ? -17.484 5.716   -4.117  1.00 30.00  ? 84  GLN A CD  1 
ATOM 675  O OE1 . GLN A 1 84  ? -16.747 6.658   -3.809  1.00 30.00  ? 84  GLN A OE1 1 
ATOM 676  N NE2 . GLN A 1 84  ? -17.014 4.525   -4.456  1.00 30.00  ? 84  GLN A NE2 1 
ATOM 677  N N   . ASN A 1 85  ? -22.048 5.586   -4.936  1.00 66.15  ? 85  ASN A N   1 
ATOM 678  C CA  . ASN A 1 85  ? -22.810 4.987   -6.068  1.00 66.15  ? 85  ASN A CA  1 
ATOM 679  C C   . ASN A 1 85  ? -24.192 4.584   -5.552  1.00 66.15  ? 85  ASN A C   1 
ATOM 680  O O   . ASN A 1 85  ? -24.306 3.478   -4.984  1.00 66.15  ? 85  ASN A O   1 
ATOM 681  C CB  . ASN A 1 85  ? -22.074 3.795   -6.664  1.00 66.15  ? 85  ASN A CB  1 
ATOM 682  C CG  . ASN A 1 85  ? -20.652 4.135   -7.035  1.00 66.15  ? 85  ASN A CG  1 
ATOM 683  O OD1 . ASN A 1 85  ? -19.711 3.520   -6.520  1.00 66.15  ? 85  ASN A OD1 1 
ATOM 684  N ND2 . ASN A 1 85  ? -20.472 5.107   -7.916  1.00 66.15  ? 85  ASN A ND2 1 
ATOM 685  N N   . PRO A 1 86  ? -25.259 5.384   -5.762  1.00 96.39  ? 86  PRO A N   1 
ATOM 686  C CA  . PRO A 1 86  ? -26.562 5.059   -5.205  1.00 96.39  ? 86  PRO A CA  1 
ATOM 687  C C   . PRO A 1 86  ? -27.119 3.805   -5.851  1.00 96.39  ? 86  PRO A C   1 
ATOM 688  O O   . PRO A 1 86  ? -26.759 3.496   -7.002  1.00 96.39  ? 86  PRO A O   1 
ATOM 689  C CB  . PRO A 1 86  ? -27.418 6.294   -5.504  1.00 96.39  ? 86  PRO A CB  1 
ATOM 690  C CG  . PRO A 1 86  ? -26.408 7.375   -5.804  1.00 96.39  ? 86  PRO A CG  1 
ATOM 691  C CD  . PRO A 1 86  ? -25.273 6.638   -6.490  1.00 96.39  ? 86  PRO A CD  1 
ATOM 692  N N   . PRO A 1 87  ? -27.986 3.040   -5.154  1.00 94.62  ? 87  PRO A N   1 
ATOM 693  C CA  . PRO A 1 87  ? -28.504 1.792   -5.689  1.00 94.62  ? 87  PRO A CA  1 
ATOM 694  C C   . PRO A 1 87  ? -29.027 2.060   -7.073  1.00 94.62  ? 87  PRO A C   1 
ATOM 695  O O   . PRO A 1 87  ? -29.759 3.041   -7.260  1.00 94.62  ? 87  PRO A O   1 
ATOM 696  C CB  . PRO A 1 87  ? -29.601 1.412   -4.699  1.00 94.62  ? 87  PRO A CB  1 
ATOM 697  C CG  . PRO A 1 87  ? -29.095 1.957   -3.386  1.00 94.62  ? 87  PRO A CG  1 
ATOM 698  C CD  . PRO A 1 87  ? -28.420 3.264   -3.767  1.00 94.62  ? 87  PRO A CD  1 
ATOM 699  N N   . GLY A 1 88  ? -28.660 1.213   -8.026  1.00 53.89  ? 88  GLY A N   1 
ATOM 700  C CA  . GLY A 1 88  ? -29.084 1.405   -9.422  1.00 53.89  ? 88  GLY A CA  1 
ATOM 701  C C   . GLY A 1 88  ? -29.493 0.086   -10.054 1.00 53.89  ? 88  GLY A C   1 
ATOM 702  O O   . GLY A 1 88  ? -29.165 -0.967  -9.470  1.00 53.89  ? 88  GLY A O   1 
ATOM 703  N N   . PRO A 1 89  ? -30.189 0.076   -11.215 1.00 30.00  ? 89  PRO A N   1 
ATOM 704  C CA  . PRO A 1 89  ? -30.670 -1.173  -11.797 1.00 30.00  ? 89  PRO A CA  1 
ATOM 705  C C   . PRO A 1 89  ? -29.593 -2.178  -12.224 1.00 30.00  ? 89  PRO A C   1 
ATOM 706  O O   . PRO A 1 89  ? -29.745 -3.374  -11.913 1.00 30.00  ? 89  PRO A O   1 
ATOM 707  C CB  . PRO A 1 89  ? -31.461 -0.656  -13.008 1.00 30.00  ? 89  PRO A CB  1 
ATOM 708  C CG  . PRO A 1 89  ? -30.772 0.640   -13.366 1.00 30.00  ? 89  PRO A CG  1 
ATOM 709  C CD  . PRO A 1 89  ? -30.489 1.253   -12.011 1.00 30.00  ? 89  PRO A CD  1 
ATOM 710  N N   . ASN A 1 90  ? -28.489 -1.683  -12.799 1.00 46.10  ? 90  ASN A N   1 
ATOM 711  C CA  . ASN A 1 90  ? -27.346 -2.539  -13.228 1.00 46.10  ? 90  ASN A CA  1 
ATOM 712  C C   . ASN A 1 90  ? -26.104 -2.179  -12.406 1.00 46.10  ? 90  ASN A C   1 
ATOM 713  O O   . ASN A 1 90  ? -25.021 -2.727  -12.708 1.00 46.10  ? 90  ASN A O   1 
ATOM 714  C CB  . ASN A 1 90  ? -27.083 -2.405  -14.724 1.00 30.00  ? 90  ASN A CB  1 
ATOM 715  C CG  . ASN A 1 90  ? -26.729 -0.993  -15.129 1.00 30.00  ? 90  ASN A CG  1 
ATOM 716  O OD1 . ASN A 1 90  ? -26.692 -0.086  -14.290 1.00 30.00  ? 90  ASN A OD1 1 
ATOM 717  N ND2 . ASN A 1 90  ? -26.473 -0.785  -16.412 1.00 30.00  ? 90  ASN A ND2 1 
ATOM 718  N N   . VAL A 1 91  ? -26.245 -1.303  -11.406 1.00 76.69  ? 91  VAL A N   1 
ATOM 719  C CA  . VAL A 1 91  ? -25.107 -0.890  -10.532 1.00 76.69  ? 91  VAL A CA  1 
ATOM 720  C C   . VAL A 1 91  ? -24.693 -2.103  -9.689  1.00 76.69  ? 91  VAL A C   1 
ATOM 721  O O   . VAL A 1 91  ? -25.590 -2.871  -9.286  1.00 76.69  ? 91  VAL A O   1 
ATOM 722  C CB  . VAL A 1 91  ? -25.489 0.315   -9.652  1.00 30.00  ? 91  VAL A CB  1 
ATOM 723  C CG1 . VAL A 1 91  ? -24.416 0.651   -8.624  1.00 30.00  ? 91  VAL A CG1 1 
ATOM 724  C CG2 . VAL A 1 91  ? -25.811 1.540   -10.495 1.00 30.00  ? 91  VAL A CG2 1 
ATOM 725  N N   . LEU A 1 92  ? -23.395 -2.260  -9.421  1.00 100.00 ? 92  LEU A N   1 
ATOM 726  C CA  . LEU A 1 92  ? -22.892 -3.426  -8.653  1.00 100.00 ? 92  LEU A CA  1 
ATOM 727  C C   . LEU A 1 92  ? -23.354 -3.267  -7.202  1.00 100.00 ? 92  LEU A C   1 
ATOM 728  O O   . LEU A 1 92  ? -23.620 -2.124  -6.801  1.00 100.00 ? 92  LEU A O   1 
ATOM 729  C CB  . LEU A 1 92  ? -21.373 -3.560  -8.727  1.00 100.00 ? 92  LEU A CB  1 
ATOM 730  C CG  . LEU A 1 92  ? -20.791 -4.040  -10.059 1.00 100.00 ? 92  LEU A CG  1 
ATOM 731  C CD1 . LEU A 1 92  ? -20.883 -2.998  -11.155 1.00 100.00 ? 92  LEU A CD1 1 
ATOM 732  C CD2 . LEU A 1 92  ? -19.357 -4.470  -9.846  1.00 100.00 ? 92  LEU A CD2 1 
ATOM 733  N N   . THR A 1 93  ? -23.481 -4.364  -6.460  1.00 100.00 ? 93  THR A N   1 
ATOM 734  C CA  . THR A 1 93  ? -23.887 -4.341  -5.043  1.00 100.00 ? 93  THR A CA  1 
ATOM 735  C C   . THR A 1 93  ? -22.670 -4.717  -4.247  1.00 100.00 ? 93  THR A C   1 
ATOM 736  O O   . THR A 1 93  ? -21.783 -5.381  -4.819  1.00 100.00 ? 93  THR A O   1 
ATOM 737  C CB  . THR A 1 93  ? -25.033 -5.317  -4.798  1.00 100.00 ? 93  THR A CB  1 
ATOM 738  O OG1 . THR A 1 93  ? -24.412 -6.594  -4.683  1.00 100.00 ? 93  THR A OG1 1 
ATOM 739  C CG2 . THR A 1 93  ? -26.059 -5.305  -5.916  1.00 100.00 ? 93  THR A CG2 1 
ATOM 740  N N   . VAL A 1 94  ? -22.608 -4.330  -2.978  1.00 100.00 ? 94  VAL A N   1 
ATOM 741  C CA  . VAL A 1 94  ? -21.383 -4.600  -2.178  1.00 100.00 ? 94  VAL A CA  1 
ATOM 742  C C   . VAL A 1 94  ? -21.202 -6.119  -2.220  1.00 100.00 ? 94  VAL A C   1 
ATOM 743  O O   . VAL A 1 94  ? -20.058 -6.564  -2.360  1.00 100.00 ? 94  VAL A O   1 
ATOM 744  C CB  . VAL A 1 94  ? -21.432 -4.079  -0.732  1.00 100.00 ? 94  VAL A CB  1 
ATOM 745  C CG1 . VAL A 1 94  ? -20.305 -4.652  0.117   1.00 100.00 ? 94  VAL A CG1 1 
ATOM 746  C CG2 . VAL A 1 94  ? -21.412 -2.557  -0.689  1.00 100.00 ? 94  VAL A CG2 1 
ATOM 747  N N   . ASP A 1 95  ? -22.300 -6.871  -2.153  1.00 100.00 ? 95  ASP A N   1 
ATOM 748  C CA  . ASP A 1 95  ? -22.223 -8.354  -2.176  1.00 100.00 ? 95  ASP A CA  1 
ATOM 749  C C   . ASP A 1 95  ? -21.598 -8.812  -3.493  1.00 100.00 ? 95  ASP A C   1 
ATOM 750  O O   . ASP A 1 95  ? -20.648 -9.604  -3.430  1.00 100.00 ? 95  ASP A O   1 
ATOM 751  C CB  . ASP A 1 95  ? -23.590 -8.986  -1.981  1.00 100.00 ? 95  ASP A CB  1 
ATOM 752  C CG  . ASP A 1 95  ? -24.225 -8.763  -0.616  1.00 100.00 ? 95  ASP A CG  1 
ATOM 753  O OD1 . ASP A 1 95  ? -23.591 -8.091  0.225   1.00 100.00 ? 95  ASP A OD1 1 
ATOM 754  O OD2 . ASP A 1 95  ? -25.347 -9.267  -0.406  1.00 100.00 ? 95  ASP A OD2 1 
ATOM 755  N N   . GLN A 1 96  ? -22.124 -8.373  -4.641  1.00 100.00 ? 96  GLN A N   1 
ATOM 756  C CA  . GLN A 1 96  ? -21.555 -8.730  -5.968  1.00 100.00 ? 96  GLN A CA  1 
ATOM 757  C C   . GLN A 1 96  ? -20.052 -8.421  -5.973  1.00 100.00 ? 96  GLN A C   1 
ATOM 758  O O   . GLN A 1 96  ? -19.281 -9.276  -6.459  1.00 100.00 ? 96  GLN A O   1 
ATOM 759  C CB  . GLN A 1 96  ? -22.252 -7.967  -7.092  1.00 100.00 ? 96  GLN A CB  1 
ATOM 760  C CG  . GLN A 1 96  ? -23.705 -8.376  -7.309  1.00 100.00 ? 96  GLN A CG  1 
ATOM 761  C CD  . GLN A 1 96  ? -24.395 -7.574  -8.390  1.00 100.00 ? 96  GLN A CD  1 
ATOM 762  O OE1 . GLN A 1 96  ? -23.795 -6.709  -9.039  1.00 100.00 ? 96  GLN A OE1 1 
ATOM 763  N NE2 . GLN A 1 96  ? -25.669 -7.865  -8.602  1.00 100.00 ? 96  GLN A NE2 1 
ATOM 764  N N   . ILE A 1 97  ? -19.658 -7.249  -5.470  1.00 100.00 ? 97  ILE A N   1 
ATOM 765  C CA  . ILE A 1 97  ? -18.227 -6.817  -5.436  1.00 100.00 ? 97  ILE A CA  1 
ATOM 766  C C   . ILE A 1 97  ? -17.460 -7.697  -4.434  1.00 100.00 ? 97  ILE A C   1 
ATOM 767  O O   . ILE A 1 97  ? -16.290 -8.015  -4.724  1.00 100.00 ? 97  ILE A O   1 
ATOM 768  C CB  . ILE A 1 97  ? -18.132 -5.317  -5.102  1.00 100.00 ? 97  ILE A CB  1 
ATOM 769  C CG1 . ILE A 1 97  ? -18.838 -4.468  -6.163  1.00 100.00 ? 97  ILE A CG1 1 
ATOM 770  C CG2 . ILE A 1 97  ? -16.678 -4.885  -4.917  1.00 100.00 ? 97  ILE A CG2 1 
ATOM 771  C CD1 . ILE A 1 97  ? -18.998 -3.004  -5.797  1.00 100.00 ? 97  ILE A CD1 1 
ATOM 772  N N   . MET A 1 98  ? -18.094 -8.102  -3.330  1.00 100.00 ? 98  MET A N   1 
ATOM 773  C CA  . MET A 1 98  ? -17.431 -8.900  -2.263  1.00 100.00 ? 98  MET A CA  1 
ATOM 774  C C   . MET A 1 98  ? -17.620 -10.398 -2.549  1.00 100.00 ? 98  MET A C   1 
ATOM 775  O O   . MET A 1 98  ? -17.375 -11.202 -1.623  1.00 100.00 ? 98  MET A O   1 
ATOM 776  C CB  . MET A 1 98  ? -18.009 -8.533  -0.892  1.00 100.00 ? 98  MET A CB  1 
ATOM 777  C CG  . MET A 1 98  ? -17.639 -7.135  -0.425  1.00 100.00 ? 98  MET A CG  1 
ATOM 778  S SD  . MET A 1 98  ? -15.880 -6.951  -0.069  1.00 100.00 ? 98  MET A SD  1 
ATOM 779  C CE  . MET A 1 98  ? -15.708 -8.068  1.329   1.00 100.00 ? 98  MET A CE  1 
ATOM 780  N N   . GLY A 1 99  ? -18.031 -10.776 -3.763  1.00 100.00 ? 99  GLY A N   1 
ATOM 781  C CA  . GLY A 1 99  ? -18.166 -12.186 -4.182  1.00 100.00 ? 99  GLY A CA  1 
ATOM 782  C C   . GLY A 1 99  ? -18.975 -12.981 -3.179  1.00 100.00 ? 99  GLY A C   1 
ATOM 783  O O   . GLY A 1 99  ? -18.414 -13.929 -2.592  1.00 100.00 ? 99  GLY A O   1 
ATOM 784  N N   . VAL A 1 100 ? -20.226 -12.570 -2.967  1.00 100.00 ? 100 VAL A N   1 
ATOM 785  C CA  . VAL A 1 100 ? -21.112 -13.255 -1.984  1.00 100.00 ? 100 VAL A CA  1 
ATOM 786  C C   . VAL A 1 100 ? -22.115 -14.114 -2.762  1.00 100.00 ? 100 VAL A C   1 
ATOM 787  O O   . VAL A 1 100 ? -22.766 -13.575 -3.679  1.00 100.00 ? 100 VAL A O   1 
ATOM 788  C CB  . VAL A 1 100 ? -21.833 -12.215 -1.110  1.00 100.00 ? 100 VAL A CB  1 
ATOM 789  C CG1 . VAL A 1 100 ? -22.828 -12.866 -0.157  1.00 100.00 ? 100 VAL A CG1 1 
ATOM 790  C CG2 . VAL A 1 100 ? -20.849 -11.339 -0.345  1.00 100.00 ? 100 VAL A CG2 1 
ATOM 791  N N   . GLY A 1 101 ? -22.229 -15.394 -2.404  1.00 98.28  ? 101 GLY A N   1 
ATOM 792  C CA  . GLY A 1 101 ? -23.194 -16.289 -3.071  1.00 98.28  ? 101 GLY A CA  1 
ATOM 793  C C   . GLY A 1 101 ? -22.934 -16.394 -4.559  1.00 98.28  ? 101 GLY A C   1 
ATOM 794  O O   . GLY A 1 101 ? -23.916 -16.450 -5.326  1.00 98.28  ? 101 GLY A O   1 
ATOM 795  N N   . GLN A 1 102 ? -21.665 -16.445 -4.968  1.00 100.00 ? 102 GLN A N   1 
ATOM 796  C CA  . GLN A 1 102 ? -21.358 -16.659 -6.404  1.00 100.00 ? 102 GLN A CA  1 
ATOM 797  C C   . GLN A 1 102 ? -20.460 -17.893 -6.524  1.00 100.00 ? 102 GLN A C   1 
ATOM 798  O O   . GLN A 1 102 ? -19.545 -18.030 -5.698  1.00 100.00 ? 102 GLN A O   1 
ATOM 799  C CB  . GLN A 1 102 ? -20.663 -15.448 -7.020  1.00 100.00 ? 102 GLN A CB  1 
ATOM 800  C CG  . GLN A 1 102 ? -21.498 -14.172 -7.002  1.00 100.00 ? 102 GLN A CG  1 
ATOM 801  C CD  . GLN A 1 102 ? -20.805 -13.008 -7.673  1.00 100.00 ? 102 GLN A CD  1 
ATOM 802  O OE1 . GLN A 1 102 ? -19.713 -12.590 -7.274  1.00 100.00 ? 102 GLN A OE1 1 
ATOM 803  N NE2 . GLN A 1 102 ? -21.435 -12.476 -8.711  1.00 100.00 ? 102 GLN A NE2 1 
ATOM 804  N N   . THR A 1 103 ? -20.731 -18.766 -7.492  1.00 100.00 ? 103 THR A N   1 
ATOM 805  C CA  . THR A 1 103 ? -19.839 -19.918 -7.711  1.00 100.00 ? 103 THR A CA  1 
ATOM 806  C C   . THR A 1 103 ? -18.577 -19.375 -8.321  1.00 100.00 ? 103 THR A C   1 
ATOM 807  O O   . THR A 1 103 ? -18.641 -18.289 -8.927  1.00 100.00 ? 103 THR A O   1 
ATOM 808  C CB  . THR A 1 103 ? -20.509 -20.933 -8.629  1.00 100.00 ? 103 THR A CB  1 
ATOM 809  O OG1 . THR A 1 103 ? -20.478 -20.326 -9.917  1.00 100.00 ? 103 THR A OG1 1 
ATOM 810  C CG2 . THR A 1 103 ? -21.932 -21.249 -8.204  1.00 100.00 ? 103 THR A CG2 1 
ATOM 811  N N   . ASN A 1 104 ? -17.469 -20.103 -8.223  1.00 100.00 ? 104 ASN A N   1 
ATOM 812  C CA  . ASN A 1 104 ? -16.202 -19.510 -8.715  1.00 100.00 ? 104 ASN A CA  1 
ATOM 813  C C   . ASN A 1 104 ? -16.384 -19.172 -10.196 1.00 100.00 ? 104 ASN A C   1 
ATOM 814  O O   . ASN A 1 104 ? -15.937 -18.087 -10.610 1.00 100.00 ? 104 ASN A O   1 
ATOM 815  C CB  . ASN A 1 104 ? -15.021 -20.434 -8.463  1.00 100.00 ? 104 ASN A CB  1 
ATOM 816  C CG  . ASN A 1 104 ? -14.802 -20.674 -6.990  1.00 100.00 ? 104 ASN A CG  1 
ATOM 817  O OD1 . ASN A 1 104 ? -15.544 -20.141 -6.159  1.00 100.00 ? 104 ASN A OD1 1 
ATOM 818  N ND2 . ASN A 1 104 ? -13.797 -21.466 -6.646  1.00 100.00 ? 104 ASN A ND2 1 
ATOM 819  N N   . GLN A 1 105 ? -17.059 -20.038 -10.946 1.00 100.00 ? 105 GLN A N   1 
ATOM 820  C CA  . GLN A 1 105 ? -17.212 -19.789 -12.402 1.00 100.00 ? 105 GLN A CA  1 
ATOM 821  C C   . GLN A 1 105 ? -17.964 -18.464 -12.589 1.00 100.00 ? 105 GLN A C   1 
ATOM 822  O O   . GLN A 1 105 ? -17.494 -17.632 -13.385 1.00 100.00 ? 105 GLN A O   1 
ATOM 823  C CB  . GLN A 1 105 ? -17.900 -20.932 -13.149 1.00 100.00 ? 105 GLN A CB  1 
ATOM 824  C CG  . GLN A 1 105 ? -17.088 -22.223 -13.202 1.00 100.00 ? 105 GLN A CG  1 
ATOM 825  C CD  . GLN A 1 105 ? -17.783 -23.388 -13.875 1.00 100.00 ? 105 GLN A CD  1 
ATOM 826  O OE1 . GLN A 1 105 ? -19.015 -23.451 -13.928 1.00 100.00 ? 105 GLN A OE1 1 
ATOM 827  N NE2 . GLN A 1 105 ? -17.008 -24.320 -14.408 1.00 100.00 ? 105 GLN A NE2 1 
ATOM 828  N N   . GLN A 1 106 ? -19.041 -18.254 -11.826 1.00 100.00 ? 106 GLN A N   1 
ATOM 829  C CA  . GLN A 1 106 ? -19.880 -17.035 -11.944 1.00 100.00 ? 106 GLN A CA  1 
ATOM 830  C C   . GLN A 1 106 ? -19.123 -15.817 -11.403 1.00 100.00 ? 106 GLN A C   1 
ATOM 831  O O   . GLN A 1 106 ? -19.443 -14.705 -11.853 1.00 100.00 ? 106 GLN A O   1 
ATOM 832  C CB  . GLN A 1 106 ? -21.168 -17.231 -11.148 1.00 30.00  ? 106 GLN A CB  1 
ATOM 833  C CG  . GLN A 1 106 ? -22.070 -18.334 -11.690 1.00 30.00  ? 106 GLN A CG  1 
ATOM 834  C CD  . GLN A 1 106 ? -23.217 -18.673 -10.764 1.00 30.00  ? 106 GLN A CD  1 
ATOM 835  O OE1 . GLN A 1 106 ? -23.386 -18.077 -9.695  1.00 30.00  ? 106 GLN A OE1 1 
ATOM 836  N NE2 . GLN A 1 106 ? -24.022 -19.642 -11.174 1.00 30.00  ? 106 GLN A NE2 1 
ATOM 837  N N   . ALA A 1 107 ? -18.163 -16.032 -10.498 1.00 100.00 ? 107 ALA A N   1 
ATOM 838  C CA  . ALA A 1 107 ? -17.362 -14.918 -9.936  1.00 100.00 ? 107 ALA A CA  1 
ATOM 839  C C   . ALA A 1 107 ? -16.152 -14.652 -10.834 1.00 100.00 ? 107 ALA A C   1 
ATOM 840  O O   . ALA A 1 107 ? -15.463 -13.630 -10.628 1.00 100.00 ? 107 ALA A O   1 
ATOM 841  C CB  . ALA A 1 107 ? -16.939 -15.247 -8.524  1.00 100.00 ? 107 ALA A CB  1 
ATOM 842  N N   . SER A 1 108 ? -15.898 -15.547 -11.794 1.00 100.00 ? 108 SER A N   1 
ATOM 843  C CA  . SER A 1 108 ? -14.766 -15.360 -12.741 1.00 100.00 ? 108 SER A CA  1 
ATOM 844  C C   . SER A 1 108 ? -15.293 -14.757 -14.048 1.00 100.00 ? 108 SER A C   1 
ATOM 845  O O   . SER A 1 108 ? -14.508 -14.678 -15.017 1.00 100.00 ? 108 SER A O   1 
ATOM 846  C CB  . SER A 1 108 ? -14.046 -16.659 -12.995 1.00 30.00  ? 108 SER A CB  1 
ATOM 847  O OG  . SER A 1 108 ? -14.903 -17.606 -13.617 1.00 30.00  ? 108 SER A OG  1 
ATOM 848  N N   . GLN A 1 109 ? -16.565 -14.348 -14.072 1.00 100.00 ? 109 GLN A N   1 
ATOM 849  C CA  . GLN A 1 109 ? -17.178 -13.833 -15.325 1.00 100.00 ? 109 GLN A CA  1 
ATOM 850  C C   . GLN A 1 109 ? -16.718 -12.399 -15.631 1.00 100.00 ? 109 GLN A C   1 
ATOM 851  O O   . GLN A 1 109 ? -16.155 -11.746 -14.725 1.00 100.00 ? 109 GLN A O   1 
ATOM 852  C CB  . GLN A 1 109 ? -18.704 -13.882 -15.240 1.00 100.00 ? 109 GLN A CB  1 
ATOM 853  C CG  . GLN A 1 109 ? -19.271 -15.290 -15.097 1.00 100.00 ? 109 GLN A CG  1 
ATOM 854  C CD  . GLN A 1 109 ? -18.870 -16.213 -16.226 1.00 100.00 ? 109 GLN A CD  1 
ATOM 855  O OE1 . GLN A 1 109 ? -19.155 -15.956 -17.402 1.00 100.00 ? 109 GLN A OE1 1 
ATOM 856  N NE2 . GLN A 1 109 ? -18.197 -17.301 -15.880 1.00 100.00 ? 109 GLN A NE2 1 
ATOM 857  N N   . ALA A 1 110 ? -16.962 -11.935 -16.859 1.00 100.00 ? 110 ALA A N   1 
ATOM 858  C CA  . ALA A 1 110 ? -16.576 -10.571 -17.297 1.00 100.00 ? 110 ALA A CA  1 
ATOM 859  C C   . ALA A 1 110 ? -17.341 -9.532  -16.473 1.00 100.00 ? 110 ALA A C   1 
ATOM 860  O O   . ALA A 1 110 ? -16.766 -8.464  -16.156 1.00 100.00 ? 110 ALA A O   1 
ATOM 861  C CB  . ALA A 1 110 ? -16.846 -10.419 -18.775 1.00 100.00 ? 110 ALA A CB  1 
ATOM 862  N N   . ASN A 1 111 ? -18.595 -9.839  -16.125 1.00 100.00 ? 111 ASN A N   1 
ATOM 863  C CA  . ASN A 1 111 ? -19.453 -8.902  -15.351 1.00 100.00 ? 111 ASN A CA  1 
ATOM 864  C C   . ASN A 1 111 ? -18.878 -8.754  -13.944 1.00 100.00 ? 111 ASN A C   1 
ATOM 865  O O   . ASN A 1 111 ? -19.192 -7.738  -13.286 1.00 100.00 ? 111 ASN A O   1 
ATOM 866  C CB  . ASN A 1 111 ? -20.897 -9.386  -15.294 1.00 100.00 ? 111 ASN A CB  1 
ATOM 867  C CG  . ASN A 1 111 ? -21.484 -9.600  -16.669 1.00 100.00 ? 111 ASN A CG  1 
ATOM 868  O OD1 . ASN A 1 111 ? -21.881 -10.721 -17.005 1.00 100.00 ? 111 ASN A OD1 1 
ATOM 869  N ND2 . ASN A 1 111 ? -21.544 -8.551  -17.474 1.00 100.00 ? 111 ASN A ND2 1 
ATOM 870  N N   . MET A 1 112 ? -18.065 -9.720  -13.506 1.00 100.00 ? 112 MET A N   1 
ATOM 871  C CA  . MET A 1 112 ? -17.435 -9.676  -12.163 1.00 100.00 ? 112 MET A CA  1 
ATOM 872  C C   . MET A 1 112 ? -16.010 -9.130  -12.304 1.00 100.00 ? 112 MET A C   1 
ATOM 873  O O   . MET A 1 112 ? -15.305 -9.088  -11.283 1.00 100.00 ? 112 MET A O   1 
ATOM 874  C CB  . MET A 1 112 ? -17.392 -11.067 -11.528 1.00 100.00 ? 112 MET A CB  1 
ATOM 875  C CG  . MET A 1 112 ? -18.677 -11.843 -11.693 1.00 100.00 ? 112 MET A CG  1 
ATOM 876  S SD  . MET A 1 112 ? -20.160 -10.829 -11.536 1.00 100.00 ? 112 MET A SD  1 
ATOM 877  C CE  . MET A 1 112 ? -21.388 -12.051 -12.015 1.00 100.00 ? 112 MET A CE  1 
ATOM 878  N N   . ASP A 1 113 ? -15.613 -8.783  -13.536 1.00 100.00 ? 113 ASP A N   1 
ATOM 879  C CA  . ASP A 1 113 ? -14.273 -8.180  -13.770 1.00 100.00 ? 113 ASP A CA  1 
ATOM 880  C C   . ASP A 1 113 ? -14.278 -6.802  -13.116 1.00 100.00 ? 113 ASP A C   1 
ATOM 881  O O   . ASP A 1 113 ? -13.325 -6.487  -12.373 1.00 100.00 ? 113 ASP A O   1 
ATOM 882  C CB  . ASP A 1 113 ? -13.923 -8.131  -15.248 1.00 100.00 ? 113 ASP A CB  1 
ATOM 883  C CG  . ASP A 1 113 ? -12.550 -7.568  -15.586 1.00 100.00 ? 113 ASP A CG  1 
ATOM 884  O OD1 . ASP A 1 113 ? -11.747 -8.313  -16.186 1.00 100.00 ? 113 ASP A OD1 1 
ATOM 885  O OD2 . ASP A 1 113 ? -12.300 -6.387  -15.266 1.00 100.00 ? 113 ASP A OD2 1 
ATOM 886  N N   . GLN A 1 114 ? -15.331 -6.025  -13.361 1.00 100.00 ? 114 GLN A N   1 
ATOM 887  C CA  . GLN A 1 114 ? -15.434 -4.721  -12.666 1.00 100.00 ? 114 GLN A CA  1 
ATOM 888  C C   . GLN A 1 114 ? -15.506 -5.019  -11.163 1.00 100.00 ? 114 GLN A C   1 
ATOM 889  O O   . GLN A 1 114 ? -14.831 -4.316  -10.389 1.00 100.00 ? 114 GLN A O   1 
ATOM 890  C CB  . GLN A 1 114 ? -16.654 -3.939  -13.150 1.00 100.00 ? 114 GLN A CB  1 
ATOM 891  C CG  . GLN A 1 114 ? -16.855 -2.592  -12.463 1.00 100.00 ? 114 GLN A CG  1 
ATOM 892  C CD  . GLN A 1 114 ? -15.756 -1.578  -12.712 1.00 100.00 ? 114 GLN A CD  1 
ATOM 893  O OE1 . GLN A 1 114 ? -15.798 -0.456  -12.194 1.00 100.00 ? 114 GLN A OE1 1 
ATOM 894  N NE2 . GLN A 1 114 ? -14.758 -1.950  -13.499 1.00 100.00 ? 114 GLN A NE2 1 
ATOM 895  N N   . ALA A 1 115 ? -16.259 -6.053  -10.780 1.00 100.00 ? 115 ALA A N   1 
ATOM 896  C CA  . ALA A 1 115 ? -16.418 -6.370  -9.344  1.00 100.00 ? 115 ALA A CA  1 
ATOM 897  C C   . ALA A 1 115 ? -15.065 -6.745  -8.732  1.00 100.00 ? 115 ALA A C   1 
ATOM 898  O O   . ALA A 1 115 ? -14.741 -6.233  -7.640  1.00 100.00 ? 115 ALA A O   1 
ATOM 899  C CB  . ALA A 1 115 ? -17.419 -7.487  -9.173  1.00 100.00 ? 115 ALA A CB  1 
ATOM 900  N N   . ARG A 1 116 ? -14.288 -7.581  -9.426  1.00 100.00 ? 116 ARG A N   1 
ATOM 901  C CA  . ARG A 1 116 ? -12.945 -7.963  -8.908  1.00 100.00 ? 116 ARG A CA  1 
ATOM 902  C C   . ARG A 1 116 ? -12.043 -6.714  -8.856  1.00 100.00 ? 116 ARG A C   1 
ATOM 903  O O   . ARG A 1 116 ? -11.320 -6.549  -7.852  1.00 100.00 ? 116 ARG A O   1 
ATOM 904  C CB  . ARG A 1 116 ? -12.323 -9.162  -9.643  1.00 100.00 ? 116 ARG A CB  1 
ATOM 905  C CG  . ARG A 1 116 ? -12.235 -9.221  -11.159 1.00 100.00 ? 116 ARG A CG  1 
ATOM 906  C CD  . ARG A 1 116 ? -11.494 -10.483 -11.579 1.00 100.00 ? 116 ARG A CD  1 
ATOM 907  N NE  . ARG A 1 116 ? -11.545 -10.784 -13.013 1.00 100.00 ? 116 ARG A NE  1 
ATOM 908  C CZ  . ARG A 1 116 ? -12.666 -11.039 -13.677 1.00 100.00 ? 116 ARG A CZ  1 
ATOM 909  N NH1 . ARG A 1 116 ? -13.780 -11.307 -13.019 1.00 100.00 ? 116 ARG A NH1 1 
ATOM 910  N NH2 . ARG A 1 116 ? -12.661 -11.093 -14.997 1.00 100.00 ? 116 ARG A NH2 1 
ATOM 911  N N   . GLN A 1 117 ? -12.117 -5.859  -9.877  1.00 100.00 ? 117 GLN A N   1 
ATOM 912  C CA  . GLN A 1 117 ? -11.289 -4.629  -9.884  1.00 100.00 ? 117 GLN A CA  1 
ATOM 913  C C   . GLN A 1 117 ? -11.688 -3.748  -8.691  1.00 100.00 ? 117 GLN A C   1 
ATOM 914  O O   . GLN A 1 117 ? -10.779 -3.275  -7.979  1.00 100.00 ? 117 GLN A O   1 
ATOM 915  C CB  . GLN A 1 117 ? -11.496 -3.861  -11.188 1.00 100.00 ? 117 GLN A CB  1 
ATOM 916  C CG  . GLN A 1 117 ? -10.696 -2.568  -11.280 1.00 100.00 ? 117 GLN A CG  1 
ATOM 917  C CD  . GLN A 1 117 ? -10.942 -1.809  -12.565 1.00 100.00 ? 117 GLN A CD  1 
ATOM 918  O OE1 . GLN A 1 117 ? -11.726 -2.231  -13.423 1.00 100.00 ? 117 GLN A OE1 1 
ATOM 919  N NE2 . GLN A 1 117 ? -10.275 -0.674  -12.707 1.00 100.00 ? 117 GLN A NE2 1 
ATOM 920  N N   . ILE A 1 118 ? -12.992 -3.573  -8.463  1.00 100.00 ? 118 ILE A N   1 
ATOM 921  C CA  . ILE A 1 118 ? -13.463 -2.697  -7.349  1.00 100.00 ? 118 ILE A CA  1 
ATOM 922  C C   . ILE A 1 118 ? -13.037 -3.317  -6.008  1.00 100.00 ? 118 ILE A C   1 
ATOM 923  O O   . ILE A 1 118 ? -12.594 -2.555  -5.121  1.00 100.00 ? 118 ILE A O   1 
ATOM 924  C CB  . ILE A 1 118 ? -14.983 -2.464  -7.419  1.00 100.00 ? 118 ILE A CB  1 
ATOM 925  C CG1 . ILE A 1 118 ? -15.394 -1.839  -8.747  1.00 100.00 ? 118 ILE A CG1 1 
ATOM 926  C CG2 . ILE A 1 118 ? -15.455 -1.614  -6.242  1.00 100.00 ? 118 ILE A CG2 1 
ATOM 927  C CD1 . ILE A 1 118 ? -16.885 -1.584  -8.871  1.00 100.00 ? 118 ILE A CD1 1 
ATOM 928  N N   . CYS A 1 119 ? -13.152 -4.640  -5.875  1.00 100.00 ? 119 CYS A N   1 
ATOM 929  C CA  . CYS A 1 119 ? -12.834 -5.298  -4.580  1.00 100.00 ? 119 CYS A CA  1 
ATOM 930  C C   . CYS A 1 119 ? -11.364 -5.045  -4.223  1.00 100.00 ? 119 CYS A C   1 
ATOM 931  O O   . CYS A 1 119 ? -11.105 -4.484  -3.136  1.00 100.00 ? 119 CYS A O   1 
ATOM 932  C CB  . CYS A 1 119 ? -13.083 -6.797  -4.655  1.00 100.00 ? 119 CYS A CB  1 
ATOM 933  S SG  . CYS A 1 119 ? -12.728 -7.663  -3.103  1.00 100.00 ? 119 CYS A SG  1 
ATOM 934  N N   . LEU A 1 120 ? -10.447 -5.434  -5.109  1.00 100.00 ? 120 LEU A N   1 
ATOM 935  C CA  . LEU A 1 120 ? -8.993  -5.293  -4.836  1.00 100.00 ? 120 LEU A CA  1 
ATOM 936  C C   . LEU A 1 120 ? -8.690  -3.859  -4.376  1.00 100.00 ? 120 LEU A C   1 
ATOM 937  O O   . LEU A 1 120 ? -7.910  -3.720  -3.424  1.00 100.00 ? 120 LEU A O   1 
ATOM 938  C CB  . LEU A 1 120 ? -8.189  -5.671  -6.077  1.00 100.00 ? 120 LEU A CB  1 
ATOM 939  C CG  . LEU A 1 120 ? -6.672  -5.785  -5.890  1.00 100.00 ? 120 LEU A CG  1 
ATOM 940  C CD1 . LEU A 1 120 ? -6.311  -6.837  -4.855  1.00 100.00 ? 120 LEU A CD1 1 
ATOM 941  C CD2 . LEU A 1 120 ? -6.000  -6.097  -7.211  1.00 100.00 ? 120 LEU A CD2 1 
ATOM 942  N N   . GLN A 1 121 ? -9.297  -2.847  -5.001  1.00 100.00 ? 121 GLN A N   1 
ATOM 943  C CA  . GLN A 1 121 ? -9.018  -1.423  -4.671  1.00 100.00 ? 121 GLN A CA  1 
ATOM 944  C C   . GLN A 1 121 ? -9.331  -1.143  -3.194  1.00 100.00 ? 121 GLN A C   1 
ATOM 945  O O   . GLN A 1 121 ? -8.528  -0.437  -2.562  1.00 100.00 ? 121 GLN A O   1 
ATOM 946  C CB  . GLN A 1 121 ? -9.862  -0.512  -5.560  1.00 100.00 ? 121 GLN A CB  1 
ATOM 947  C CG  . GLN A 1 121 ? -9.468  -0.542  -7.032  1.00 100.00 ? 121 GLN A CG  1 
ATOM 948  C CD  . GLN A 1 121 ? -10.434 0.213   -7.918  1.00 100.00 ? 121 GLN A CD  1 
ATOM 949  O OE1 . GLN A 1 121 ? -11.062 -0.355  -8.817  1.00 100.00 ? 121 GLN A OE1 1 
ATOM 950  N NE2 . GLN A 1 121 ? -10.571 1.506   -7.662  1.00 100.00 ? 121 GLN A NE2 1 
ATOM 951  N N   . TRP A 1 122 ? -10.453 -1.649  -2.677  1.00 100.00 ? 122 TRP A N   1 
ATOM 952  C CA  . TRP A 1 122 ? -10.894 -1.426  -1.278  1.00 100.00 ? 122 TRP A CA  1 
ATOM 953  C C   . TRP A 1 122 ? -9.866  -2.022  -0.313  1.00 100.00 ? 122 TRP A C   1 
ATOM 954  O O   . TRP A 1 122 ? -9.493  -1.339  0.676   1.00 100.00 ? 122 TRP A O   1 
ATOM 955  C CB  . TRP A 1 122 ? -12.259 -2.070  -1.007  1.00 100.00 ? 122 TRP A CB  1 
ATOM 956  C CG  . TRP A 1 122 ? -13.429 -1.495  -1.759  1.00 100.00 ? 122 TRP A CG  1 
ATOM 957  C CD1 . TRP A 1 122 ? -13.551 -0.253  -2.310  1.00 100.00 ? 122 TRP A CD1 1 
ATOM 958  C CD2 . TRP A 1 122 ? -14.711 -2.136  -1.932  1.00 100.00 ? 122 TRP A CD2 1 
ATOM 959  N NE1 . TRP A 1 122 ? -14.792 -0.102  -2.868  1.00 100.00 ? 122 TRP A NE1 1 
ATOM 960  C CE2 . TRP A 1 122 ? -15.531 -1.235  -2.639  1.00 100.00 ? 122 TRP A CE2 1 
ATOM 961  C CE3 . TRP A 1 122 ? -15.233 -3.383  -1.570  1.00 100.00 ? 122 TRP A CE3 1 
ATOM 962  C CZ2 . TRP A 1 122 ? -16.843 -1.545  -2.990  1.00 100.00 ? 122 TRP A CZ2 1 
ATOM 963  C CZ3 . TRP A 1 122 ? -16.533 -3.684  -1.910  1.00 100.00 ? 122 TRP A CZ3 1 
ATOM 964  C CH2 . TRP A 1 122 ? -17.326 -2.774  -2.605  1.00 100.00 ? 122 TRP A CH2 1 
ATOM 965  N N   . VAL A 1 123 ? -9.394  -3.239  -0.606  1.00 100.00 ? 123 VAL A N   1 
ATOM 966  C CA  . VAL A 1 123 ? -8.444  -3.927  0.319   1.00 100.00 ? 123 VAL A CA  1 
ATOM 967  C C   . VAL A 1 123 ? -7.165  -3.084  0.428   1.00 100.00 ? 123 VAL A C   1 
ATOM 968  O O   . VAL A 1 123 ? -6.690  -2.866  1.568   1.00 100.00 ? 123 VAL A O   1 
ATOM 969  C CB  . VAL A 1 123 ? -8.134  -5.356  -0.163  1.00 100.00 ? 123 VAL A CB  1 
ATOM 970  C CG1 . VAL A 1 123 ? -7.003  -5.997  0.634   1.00 100.00 ? 123 VAL A CG1 1 
ATOM 971  C CG2 . VAL A 1 123 ? -9.372  -6.244  -0.150  1.00 100.00 ? 123 VAL A CG2 1 
ATOM 972  N N   . ILE A 1 124 ? -6.655  -2.593  -0.705  1.00 100.00 ? 124 ILE A N   1 
ATOM 973  C CA  . ILE A 1 124 ? -5.374  -1.827  -0.657  1.00 100.00 ? 124 ILE A CA  1 
ATOM 974  C C   . ILE A 1 124 ? -5.605  -0.561  0.190   1.00 100.00 ? 124 ILE A C   1 
ATOM 975  O O   . ILE A 1 124 ? -4.736  -0.238  1.044   1.00 100.00 ? 124 ILE A O   1 
ATOM 976  C CB  . ILE A 1 124 ? -4.859  -1.503  -2.071  1.00 100.00 ? 124 ILE A CB  1 
ATOM 977  C CG1 . ILE A 1 124 ? -4.730  -2.764  -2.923  1.00 100.00 ? 124 ILE A CG1 1 
ATOM 978  C CG2 . ILE A 1 124 ? -3.538  -0.740  -2.003  1.00 100.00 ? 124 ILE A CG2 1 
ATOM 979  C CD1 . ILE A 1 124 ? -3.775  -3.798  -2.356  1.00 100.00 ? 124 ILE A CD1 1 
ATOM 980  N N   . THR A 1 125 ? -6.747  0.107   -0.005  1.00 100.00 ? 125 THR A N   1 
ATOM 981  C CA  . THR A 1 125 ? -6.987  1.360   0.748   1.00 100.00 ? 125 THR A CA  1 
ATOM 982  C C   . THR A 1 125 ? -7.042  1.055   2.239   1.00 100.00 ? 125 THR A C   1 
ATOM 983  O O   . THR A 1 125 ? -6.432  1.822   3.048   1.00 100.00 ? 125 THR A O   1 
ATOM 984  C CB  . THR A 1 125 ? -8.272  2.015   0.243   1.00 30.00  ? 125 THR A CB  1 
ATOM 985  O OG1 . THR A 1 125 ? -8.104  2.118   -1.167  1.00 30.00  ? 125 THR A OG1 1 
ATOM 986  C CG2 . THR A 1 125 ? -8.502  3.388   0.849   1.00 30.00  ? 125 THR A CG2 1 
ATOM 987  N N   . ALA A 1 126 ? -7.709  -0.044  2.609   1.00 100.00 ? 126 ALA A N   1 
ATOM 988  C CA  . ALA A 1 126 ? -7.833  -0.421  4.038   1.00 100.00 ? 126 ALA A CA  1 
ATOM 989  C C   . ALA A 1 126 ? -6.448  -0.684  4.631   1.00 100.00 ? 126 ALA A C   1 
ATOM 990  O O   . ALA A 1 126 ? -6.125  -0.207  5.768   1.00 100.00 ? 126 ALA A O   1 
ATOM 991  C CB  . ALA A 1 126 ? -8.701  -1.652  4.137   1.00 100.00 ? 126 ALA A CB  1 
ATOM 992  N N   . LEU A 1 127 ? -5.633  -1.471  3.921   1.00 100.00 ? 127 LEU A N   1 
ATOM 993  C CA  . LEU A 1 127 ? -4.290  -1.847  4.430   1.00 100.00 ? 127 LEU A CA  1 
ATOM 994  C C   . LEU A 1 127 ? -3.463  -0.568  4.624   1.00 100.00 ? 127 LEU A C   1 
ATOM 995  O O   . LEU A 1 127 ? -2.781  -0.471  5.663   1.00 100.00 ? 127 LEU A O   1 
ATOM 996  C CB  . LEU A 1 127 ? -3.628  -2.831  3.469   1.00 100.00 ? 127 LEU A CB  1 
ATOM 997  C CG  . LEU A 1 127 ? -4.320  -4.186  3.296   1.00 100.00 ? 127 LEU A CG  1 
ATOM 998  C CD1 . LEU A 1 127 ? -3.773  -4.916  2.086   1.00 100.00 ? 127 LEU A CD1 1 
ATOM 999  C CD2 . LEU A 1 127 ? -4.136  -5.024  4.541   1.00 100.00 ? 127 LEU A CD2 1 
ATOM 1000 N N   . ARG A 1 128 ? -3.547  0.385   3.691   1.00 100.00 ? 128 ARG A N   1 
ATOM 1001 C CA  . ARG A 1 128 ? -2.824  1.676   3.818   1.00 100.00 ? 128 ARG A CA  1 
ATOM 1002 C C   . ARG A 1 128 ? -3.334  2.417   5.060   1.00 100.00 ? 128 ARG A C   1 
ATOM 1003 O O   . ARG A 1 128 ? -2.493  2.921   5.834   1.00 100.00 ? 128 ARG A O   1 
ATOM 1004 C CB  . ARG A 1 128 ? -3.062  2.614   2.633   1.00 100.00 ? 128 ARG A CB  1 
ATOM 1005 C CG  . ARG A 1 128 ? -2.543  2.185   1.270   1.00 100.00 ? 128 ARG A CG  1 
ATOM 1006 C CD  . ARG A 1 128 ? -3.044  3.176   0.237   1.00 100.00 ? 128 ARG A CD  1 
ATOM 1007 N NE  . ARG A 1 128 ? -2.747  2.785   -1.145  1.00 100.00 ? 128 ARG A NE  1 
ATOM 1008 C CZ  . ARG A 1 128 ? -3.629  2.567   -2.118  1.00 100.00 ? 128 ARG A CZ  1 
ATOM 1009 N NH1 . ARG A 1 128 ? -4.933  2.564   -1.891  1.00 100.00 ? 128 ARG A NH1 1 
ATOM 1010 N NH2 . ARG A 1 128 ? -3.193  2.320   -3.339  1.00 100.00 ? 128 ARG A NH2 1 
ATOM 1011 N N   . SER A 1 129 ? -4.654  2.240   5.236   1.00 100.00 ? 129 SER A N   1 
ATOM 1012 C CA  . SER A 1 129 ? -5.353  2.840   6.387   1.00 100.00 ? 129 SER A CA  1 
ATOM 1013 C C   . SER A 1 129 ? -5.009  2.017   7.628   1.00 100.00 ? 129 SER A C   1 
ATOM 1014 O O   . SER A 1 129 ? -4.603  2.628   8.636   1.00 100.00 ? 129 SER A O   1 
ATOM 1015 C CB  . SER A 1 129 ? -6.816  2.831   6.111   1.00 30.00  ? 129 SER A CB  1 
ATOM 1016 O OG  . SER A 1 129 ? -7.526  3.438   7.180   1.00 30.00  ? 129 SER A OG  1 
ATOM 1017 N N   . VAL A 1 130 ? -5.079  0.688   7.575   1.00 100.00 ? 130 VAL A N   1 
ATOM 1018 C CA  . VAL A 1 130 ? -4.638  -0.102  8.765   1.00 100.00 ? 130 VAL A CA  1 
ATOM 1019 C C   . VAL A 1 130 ? -3.184  0.291   9.083   1.00 100.00 ? 130 VAL A C   1 
ATOM 1020 O O   . VAL A 1 130 ? -2.868  0.470   10.280  1.00 100.00 ? 130 VAL A O   1 
ATOM 1021 C CB  . VAL A 1 130 ? -4.782  -1.625  8.574   1.00 100.00 ? 130 VAL A CB  1 
ATOM 1022 C CG1 . VAL A 1 130 ? -4.233  -2.400  9.766   1.00 100.00 ? 130 VAL A CG1 1 
ATOM 1023 C CG2 . VAL A 1 130 ? -6.227  -2.026  8.310   1.00 100.00 ? 130 VAL A CG2 1 
ATOM 1024 N N   . ARG A 1 131 ? -2.344  0.439   8.054   1.00 100.00 ? 131 ARG A N   1 
ATOM 1025 C CA  . ARG A 1 131 ? -0.914  0.788   8.263   1.00 100.00 ? 131 ARG A CA  1 
ATOM 1026 C C   . ARG A 1 131 ? -0.817  2.178   8.909   1.00 100.00 ? 131 ARG A C   1 
ATOM 1027 O O   . ARG A 1 131 ? 0.027   2.355   9.813   1.00 100.00 ? 131 ARG A O   1 
ATOM 1028 C CB  . ARG A 1 131 ? -0.147  0.767   6.937   1.00 100.00 ? 131 ARG A CB  1 
ATOM 1029 C CG  . ARG A 1 131 ? 1.343   1.044   7.078   1.00 100.00 ? 131 ARG A CG  1 
ATOM 1030 C CD  . ARG A 1 131 ? 2.046   1.069   5.732   1.00 100.00 ? 131 ARG A CD  1 
ATOM 1031 N NE  . ARG A 1 131 ? 1.518   2.138   4.877   1.00 100.00 ? 131 ARG A NE  1 
ATOM 1032 C CZ  . ARG A 1 131 ? 0.946   1.947   3.697   1.00 100.00 ? 131 ARG A CZ  1 
ATOM 1033 N NH1 . ARG A 1 131 ? 0.800   0.725   3.224   1.00 100.00 ? 131 ARG A NH1 1 
ATOM 1034 N NH2 . ARG A 1 131 ? 0.518   2.983   2.997   1.00 100.00 ? 131 ARG A NH2 1 
ATOM 1035 N N   . HIS A 1 132 ? -1.658  3.119   8.470   1.00 30.00  ? 132 HIS A N   1 
ATOM 1036 C CA  . HIS A 1 132 ? -1.616  4.505   9.014   1.00 30.00  ? 132 HIS A CA  1 
ATOM 1037 C C   . HIS A 1 132 ? -1.927  4.464   10.513  1.00 30.00  ? 132 HIS A C   1 
ATOM 1038 O O   . HIS A 1 132 ? -1.331  5.251   11.277  1.00 30.00  ? 132 HIS A O   1 
ATOM 1039 C CB  . HIS A 1 132 ? -2.555  5.445   8.249   1.00 30.00  ? 132 HIS A CB  1 
ATOM 1040 C CG  . HIS A 1 132 ? -2.200  5.617   6.810   1.00 30.00  ? 132 HIS A CG  1 
ATOM 1041 N ND1 . HIS A 1 132 ? -0.910  5.494   6.341   1.00 30.00  ? 132 HIS A ND1 1 
ATOM 1042 C CD2 . HIS A 1 132 ? -2.960  5.879   5.739   1.00 30.00  ? 132 HIS A CD2 1 
ATOM 1043 C CE1 . HIS A 1 132 ? -0.902  5.688   5.030   1.00 30.00  ? 132 HIS A CE1 1 
ATOM 1044 N NE2 . HIS A 1 132 ? -2.136  5.923   4.644   1.00 30.00  ? 132 HIS A NE2 1 
ATOM 1045 N N   . MET A 1 133 ? -2.831  3.571   10.924  1.00 100.00 ? 133 MET A N   1 
ATOM 1046 C CA  . MET A 1 133 ? -3.221  3.500   12.355  1.00 100.00 ? 133 MET A CA  1 
ATOM 1047 C C   . MET A 1 133 ? -1.966  3.196   13.180  1.00 100.00 ? 133 MET A C   1 
ATOM 1048 O O   . MET A 1 133 ? -1.809  3.792   14.268  1.00 100.00 ? 133 MET A O   1 
ATOM 1049 C CB  . MET A 1 133 ? -4.222  2.370   12.604  1.00 100.00 ? 133 MET A CB  1 
ATOM 1050 C CG  . MET A 1 133 ? -5.516  2.486   11.829  1.00 100.00 ? 133 MET A CG  1 
ATOM 1051 S SD  . MET A 1 133 ? -6.587  1.088   12.219  1.00 100.00 ? 133 MET A SD  1 
ATOM 1052 C CE  . MET A 1 133 ? -6.780  1.307   13.993  1.00 100.00 ? 133 MET A CE  1 
ATOM 1053 N N   . SER A 1 134 ? -1.097  2.325   12.666  1.00 100.00 ? 134 SER A N   1 
ATOM 1054 C CA  . SER A 1 134 ? 0.173   2.014   13.372  1.00 100.00 ? 134 SER A CA  1 
ATOM 1055 C C   . SER A 1 134 ? 1.032   3.281   13.458  1.00 100.00 ? 134 SER A C   1 
ATOM 1056 O O   . SER A 1 134 ? 1.626   3.522   14.531  1.00 100.00 ? 134 SER A O   1 
ATOM 1057 C CB  . SER A 1 134 ? 0.916   0.902   12.684  1.00 30.00  ? 134 SER A CB  1 
ATOM 1058 O OG  . SER A 1 134 ? 2.135   0.616   13.357  1.00 30.00  ? 134 SER A OG  1 
ATOM 1059 N N   . HIS A 1 135 ? 1.091   4.056   12.371  1.00 99.42  ? 135 HIS A N   1 
ATOM 1060 C CA  . HIS A 1 135 ? 1.955   5.264   12.347  1.00 99.42  ? 135 HIS A CA  1 
ATOM 1061 C C   . HIS A 1 135 ? 1.446   6.281   13.369  1.00 99.42  ? 135 HIS A C   1 
ATOM 1062 O O   . HIS A 1 135 ? 0.227   6.553   13.391  1.00 99.42  ? 135 HIS A O   1 
ATOM 1063 C CB  . HIS A 1 135 ? 1.917   5.921   10.966  1.00 99.42  ? 135 HIS A CB  1 
ATOM 1064 C CG  . HIS A 1 135 ? 2.304   5.019   9.845   1.00 99.42  ? 135 HIS A CG  1 
ATOM 1065 N ND1 . HIS A 1 135 ? 3.202   3.982   9.980   1.00 99.42  ? 135 HIS A ND1 1 
ATOM 1066 C CD2 . HIS A 1 135 ? 1.910   5.006   8.567   1.00 99.42  ? 135 HIS A CD2 1 
ATOM 1067 C CE1 . HIS A 1 135 ? 3.335   3.368   8.814   1.00 99.42  ? 135 HIS A CE1 1 
ATOM 1068 N NE2 . HIS A 1 135 ? 2.559   3.974   7.942   1.00 99.42  ? 135 HIS A NE2 1 
ATOM 1069 N N   . ARG A 1 136 ? 2.344   6.833   14.189  1.00 30.00  ? 136 ARG A N   1 
ATOM 1070 C CA  . ARG A 1 136 ? 1.926   7.921   15.114  1.00 30.00  ? 136 ARG A CA  1 
ATOM 1071 C C   . ARG A 1 136 ? 1.962   9.235   14.310  1.00 30.00  ? 136 ARG A C   1 
ATOM 1072 O O   . ARG A 1 136 ? 2.529   9.226   13.197  1.00 30.00  ? 136 ARG A O   1 
ATOM 1073 C CB  . ARG A 1 136 ? 2.774   7.963   16.393  1.00 30.00  ? 136 ARG A CB  1 
ATOM 1074 C CG  . ARG A 1 136 ? 4.263   8.231   16.246  1.00 30.00  ? 136 ARG A CG  1 
ATOM 1075 C CD  . ARG A 1 136 ? 4.933   8.320   17.607  1.00 30.00  ? 136 ARG A CD  1 
ATOM 1076 N NE  . ARG A 1 136 ? 4.343   9.368   18.449  1.00 30.00  ? 136 ARG A NE  1 
ATOM 1077 C CZ  . ARG A 1 136 ? 4.291   10.668  18.175  1.00 30.00  ? 136 ARG A CZ  1 
ATOM 1078 N NH1 . ARG A 1 136 ? 3.662   11.486  19.000  1.00 30.00  ? 136 ARG A NH1 1 
ATOM 1079 N NH2 . ARG A 1 136 ? 4.854   11.152  17.083  1.00 30.00  ? 136 ARG A NH2 1 
ATOM 1080 N N   . PRO A 1 137 ? 1.365   10.350  14.783  1.00 89.91  ? 137 PRO A N   1 
ATOM 1081 C CA  . PRO A 1 137 ? 1.448   11.606  14.049  1.00 89.91  ? 137 PRO A CA  1 
ATOM 1082 C C   . PRO A 1 137 ? 2.856   12.192  13.970  1.00 89.91  ? 137 PRO A C   1 
ATOM 1083 O O   . PRO A 1 137 ? 3.642   12.005  14.921  1.00 89.91  ? 137 PRO A O   1 
ATOM 1084 C CB  . PRO A 1 137 ? 0.491   12.513  14.843  1.00 89.91  ? 137 PRO A CB  1 
ATOM 1085 C CG  . PRO A 1 137 ? 0.518   11.937  16.239  1.00 89.91  ? 137 PRO A CG  1 
ATOM 1086 C CD  . PRO A 1 137 ? 0.591   10.438  16.011  1.00 89.91  ? 137 PRO A CD  1 
ATOM 1087 N N   . GLY A 1 138 ? 3.174   12.879  12.867  1.00 92.23  ? 138 GLY A N   1 
ATOM 1088 C CA  . GLY A 1 138 ? 4.482   13.555  12.732  1.00 92.23  ? 138 GLY A CA  1 
ATOM 1089 C C   . GLY A 1 138 ? 5.673   12.625  12.868  1.00 92.23  ? 138 GLY A C   1 
ATOM 1090 O O   . GLY A 1 138 ? 6.649   13.022  13.541  1.00 92.23  ? 138 GLY A O   1 
ATOM 1091 N N   . ASN A 1 139 ? 5.623   11.440  12.251  1.00 100.00 ? 139 ASN A N   1 
ATOM 1092 C CA  . ASN A 1 139 ? 6.804   10.530  12.271  1.00 100.00 ? 139 ASN A CA  1 
ATOM 1093 C C   . ASN A 1 139 ? 8.014   11.187  11.590  1.00 100.00 ? 139 ASN A C   1 
ATOM 1094 O O   . ASN A 1 139 ? 9.111   11.127  12.175  1.00 100.00 ? 139 ASN A O   1 
ATOM 1095 C CB  . ASN A 1 139 ? 6.518   9.193   11.595  1.00 100.00 ? 139 ASN A CB  1 
ATOM 1096 C CG  . ASN A 1 139 ? 5.459   8.394   12.311  1.00 100.00 ? 139 ASN A CG  1 
ATOM 1097 O OD1 . ASN A 1 139 ? 5.104   7.293   11.876  1.00 100.00 ? 139 ASN A OD1 1 
ATOM 1098 N ND2 . ASN A 1 139 ? 4.941   8.930   13.404  1.00 100.00 ? 139 ASN A ND2 1 
ATOM 1099 N N   . PRO A 1 140 ? 7.897   11.838  10.411  1.00 100.00 ? 140 PRO A N   1 
ATOM 1100 C CA  . PRO A 1 140 ? 9.074   12.395  9.760   1.00 100.00 ? 140 PRO A CA  1 
ATOM 1101 C C   . PRO A 1 140 ? 9.733   13.465  10.612  1.00 100.00 ? 140 PRO A C   1 
ATOM 1102 O O   . PRO A 1 140 ? 10.977  13.494  10.693  1.00 100.00 ? 140 PRO A O   1 
ATOM 1103 C CB  . PRO A 1 140 ? 8.508   12.965  8.452   1.00 100.00 ? 140 PRO A CB  1 
ATOM 1104 C CG  . PRO A 1 140 ? 7.046   13.186  8.742   1.00 100.00 ? 140 PRO A CG  1 
ATOM 1105 C CD  . PRO A 1 140 ? 6.687   12.007  9.622   1.00 100.00 ? 140 PRO A CD  1 
ATOM 1106 N N   . MET A 1 141 ? 8.926   14.320  11.243  1.00 100.00 ? 141 MET A N   1 
ATOM 1107 C CA  . MET A 1 141 ? 9.495   15.444  12.029  1.00 100.00 ? 141 MET A CA  1 
ATOM 1108 C C   . MET A 1 141 ? 10.330  14.885  13.191  1.00 100.00 ? 141 MET A C   1 
ATOM 1109 O O   . MET A 1 141 ? 11.436  15.414  13.435  1.00 100.00 ? 141 MET A O   1 
ATOM 1110 C CB  . MET A 1 141 ? 8.374   16.336  12.570  1.00 100.00 ? 141 MET A CB  1 
ATOM 1111 C CG  . MET A 1 141 ? 7.497   16.924  11.483  1.00 100.00 ? 141 MET A CG  1 
ATOM 1112 S SD  . MET A 1 141 ? 6.170   17.966  12.119  1.00 100.00 ? 141 MET A SD  1 
ATOM 1113 C CE  . MET A 1 141 ? 5.379   18.450  10.579  1.00 100.00 ? 141 MET A CE  1 
ATOM 1114 N N   . LEU A 1 142 ? 9.822   13.852  13.870  1.00 100.00 ? 142 LEU A N   1 
ATOM 1115 C CA  . LEU A 1 142 ? 10.554  13.265  15.027  1.00 100.00 ? 142 LEU A CA  1 
ATOM 1116 C C   . LEU A 1 142 ? 11.865  12.629  14.525  1.00 100.00 ? 142 LEU A C   1 
ATOM 1117 O O   . LEU A 1 142 ? 12.875  12.713  15.257  1.00 100.00 ? 142 LEU A O   1 
ATOM 1118 C CB  . LEU A 1 142 ? 9.685   12.323  15.871  1.00 100.00 ? 142 LEU A CB  1 
ATOM 1119 C CG  . LEU A 1 142 ? 9.119   11.051  15.228  1.00 100.00 ? 142 LEU A CG  1 
ATOM 1120 C CD1 . LEU A 1 142 ? 10.134  9.970   14.900  1.00 100.00 ? 142 LEU A CD1 1 
ATOM 1121 C CD2 . LEU A 1 142 ? 7.970   10.482  16.041  1.00 100.00 ? 142 LEU A CD2 1 
ATOM 1122 N N   . VAL A 1 143 ? 11.853  12.023  13.332  1.00 100.00 ? 143 VAL A N   1 
ATOM 1123 C CA  . VAL A 1 143 ? 13.068  11.308  12.829  1.00 100.00 ? 143 VAL A CA  1 
ATOM 1124 C C   . VAL A 1 143 ? 14.228  12.305  12.696  1.00 100.00 ? 143 VAL A C   1 
ATOM 1125 O O   . VAL A 1 143 ? 14.001  13.400  12.134  1.00 100.00 ? 143 VAL A O   1 
ATOM 1126 C CB  . VAL A 1 143 ? 12.805  10.598  11.486  1.00 100.00 ? 143 VAL A CB  1 
ATOM 1127 C CG1 . VAL A 1 143 ? 14.080  10.023  10.880  1.00 100.00 ? 143 VAL A CG1 1 
ATOM 1128 C CG2 . VAL A 1 143 ? 11.732  9.523   11.603  1.00 100.00 ? 143 VAL A CG2 1 
ATOM 1129 N N   . LYS A 1 144 ? 15.419  11.928  13.172  1.00 97.22  ? 144 LYS A N   1 
ATOM 1130 C CA  . LYS A 1 144 ? 16.628  12.789  13.055  1.00 97.22  ? 144 LYS A CA  1 
ATOM 1131 C C   . LYS A 1 144 ? 17.847  11.862  12.914  1.00 97.22  ? 144 LYS A C   1 
ATOM 1132 O O   . LYS A 1 144 ? 17.636  10.634  12.808  1.00 97.22  ? 144 LYS A O   1 
ATOM 1133 C CB  . LYS A 1 144 ? 16.784  13.721  14.262  1.00 97.22  ? 144 LYS A CB  1 
ATOM 1134 C CG  . LYS A 1 144 ? 15.647  14.710  14.477  1.00 97.22  ? 144 LYS A CG  1 
ATOM 1135 C CD  . LYS A 1 144 ? 15.828  15.620  15.684  1.00 97.22  ? 144 LYS A CD  1 
ATOM 1136 C CE  . LYS A 1 144 ? 14.680  16.565  15.842  1.00 97.22  ? 144 LYS A CE  1 
ATOM 1137 N NZ  . LYS A 1 144 ? 14.856  17.442  17.003  1.00 97.22  ? 144 LYS A NZ  1 
ATOM 1138 N N   . GLN A 1 145 ? 19.065  12.412  12.915  1.00 82.36  ? 145 GLN A N   1 
ATOM 1139 C CA  . GLN A 1 145 ? 20.260  11.530  12.870  1.00 82.36  ? 145 GLN A CA  1 
ATOM 1140 C C   . GLN A 1 145 ? 20.822  11.371  14.291  1.00 82.36  ? 145 GLN A C   1 
ATOM 1141 O O   . GLN A 1 145 ? 21.911  11.924  14.563  1.00 82.36  ? 145 GLN A O   1 
ATOM 1142 C CB  . GLN A 1 145 ? 21.375  12.076  11.978  1.00 82.36  ? 145 GLN A CB  1 
ATOM 1143 C CG  . GLN A 1 145 ? 20.967  12.310  10.528  1.00 82.36  ? 145 GLN A CG  1 
ATOM 1144 C CD  . GLN A 1 145 ? 22.141  12.604  9.620   1.00 82.36  ? 145 GLN A CD  1 
ATOM 1145 O OE1 . GLN A 1 145 ? 22.393  11.893  8.642   1.00 82.36  ? 145 GLN A OE1 1 
ATOM 1146 N NE2 . GLN A 1 145 ? 22.872  13.662  9.936   1.00 82.36  ? 145 GLN A NE2 1 
ATOM 1147 N N   . LYS A 1 146 ? 20.107  10.643  15.153  1.00 30.00  ? 146 LYS A N   1 
ATOM 1148 C CA  . LYS A 1 146 ? 20.595  10.412  16.536  1.00 30.00  ? 146 LYS A CA  1 
ATOM 1149 C C   . LYS A 1 146 ? 21.928  9.654   16.462  1.00 30.00  ? 146 LYS A C   1 
ATOM 1150 O O   . LYS A 1 146 ? 22.024  8.716   15.647  1.00 30.00  ? 146 LYS A O   1 
ATOM 1151 C CB  . LYS A 1 146 ? 19.554  9.631   17.345  1.00 30.00  ? 146 LYS A CB  1 
ATOM 1152 C CG  . LYS A 1 146 ? 19.940  9.358   18.791  1.00 30.00  ? 146 LYS A CG  1 
ATOM 1153 C CD  . LYS A 1 146 ? 20.210  10.635  19.579  1.00 30.00  ? 146 LYS A CD  1 
ATOM 1154 C CE  . LYS A 1 146 ? 20.598  10.364  20.997  1.00 30.00  ? 146 LYS A CE  1 
ATOM 1155 N NZ  . LYS A 1 146 ? 20.869  11.603  21.729  1.00 30.00  ? 146 LYS A NZ  1 
ATOM 1156 N N   . ASN A 1 147 ? 22.912  10.053  17.273  1.00 97.98  ? 147 ASN A N   1 
ATOM 1157 C CA  . ASN A 1 147 ? 24.250  9.395   17.256  1.00 97.98  ? 147 ASN A CA  1 
ATOM 1158 C C   . ASN A 1 147 ? 24.863  9.520   15.857  1.00 97.98  ? 147 ASN A C   1 
ATOM 1159 O O   . ASN A 1 147 ? 25.532  8.555   15.426  1.00 97.98  ? 147 ASN A O   1 
ATOM 1160 C CB  . ASN A 1 147 ? 24.170  7.944   17.716  1.00 30.00  ? 147 ASN A CB  1 
ATOM 1161 C CG  . ASN A 1 147 ? 23.631  7.824   19.121  1.00 30.00  ? 147 ASN A CG  1 
ATOM 1162 O OD1 . ASN A 1 147 ? 23.329  8.837   19.761  1.00 30.00  ? 147 ASN A OD1 1 
ATOM 1163 N ND2 . ASN A 1 147 ? 23.507  6.602   19.620  1.00 30.00  ? 147 ASN A ND2 1 
ATOM 1164 N N   . THR A 1 148 ? 24.634  10.645  15.170  1.00 43.34  ? 148 THR A N   1 
ATOM 1165 C CA  . THR A 1 148 ? 25.255  10.887  13.844  1.00 43.34  ? 148 THR A CA  1 
ATOM 1166 C C   . THR A 1 148 ? 25.071  9.674   12.950  1.00 43.34  ? 148 THR A C   1 
ATOM 1167 O O   . THR A 1 148 ? 26.090  9.145   12.457  1.00 43.34  ? 148 THR A O   1 
ATOM 1168 C CB  . THR A 1 148 ? 26.728  11.270  13.998  1.00 30.00  ? 148 THR A CB  1 
ATOM 1169 O OG1 . THR A 1 148 ? 27.408  10.133  14.522  1.00 30.00  ? 148 THR A OG1 1 
ATOM 1170 C CG2 . THR A 1 148 ? 26.920  12.461  14.921  1.00 30.00  ? 148 THR A CG2 1 
ATOM 1171 N N   . GLU A 1 149 ? 23.822  9.246   12.739  1.00 30.00  ? 149 GLU A N   1 
ATOM 1172 C CA  . GLU A 1 149 ? 23.541  8.087   11.849  1.00 30.00  ? 149 GLU A CA  1 
ATOM 1173 C C   . GLU A 1 149 ? 23.939  8.433   10.406  1.00 30.00  ? 149 GLU A C   1 
ATOM 1174 O O   . GLU A 1 149 ? 23.962  9.637   10.067  1.00 30.00  ? 149 GLU A O   1 
ATOM 1175 C CB  . GLU A 1 149 ? 22.069  7.680   11.872  1.00 30.00  ? 149 GLU A CB  1 
ATOM 1176 C CG  . GLU A 1 149 ? 21.627  7.076   13.201  1.00 30.00  ? 149 GLU A CG  1 
ATOM 1177 C CD  . GLU A 1 149 ? 22.444  5.869   13.621  1.00 30.00  ? 149 GLU A CD  1 
ATOM 1178 O OE1 . GLU A 1 149 ? 23.069  5.927   14.702  1.00 30.00  ? 149 GLU A OE1 1 
ATOM 1179 O OE2 . GLU A 1 149 ? 22.457  4.874   12.868  1.00 30.00  ? 149 GLU A OE2 1 
ATOM 1180 N N   . SER A 1 150 ? 24.317  7.413   9.630   1.00 83.50  ? 150 SER A N   1 
ATOM 1181 C CA  . SER A 1 150 ? 24.748  7.643   8.229   1.00 83.50  ? 150 SER A CA  1 
ATOM 1182 C C   . SER A 1 150 ? 23.732  8.557   7.539   1.00 83.50  ? 150 SER A C   1 
ATOM 1183 O O   . SER A 1 150 ? 22.514  8.320   7.695   1.00 83.50  ? 150 SER A O   1 
ATOM 1184 C CB  . SER A 1 150 ? 24.896  6.344   7.484   1.00 30.00  ? 150 SER A CB  1 
ATOM 1185 O OG  . SER A 1 150 ? 25.288  6.579   6.139   1.00 30.00  ? 150 SER A OG  1 
ATOM 1186 N N   . TYR A 1 151 ? 24.218  9.547   6.790   1.00 100.00 ? 151 TYR A N   1 
ATOM 1187 C CA  . TYR A 1 151 ? 23.271  10.502  6.160   1.00 100.00 ? 151 TYR A CA  1 
ATOM 1188 C C   . TYR A 1 151 ? 22.407  9.656   5.235   1.00 100.00 ? 151 TYR A C   1 
ATOM 1189 O O   . TYR A 1 151 ? 21.180  9.867   5.180   1.00 100.00 ? 151 TYR A O   1 
ATOM 1190 C CB  . TYR A 1 151 ? 24.044  11.661  5.520   1.00 100.00 ? 151 TYR A CB  1 
ATOM 1191 C CG  . TYR A 1 151 ? 23.152  12.799  5.047   1.00 100.00 ? 151 TYR A CG  1 
ATOM 1192 C CD1 . TYR A 1 151 ? 22.822  13.842  5.904   1.00 100.00 ? 151 TYR A CD1 1 
ATOM 1193 C CD2 . TYR A 1 151 ? 22.659  12.847  3.749   1.00 100.00 ? 151 TYR A CD2 1 
ATOM 1194 C CE1 . TYR A 1 151 ? 22.010  14.885  5.497   1.00 100.00 ? 151 TYR A CE1 1 
ATOM 1195 C CE2 . TYR A 1 151 ? 21.852  13.891  3.327   1.00 100.00 ? 151 TYR A CE2 1 
ATOM 1196 C CZ  . TYR A 1 151 ? 21.525  14.910  4.202   1.00 100.00 ? 151 TYR A CZ  1 
ATOM 1197 O OH  . TYR A 1 151 ? 20.723  15.935  3.791   1.00 100.00 ? 151 TYR A OH  1 
ATOM 1198 N N   . GLU A 1 152 ? 23.023  8.684   4.559   1.00 100.00 ? 152 GLU A N   1 
ATOM 1199 C CA  . GLU A 1 152 ? 22.242  7.747   3.712   1.00 100.00 ? 152 GLU A CA  1 
ATOM 1200 C C   . GLU A 1 152 ? 21.142  7.098   4.566   1.00 100.00 ? 152 GLU A C   1 
ATOM 1201 O O   . GLU A 1 152 ? 19.957  7.211   4.188   1.00 100.00 ? 152 GLU A O   1 
ATOM 1202 C CB  . GLU A 1 152 ? 23.181  6.691   3.130   1.00 100.00 ? 152 GLU A CB  1 
ATOM 1203 C CG  . GLU A 1 152 ? 24.285  7.277   2.254   1.00 100.00 ? 152 GLU A CG  1 
ATOM 1204 C CD  . GLU A 1 152 ? 23.839  7.967   0.976   1.00 100.00 ? 152 GLU A CD  1 
ATOM 1205 O OE1 . GLU A 1 152 ? 22.622  8.006   0.702   1.00 100.00 ? 152 GLU A OE1 1 
ATOM 1206 O OE2 . GLU A 1 152 ? 24.719  8.478   0.252   1.00 100.00 ? 152 GLU A OE2 1 
ATOM 1207 N N   . ASP A 1 153 ? 21.521  6.449   5.673   1.00 100.00 ? 153 ASP A N   1 
ATOM 1208 C CA  . ASP A 1 153 ? 20.523  5.741   6.522   1.00 100.00 ? 153 ASP A CA  1 
ATOM 1209 C C   . ASP A 1 153 ? 19.435  6.723   6.957   1.00 100.00 ? 153 ASP A C   1 
ATOM 1210 O O   . ASP A 1 153 ? 18.239  6.382   6.839   1.00 100.00 ? 153 ASP A O   1 
ATOM 1211 C CB  . ASP A 1 153 ? 21.180  5.101   7.733   1.00 100.00 ? 153 ASP A CB  1 
ATOM 1212 C CG  . ASP A 1 153 ? 20.229  4.406   8.696   1.00 100.00 ? 153 ASP A CG  1 
ATOM 1213 O OD1 . ASP A 1 153 ? 19.540  3.460   8.258   1.00 100.00 ? 153 ASP A OD1 1 
ATOM 1214 O OD2 . ASP A 1 153 ? 20.180  4.822   9.873   1.00 100.00 ? 153 ASP A OD2 1 
ATOM 1215 N N   . PHE A 1 154 ? 19.838  7.891   7.454   1.00 100.00 ? 154 PHE A N   1 
ATOM 1216 C CA  . PHE A 1 154 ? 18.867  8.905   7.944   1.00 100.00 ? 154 PHE A CA  1 
ATOM 1217 C C   . PHE A 1 154 ? 17.916  9.263   6.828   1.00 100.00 ? 154 PHE A C   1 
ATOM 1218 O O   . PHE A 1 154 ? 16.704  9.291   7.075   1.00 100.00 ? 154 PHE A O   1 
ATOM 1219 C CB  . PHE A 1 154 ? 19.484  10.201  8.479   1.00 100.00 ? 154 PHE A CB  1 
ATOM 1220 C CG  . PHE A 1 154 ? 18.448  11.312  8.596   1.00 100.00 ? 154 PHE A CG  1 
ATOM 1221 C CD1 . PHE A 1 154 ? 17.675  11.463  9.739   1.00 100.00 ? 154 PHE A CD1 1 
ATOM 1222 C CD2 . PHE A 1 154 ? 18.283  12.240  7.574   1.00 100.00 ? 154 PHE A CD2 1 
ATOM 1223 C CE1 . PHE A 1 154 ? 16.732  12.475  9.826   1.00 100.00 ? 154 PHE A CE1 1 
ATOM 1224 C CE2 . PHE A 1 154 ? 17.346  13.254  7.669   1.00 100.00 ? 154 PHE A CE2 1 
ATOM 1225 C CZ  . PHE A 1 154 ? 16.575  13.371  8.797   1.00 100.00 ? 154 PHE A CZ  1 
ATOM 1226 N N   . ILE A 1 155 ? 18.448  9.539   5.640   1.00 100.00 ? 155 ILE A N   1 
ATOM 1227 C CA  . ILE A 1 155 ? 17.517  9.801   4.504   1.00 100.00 ? 155 ILE A CA  1 
ATOM 1228 C C   . ILE A 1 155 ? 16.680  8.538   4.258   1.00 100.00 ? 155 ILE A C   1 
ATOM 1229 O O   . ILE A 1 155 ? 15.518  8.712   3.976   1.00 100.00 ? 155 ILE A O   1 
ATOM 1230 C CB  . ILE A 1 155 ? 18.202  10.337  3.234   1.00 30.00  ? 155 ILE A CB  1 
ATOM 1231 C CG1 . ILE A 1 155 ? 18.536  11.813  3.372   1.00 30.00  ? 155 ILE A CG1 1 
ATOM 1232 C CG2 . ILE A 1 155 ? 17.282  10.157  2.032   1.00 30.00  ? 155 ILE A CG2 1 
ATOM 1233 C CD1 . ILE A 1 155 ? 19.368  12.176  4.582   1.00 30.00  ? 155 ILE A CD1 1 
ATOM 1234 N N   . ALA A 1 156 ? 17.220  7.329   4.396   1.00 100.00 ? 156 ALA A N   1 
ATOM 1235 C CA  . ALA A 1 156 ? 16.331  6.171   4.135   1.00 100.00 ? 156 ALA A CA  1 
ATOM 1236 C C   . ALA A 1 156 ? 15.149  6.211   5.108   1.00 100.00 ? 156 ALA A C   1 
ATOM 1237 O O   . ALA A 1 156 ? 13.981  6.096   4.657   1.00 100.00 ? 156 ALA A O   1 
ATOM 1238 C CB  . ALA A 1 156 ? 17.103  4.883   4.275   1.00 100.00 ? 156 ALA A CB  1 
ATOM 1239 N N   . ARG A 1 157 ? 15.427  6.460   6.391   1.00 100.00 ? 157 ARG A N   1 
ATOM 1240 C CA  . ARG A 1 157 ? 14.353  6.481   7.418   1.00 100.00 ? 157 ARG A CA  1 
ATOM 1241 C C   . ARG A 1 157 ? 13.363  7.610   7.105   1.00 100.00 ? 157 ARG A C   1 
ATOM 1242 O O   . ARG A 1 157 ? 12.149  7.387   7.259   1.00 100.00 ? 157 ARG A O   1 
ATOM 1243 C CB  . ARG A 1 157 ? 14.971  6.693   8.804   1.00 100.00 ? 157 ARG A CB  1 
ATOM 1244 C CG  . ARG A 1 157 ? 15.928  5.589   9.227   1.00 100.00 ? 157 ARG A CG  1 
ATOM 1245 C CD  . ARG A 1 157 ? 16.576  5.877   10.571  1.00 100.00 ? 157 ARG A CD  1 
ATOM 1246 N NE  . ARG A 1 157 ? 17.370  7.110   10.535  1.00 100.00 ? 157 ARG A NE  1 
ATOM 1247 C CZ  . ARG A 1 157 ? 18.046  7.602   11.566  1.00 100.00 ? 157 ARG A CZ  1 
ATOM 1248 N NH1 . ARG A 1 157 ? 18.014  6.984   12.733  1.00 100.00 ? 157 ARG A NH1 1 
ATOM 1249 N NH2 . ARG A 1 157 ? 18.752  8.710   11.427  1.00 100.00 ? 157 ARG A NH2 1 
ATOM 1250 N N   . LEU A 1 158 ? 13.870  8.777   6.706   1.00 100.00 ? 158 LEU A N   1 
ATOM 1251 C CA  . LEU A 1 158 ? 12.998  9.943   6.423   1.00 100.00 ? 158 LEU A CA  1 
ATOM 1252 C C   . LEU A 1 158 ? 12.102  9.624   5.222   1.00 100.00 ? 158 LEU A C   1 
ATOM 1253 O O   . LEU A 1 158 ? 10.928  10.035  5.224   1.00 100.00 ? 158 LEU A O   1 
ATOM 1254 C CB  . LEU A 1 158 ? 13.884  11.150  6.139   1.00 100.00 ? 158 LEU A CB  1 
ATOM 1255 C CG  . LEU A 1 158 ? 13.141  12.456  5.863   1.00 100.00 ? 158 LEU A CG  1 
ATOM 1256 C CD1 . LEU A 1 158 ? 12.348  12.868  7.090   1.00 100.00 ? 158 LEU A CD1 1 
ATOM 1257 C CD2 . LEU A 1 158 ? 14.126  13.523  5.455   1.00 100.00 ? 158 LEU A CD2 1 
ATOM 1258 N N   . LEU A 1 159 ? 12.664  8.965   4.213   1.00 100.00 ? 159 LEU A N   1 
ATOM 1259 C CA  . LEU A 1 159 ? 11.888  8.603   3.004   1.00 100.00 ? 159 LEU A CA  1 
ATOM 1260 C C   . LEU A 1 159 ? 10.796  7.633   3.451   1.00 100.00 ? 159 LEU A C   1 
ATOM 1261 O O   . LEU A 1 159 ? 9.654   7.860   3.077   1.00 100.00 ? 159 LEU A O   1 
ATOM 1262 C CB  . LEU A 1 159 ? 12.772  7.996   1.917   1.00 100.00 ? 159 LEU A CB  1 
ATOM 1263 C CG  . LEU A 1 159 ? 13.883  8.897   1.375   1.00 100.00 ? 159 LEU A CG  1 
ATOM 1264 C CD1 . LEU A 1 159 ? 14.683  8.181   0.305   1.00 100.00 ? 159 LEU A CD1 1 
ATOM 1265 C CD2 . LEU A 1 159 ? 13.329  10.205  0.845   1.00 100.00 ? 159 LEU A CD2 1 
ATOM 1266 N N   . GLU A 1 160 ? 11.136  6.683   4.326   1.00 100.00 ? 160 GLU A N   1 
ATOM 1267 C CA  . GLU A 1 160 ? 10.112  5.732   4.825   1.00 100.00 ? 160 GLU A CA  1 
ATOM 1268 C C   . GLU A 1 160 ? 9.008   6.528   5.531   1.00 100.00 ? 160 GLU A C   1 
ATOM 1269 O O   . GLU A 1 160 ? 7.831   6.255   5.265   1.00 100.00 ? 160 GLU A O   1 
ATOM 1270 C CB  . GLU A 1 160 ? 10.705  4.714   5.799   1.00 100.00 ? 160 GLU A CB  1 
ATOM 1271 C CG  . GLU A 1 160 ? 11.700  3.745   5.169   1.00 100.00 ? 160 GLU A CG  1 
ATOM 1272 C CD  . GLU A 1 160 ? 11.122  2.798   4.130   1.00 100.00 ? 160 GLU A CD  1 
ATOM 1273 O OE1 . GLU A 1 160 ? 9.906   2.863   3.848   1.00 100.00 ? 160 GLU A OE1 1 
ATOM 1274 O OE2 . GLU A 1 160 ? 11.895  1.964   3.616   1.00 100.00 ? 160 GLU A OE2 1 
ATOM 1275 N N   . ALA A 1 161 ? 9.383   7.509   6.352   1.00 100.00 ? 161 ALA A N   1 
ATOM 1276 C CA  . ALA A 1 161 ? 8.386   8.309   7.101   1.00 100.00 ? 161 ALA A CA  1 
ATOM 1277 C C   . ALA A 1 161 ? 7.485   9.102   6.147   1.00 100.00 ? 161 ALA A C   1 
ATOM 1278 O O   . ALA A 1 161 ? 6.262   9.112   6.396   1.00 100.00 ? 161 ALA A O   1 
ATOM 1279 C CB  . ALA A 1 161 ? 9.100   9.221   8.073   1.00 100.00 ? 161 ALA A CB  1 
ATOM 1280 N N   . ILE A 1 162 ? 8.031   9.738   5.102   1.00 100.00 ? 162 ILE A N   1 
ATOM 1281 C CA  . ILE A 1 162 ? 7.109   10.448  4.157   1.00 100.00 ? 162 ILE A CA  1 
ATOM 1282 C C   . ILE A 1 162 ? 6.228   9.412   3.441   1.00 100.00 ? 162 ILE A C   1 
ATOM 1283 O O   . ILE A 1 162 ? 5.018   9.659   3.316   1.00 100.00 ? 162 ILE A O   1 
ATOM 1284 C CB  . ILE A 1 162 ? 7.846   11.376  3.170   1.00 100.00 ? 162 ILE A CB  1 
ATOM 1285 C CG1 . ILE A 1 162 ? 8.347   12.657  3.838   1.00 100.00 ? 162 ILE A CG1 1 
ATOM 1286 C CG2 . ILE A 1 162 ? 6.924   11.747  2.012   1.00 100.00 ? 162 ILE A CG2 1 
ATOM 1287 C CD1 . ILE A 1 162 ? 9.336   12.476  4.972   1.00 100.00 ? 162 ILE A CD1 1 
ATOM 1288 N N   . ASP A 1 163 ? 6.813   8.291   3.027   1.00 100.00 ? 163 ASP A N   1 
ATOM 1289 C CA  . ASP A 1 163 ? 6.060   7.224   2.323   1.00 100.00 ? 163 ASP A CA  1 
ATOM 1290 C C   . ASP A 1 163 ? 4.990   6.755   3.302   1.00 100.00 ? 163 ASP A C   1 
ATOM 1291 O O   . ASP A 1 163 ? 3.799   6.590   2.879   1.00 100.00 ? 163 ASP A O   1 
ATOM 1292 C CB  . ASP A 1 163 ? 6.998   6.122   1.859   1.00 100.00 ? 163 ASP A CB  1 
ATOM 1293 C CG  . ASP A 1 163 ? 6.367   4.984   1.068   1.00 100.00 ? 163 ASP A CG  1 
ATOM 1294 O OD1 . ASP A 1 163 ? 5.138   5.024   0.847   1.00 100.00 ? 163 ASP A OD1 1 
ATOM 1295 O OD2 . ASP A 1 163 ? 7.114   4.063   0.676   1.00 100.00 ? 163 ASP A OD2 1 
ATOM 1296 N N   . ALA A 1 164 ? 5.386   6.593   4.572   1.00 100.00 ? 164 ALA A N   1 
ATOM 1297 C CA  . ALA A 1 164 ? 4.298   6.237   5.518   1.00 100.00 ? 164 ALA A CA  1 
ATOM 1298 C C   . ALA A 1 164 ? 3.102   7.183   5.368   1.00 100.00 ? 164 ALA A C   1 
ATOM 1299 O O   . ALA A 1 164 ? 1.981   6.678   5.156   1.00 100.00 ? 164 ALA A O   1 
ATOM 1300 C CB  . ALA A 1 164 ? 4.826   6.252   6.935   1.00 100.00 ? 164 ALA A CB  1 
ATOM 1301 N N   . GLU A 1 165 ? 3.317   8.499   5.477   1.00 100.00 ? 165 GLU A N   1 
ATOM 1302 C CA  . GLU A 1 165 ? 2.180   9.465   5.452   1.00 100.00 ? 165 GLU A CA  1 
ATOM 1303 C C   . GLU A 1 165 ? 1.459   9.455   4.091   1.00 100.00 ? 165 GLU A C   1 
ATOM 1304 O O   . GLU A 1 165 ? 2.135   9.293   3.054   1.00 100.00 ? 165 GLU A O   1 
ATOM 1305 C CB  . GLU A 1 165 ? 2.620   10.886  5.802   1.00 100.00 ? 165 GLU A CB  1 
ATOM 1306 C CG  . GLU A 1 165 ? 3.105   11.031  7.242   1.00 100.00 ? 165 GLU A CG  1 
ATOM 1307 C CD  . GLU A 1 165 ? 3.465   12.460  7.602   1.00 100.00 ? 165 GLU A CD  1 
ATOM 1308 O OE1 . GLU A 1 165 ? 3.352   13.337  6.719   1.00 100.00 ? 165 GLU A OE1 1 
ATOM 1309 O OE2 . GLU A 1 165 ? 3.811   12.704  8.774   1.00 100.00 ? 165 GLU A OE2 1 
ATOM 1310 N N   . PRO A 1 166 ? 0.116   9.626   4.062   1.00 100.00 ? 166 PRO A N   1 
ATOM 1311 C CA  . PRO A 1 166 ? -0.638  9.646   2.814   1.00 100.00 ? 166 PRO A CA  1 
ATOM 1312 C C   . PRO A 1 166 ? -0.733  11.024  2.168   1.00 100.00 ? 166 PRO A C   1 
ATOM 1313 O O   . PRO A 1 166 ? -1.596  11.210  1.288   1.00 100.00 ? 166 PRO A O   1 
ATOM 1314 C CB  . PRO A 1 166 ? -2.002  9.142   3.303   1.00 100.00 ? 166 PRO A CB  1 
ATOM 1315 C CG  . PRO A 1 166 ? -2.140  9.765   4.673   1.00 100.00 ? 166 PRO A CG  1 
ATOM 1316 C CD  . PRO A 1 166 ? -0.729  9.786   5.237   1.00 100.00 ? 166 PRO A CD  1 
ATOM 1317 N N   . VAL A 1 167 ? 0.114   11.966  2.589   1.00 100.00 ? 167 VAL A N   1 
ATOM 1318 C CA  . VAL A 1 167 ? 0.161   13.335  1.989   1.00 100.00 ? 167 VAL A CA  1 
ATOM 1319 C C   . VAL A 1 167 ? 0.271   13.174  0.465   1.00 100.00 ? 167 VAL A C   1 
ATOM 1320 O O   . VAL A 1 167 ? 0.872   12.169  0.036   1.00 100.00 ? 167 VAL A O   1 
ATOM 1321 C CB  . VAL A 1 167 ? 1.315   14.179  2.568   1.00 100.00 ? 167 VAL A CB  1 
ATOM 1322 C CG1 . VAL A 1 167 ? 1.281   14.236  4.089   1.00 100.00 ? 167 VAL A CG1 1 
ATOM 1323 C CG2 . VAL A 1 167 ? 2.683   13.711  2.086   1.00 100.00 ? 167 VAL A CG2 1 
ATOM 1324 N N   . THR A 1 168 ? -0.293  14.093  -0.325  1.00 100.00 ? 168 THR A N   1 
ATOM 1325 C CA  . THR A 1 168 ? -0.318  13.997  -1.806  1.00 100.00 ? 168 THR A CA  1 
ATOM 1326 C C   . THR A 1 168 ? 1.034   14.354  -2.386  1.00 100.00 ? 168 THR A C   1 
ATOM 1327 O O   . THR A 1 168 ? 1.839   14.960  -1.665  1.00 100.00 ? 168 THR A O   1 
ATOM 1328 C CB  . THR A 1 168 ? -1.422  14.902  -2.354  1.00 100.00 ? 168 THR A CB  1 
ATOM 1329 O OG1 . THR A 1 168 ? -1.147  16.212  -1.870  1.00 100.00 ? 168 THR A OG1 1 
ATOM 1330 C CG2 . THR A 1 168 ? -2.802  14.482  -1.888  1.00 100.00 ? 168 THR A CG2 1 
ATOM 1331 N N   . ASP A 1 169 ? 1.300   13.966  -3.634  1.00 100.00 ? 169 ASP A N   1 
ATOM 1332 C CA  . ASP A 1 169 ? 2.607   14.221  -4.308  1.00 100.00 ? 169 ASP A CA  1 
ATOM 1333 C C   . ASP A 1 169 ? 3.096   15.660  -4.099  1.00 100.00 ? 169 ASP A C   1 
ATOM 1334 O O   . ASP A 1 169 ? 4.257   15.810  -3.661  1.00 100.00 ? 169 ASP A O   1 
ATOM 1335 C CB  . ASP A 1 169 ? 2.542   13.873  -5.788  1.00 30.00  ? 169 ASP A CB  1 
ATOM 1336 C CG  . ASP A 1 169 ? 2.302   12.406  -6.109  1.00 30.00  ? 169 ASP A CG  1 
ATOM 1337 O OD1 . ASP A 1 169 ? 2.181   11.606  -5.157  1.00 30.00  ? 169 ASP A OD1 1 
ATOM 1338 O OD2 . ASP A 1 169 ? 2.238   12.074  -7.311  1.00 30.00  ? 169 ASP A OD2 1 
ATOM 1339 N N   . PRO A 1 170 ? 2.310   16.727  -4.387  1.00 100.00 ? 170 PRO A N   1 
ATOM 1340 C CA  . PRO A 1 170 ? 2.846   18.071  -4.286  1.00 100.00 ? 170 PRO A CA  1 
ATOM 1341 C C   . PRO A 1 170 ? 3.402   18.275  -2.884  1.00 100.00 ? 170 PRO A C   1 
ATOM 1342 O O   . PRO A 1 170 ? 4.382   19.030  -2.776  1.00 100.00 ? 170 PRO A O   1 
ATOM 1343 C CB  . PRO A 1 170 ? 1.642   18.952  -4.562  1.00 100.00 ? 170 PRO A CB  1 
ATOM 1344 C CG  . PRO A 1 170 ? 0.699   18.064  -5.335  1.00 100.00 ? 170 PRO A CG  1 
ATOM 1345 C CD  . PRO A 1 170 ? 0.921   16.666  -4.794  1.00 100.00 ? 170 PRO A CD  1 
ATOM 1346 N N   . ILE A 1 171 ? 2.844   17.646  -1.843  1.00 100.00 ? 171 ILE A N   1 
ATOM 1347 C CA  . ILE A 1 171 ? 3.303   17.889  -0.436  1.00 100.00 ? 171 ILE A CA  1 
ATOM 1348 C C   . ILE A 1 171 ? 4.293   16.783  -0.028  1.00 100.00 ? 171 ILE A C   1 
ATOM 1349 O O   . ILE A 1 171 ? 5.083   17.029  0.903   1.00 100.00 ? 171 ILE A O   1 
ATOM 1350 C CB  . ILE A 1 171 ? 2.119   18.022  0.546   1.00 100.00 ? 171 ILE A CB  1 
ATOM 1351 C CG1 . ILE A 1 171 ? 2.594   18.159  1.995   1.00 100.00 ? 171 ILE A CG1 1 
ATOM 1352 C CG2 . ILE A 1 171 ? 1.134   16.868  0.395   1.00 100.00 ? 171 ILE A CG2 1 
ATOM 1353 C CD1 . ILE A 1 171 ? 1.495   18.508  2.979   1.00 100.00 ? 171 ILE A CD1 1 
ATOM 1354 N N   . LYS A 1 172 ? 4.287   15.630  -0.701  1.00 100.00 ? 172 LYS A N   1 
ATOM 1355 C CA  . LYS A 1 172 ? 5.288   14.564  -0.429  1.00 100.00 ? 172 LYS A CA  1 
ATOM 1356 C C   . LYS A 1 172 ? 6.674   15.097  -0.804  1.00 100.00 ? 172 LYS A C   1 
ATOM 1357 O O   . LYS A 1 172 ? 7.635   14.794  -0.065  1.00 100.00 ? 172 LYS A O   1 
ATOM 1358 C CB  . LYS A 1 172 ? 5.066   13.278  -1.228  1.00 100.00 ? 172 LYS A CB  1 
ATOM 1359 C CG  . LYS A 1 172 ? 3.997   12.351  -0.693  1.00 100.00 ? 172 LYS A CG  1 
ATOM 1360 C CD  . LYS A 1 172 ? 4.036   10.968  -1.333  1.00 100.00 ? 172 LYS A CD  1 
ATOM 1361 C CE  . LYS A 1 172 ? 3.097   9.982   -0.712  1.00 100.00 ? 172 LYS A CE  1 
ATOM 1362 N NZ  . LYS A 1 172 ? 3.306   9.823   0.730   1.00 100.00 ? 172 LYS A NZ  1 
ATOM 1363 N N   . THR A 1 173 ? 6.775   15.863  -1.893  1.00 100.00 ? 173 THR A N   1 
ATOM 1364 C CA  . THR A 1 173 ? 8.061   16.407  -2.382  1.00 100.00 ? 173 THR A CA  1 
ATOM 1365 C C   . THR A 1 173 ? 8.530   17.477  -1.420  1.00 100.00 ? 173 THR A C   1 
ATOM 1366 O O   . THR A 1 173 ? 9.717   17.418  -1.036  1.00 100.00 ? 173 THR A O   1 
ATOM 1367 C CB  . THR A 1 173 ? 7.880   16.929  -3.806  1.00 30.00  ? 173 THR A CB  1 
ATOM 1368 O OG1 . THR A 1 173 ? 6.768   17.816  -3.771  1.00 30.00  ? 173 THR A OG1 1 
ATOM 1369 C CG2 . THR A 1 173 ? 7.584   15.816  -4.793  1.00 30.00  ? 173 THR A CG2 1 
ATOM 1370 N N   . TYR A 1 174 ? 7.671   18.425  -1.030  1.00 100.00 ? 174 TYR A N   1 
ATOM 1371 C CA  . TYR A 1 174 ? 8.017   19.447  -0.005  1.00 100.00 ? 174 TYR A CA  1 
ATOM 1372 C C   . TYR A 1 174 ? 8.731   18.809  1.184   1.00 100.00 ? 174 TYR A C   1 
ATOM 1373 O O   . TYR A 1 174 ? 9.827   19.293  1.544   1.00 100.00 ? 174 TYR A O   1 
ATOM 1374 C CB  . TYR A 1 174 ? 6.779   20.168  0.532   1.00 100.00 ? 174 TYR A CB  1 
ATOM 1375 C CG  . TYR A 1 174 ? 7.072   20.923  1.821   1.00 100.00 ? 174 TYR A CG  1 
ATOM 1376 C CD1 . TYR A 1 174 ? 7.561   22.222  1.798   1.00 100.00 ? 174 TYR A CD1 1 
ATOM 1377 C CD2 . TYR A 1 174 ? 6.866   20.330  3.061   1.00 100.00 ? 174 TYR A CD2 1 
ATOM 1378 C CE1 . TYR A 1 174 ? 7.843   22.907  2.968   1.00 100.00 ? 174 TYR A CE1 1 
ATOM 1379 C CE2 . TYR A 1 174 ? 7.143   21.004  4.238   1.00 100.00 ? 174 TYR A CE2 1 
ATOM 1380 C CZ  . TYR A 1 174 ? 7.632   22.297  4.191   1.00 100.00 ? 174 TYR A CZ  1 
ATOM 1381 O OH  . TYR A 1 174 ? 7.902   22.971  5.346   1.00 100.00 ? 174 TYR A OH  1 
ATOM 1382 N N   . LEU A 1 175 ? 8.128   17.784  1.802   1.00 100.00 ? 175 LEU A N   1 
ATOM 1383 C CA  . LEU A 1 175 ? 8.649   17.182  3.060   1.00 100.00 ? 175 LEU A CA  1 
ATOM 1384 C C   . LEU A 1 175 ? 10.040  16.558  2.903   1.00 100.00 ? 175 LEU A C   1 
ATOM 1385 O O   . LEU A 1 175 ? 10.918  16.907  3.713   1.00 100.00 ? 175 LEU A O   1 
ATOM 1386 C CB  . LEU A 1 175 ? 7.649   16.119  3.514   1.00 100.00 ? 175 LEU A CB  1 
ATOM 1387 C CG  . LEU A 1 175 ? 6.286   16.624  3.994   1.00 100.00 ? 175 LEU A CG  1 
ATOM 1388 C CD1 . LEU A 1 175 ? 5.335   15.453  4.141   1.00 100.00 ? 175 LEU A CD1 1 
ATOM 1389 C CD2 . LEU A 1 175 ? 6.413   17.377  5.306   1.00 100.00 ? 175 LEU A CD2 1 
ATOM 1390 N N   . LYS A 1 176 ? 10.230  15.672  1.925   1.00 100.00 ? 176 LYS A N   1 
ATOM 1391 C CA  . LYS A 1 176 ? 11.536  14.976  1.793   1.00 100.00 ? 176 LYS A CA  1 
ATOM 1392 C C   . LYS A 1 176 ? 12.668  16.013  1.766   1.00 100.00 ? 176 LYS A C   1 
ATOM 1393 O O   . LYS A 1 176 ? 13.592  15.905  2.602   1.00 100.00 ? 176 LYS A O   1 
ATOM 1394 C CB  . LYS A 1 176 ? 11.556  14.114  0.525   1.00 100.00 ? 176 LYS A CB  1 
ATOM 1395 C CG  . LYS A 1 176 ? 10.496  13.026  0.477   1.00 100.00 ? 176 LYS A CG  1 
ATOM 1396 C CD  . LYS A 1 176 ? 10.548  12.190  -0.795  1.00 100.00 ? 176 LYS A CD  1 
ATOM 1397 C CE  . LYS A 1 176 ? 9.502   11.120  -0.816  1.00 100.00 ? 176 LYS A CE  1 
ATOM 1398 N NZ  . LYS A 1 176 ? 9.569   10.322  -2.042  1.00 100.00 ? 176 LYS A NZ  1 
ATOM 1399 N N   . VAL A 1 177 ? 12.595  16.980  0.848   1.00 100.00 ? 177 VAL A N   1 
ATOM 1400 C CA  . VAL A 1 177 ? 13.682  17.993  0.696   1.00 100.00 ? 177 VAL A CA  1 
ATOM 1401 C C   . VAL A 1 177 ? 13.811  18.834  1.973   1.00 100.00 ? 177 VAL A C   1 
ATOM 1402 O O   . VAL A 1 177 ? 14.958  19.081  2.402   1.00 100.00 ? 177 VAL A O   1 
ATOM 1403 C CB  . VAL A 1 177 ? 13.364  18.886  -0.517  1.00 30.00  ? 177 VAL A CB  1 
ATOM 1404 C CG1 . VAL A 1 177 ? 14.331  20.056  -0.646  1.00 30.00  ? 177 VAL A CG1 1 
ATOM 1405 C CG2 . VAL A 1 177 ? 13.294  18.087  -1.812  1.00 30.00  ? 177 VAL A CG2 1 
ATOM 1406 N N   . THR A 1 178 ? 12.687  19.231  2.571   1.00 100.00 ? 178 THR A N   1 
ATOM 1407 C CA  . THR A 1 178 ? 12.742  20.146  3.732   1.00 100.00 ? 178 THR A CA  1 
ATOM 1408 C C   . THR A 1 178 ? 13.319  19.457  4.946   1.00 100.00 ? 178 THR A C   1 
ATOM 1409 O O   . THR A 1 178 ? 14.243  20.033  5.559   1.00 100.00 ? 178 THR A O   1 
ATOM 1410 C CB  . THR A 1 178 ? 11.334  20.668  4.016   1.00 100.00 ? 178 THR A CB  1 
ATOM 1411 O OG1 . THR A 1 178 ? 10.932  21.336  2.824   1.00 100.00 ? 178 THR A OG1 1 
ATOM 1412 C CG2 . THR A 1 178 ? 11.292  21.626  5.192   1.00 100.00 ? 178 THR A CG2 1 
ATOM 1413 N N   . LEU A 1 179 ? 12.829  18.263  5.286   1.00 100.00 ? 179 LEU A N   1 
ATOM 1414 C CA  . LEU A 1 179 ? 13.260  17.634  6.564   1.00 100.00 ? 179 LEU A CA  1 
ATOM 1415 C C   . LEU A 1 179 ? 14.699  17.102  6.506   1.00 100.00 ? 179 LEU A C   1 
ATOM 1416 O O   . LEU A 1 179 ? 15.317  16.985  7.585   1.00 100.00 ? 179 LEU A O   1 
ATOM 1417 C CB  . LEU A 1 179 ? 12.252  16.538  6.904   1.00 100.00 ? 179 LEU A CB  1 
ATOM 1418 C CG  . LEU A 1 179 ? 10.810  17.020  7.080   1.00 100.00 ? 179 LEU A CG  1 
ATOM 1419 C CD1 . LEU A 1 179 ? 9.872   15.874  7.394   1.00 100.00 ? 179 LEU A CD1 1 
ATOM 1420 C CD2 . LEU A 1 179 ? 10.734  18.088  8.157   1.00 100.00 ? 179 LEU A CD2 1 
ATOM 1421 N N   . SER A 1 180 ? 15.224  16.805  5.318   1.00 100.00 ? 180 SER A N   1 
ATOM 1422 C CA  . SER A 1 180 ? 16.566  16.167  5.286   1.00 100.00 ? 180 SER A CA  1 
ATOM 1423 C C   . SER A 1 180 ? 17.641  17.087  5.890   1.00 100.00 ? 180 SER A C   1 
ATOM 1424 O O   . SER A 1 180 ? 18.422  16.595  6.731   1.00 100.00 ? 180 SER A O   1 
ATOM 1425 C CB  . SER A 1 180 ? 16.923  15.745  3.885   1.00 100.00 ? 180 SER A CB  1 
ATOM 1426 O OG  . SER A 1 180 ? 18.210  15.146  3.850   1.00 100.00 ? 180 SER A OG  1 
ATOM 1427 N N   . TYR A 1 181 ? 17.675  18.364  5.495   1.00 100.00 ? 181 TYR A N   1 
ATOM 1428 C CA  . TYR A 1 181 ? 18.658  19.320  6.080   1.00 100.00 ? 181 TYR A CA  1 
ATOM 1429 C C   . TYR A 1 181 ? 18.313  19.646  7.530   1.00 100.00 ? 181 TYR A C   1 
ATOM 1430 O O   . TYR A 1 181 ? 19.229  19.660  8.380   1.00 100.00 ? 181 TYR A O   1 
ATOM 1431 C CB  . TYR A 1 181 ? 18.766  20.632  5.296   1.00 100.00 ? 181 TYR A CB  1 
ATOM 1432 C CG  . TYR A 1 181 ? 19.795  21.595  5.878   1.00 100.00 ? 181 TYR A CG  1 
ATOM 1433 C CD1 . TYR A 1 181 ? 21.122  21.556  5.468   1.00 100.00 ? 181 TYR A CD1 1 
ATOM 1434 C CD2 . TYR A 1 181 ? 19.441  22.545  6.828   1.00 100.00 ? 181 TYR A CD2 1 
ATOM 1435 C CE1 . TYR A 1 181 ? 22.066  22.426  5.987   1.00 100.00 ? 181 TYR A CE1 1 
ATOM 1436 C CE2 . TYR A 1 181 ? 20.377  23.418  7.359   1.00 100.00 ? 181 TYR A CE2 1 
ATOM 1437 C CZ  . TYR A 1 181 ? 21.693  23.358  6.936   1.00 100.00 ? 181 TYR A CZ  1 
ATOM 1438 O OH  . TYR A 1 181 ? 22.620  24.216  7.451   1.00 100.00 ? 181 TYR A OH  1 
ATOM 1439 N N   . THR A 1 182 ? 17.031  19.884  7.817   1.00 100.00 ? 182 THR A N   1 
ATOM 1440 C CA  . THR A 1 182 ? 16.649  20.340  9.173   1.00 100.00 ? 182 THR A CA  1 
ATOM 1441 C C   . THR A 1 182 ? 17.001  19.290  10.200  1.00 100.00 ? 182 THR A C   1 
ATOM 1442 O O   . THR A 1 182 ? 17.519  19.670  11.272  1.00 100.00 ? 182 THR A O   1 
ATOM 1443 C CB  . THR A 1 182 ? 15.158  20.674  9.204   1.00 100.00 ? 182 THR A CB  1 
ATOM 1444 O OG1 . THR A 1 182 ? 14.499  19.465  8.842   1.00 100.00 ? 182 THR A OG1 1 
ATOM 1445 C CG2 . THR A 1 182 ? 14.795  21.787  8.239   1.00 100.00 ? 182 THR A CG2 1 
ATOM 1446 N N   . ASN A 1 183 ? 16.743  18.018  9.899   1.00 100.00 ? 183 ASN A N   1 
ATOM 1447 C CA  . ASN A 1 183 ? 16.960  16.971  10.938  1.00 100.00 ? 183 ASN A CA  1 
ATOM 1448 C C   . ASN A 1 183 ? 18.397  16.432  10.873  1.00 100.00 ? 183 ASN A C   1 
ATOM 1449 O O   . ASN A 1 183 ? 18.725  15.537  11.683  1.00 100.00 ? 183 ASN A O   1 
ATOM 1450 C CB  . ASN A 1 183 ? 15.912  15.869  10.826  1.00 100.00 ? 183 ASN A CB  1 
ATOM 1451 C CG  . ASN A 1 183 ? 14.508  16.413  10.941  1.00 100.00 ? 183 ASN A CG  1 
ATOM 1452 O OD1 . ASN A 1 183 ? 14.096  17.244  10.124  1.00 100.00 ? 183 ASN A OD1 1 
ATOM 1453 N ND2 . ASN A 1 183 ? 13.759  15.958  11.934  1.00 100.00 ? 183 ASN A ND2 1 
ATOM 1454 N N   . ALA A 1 184 ? 19.195  16.942  9.932   1.00 100.00 ? 184 ALA A N   1 
ATOM 1455 C CA  . ALA A 1 184 ? 20.574  16.431  9.754   1.00 100.00 ? 184 ALA A CA  1 
ATOM 1456 C C   . ALA A 1 184 ? 21.425  16.771  10.978  1.00 100.00 ? 184 ALA A C   1 
ATOM 1457 O O   . ALA A 1 184 ? 21.097  17.738  11.700  1.00 100.00 ? 184 ALA A O   1 
ATOM 1458 C CB  . ALA A 1 184 ? 21.179  17.006  8.493   1.00 100.00 ? 184 ALA A CB  1 
ATOM 1459 N N   . SER A 1 185 ? 22.500  16.010  11.188  1.00 100.00 ? 185 SER A N   1 
ATOM 1460 C CA  . SER A 1 185 ? 23.428  16.285  12.313  1.00 100.00 ? 185 SER A CA  1 
ATOM 1461 C C   . SER A 1 185 ? 24.167  17.592  12.011  1.00 100.00 ? 185 SER A C   1 
ATOM 1462 O O   . SER A 1 185 ? 24.280  17.943  10.815  1.00 100.00 ? 185 SER A O   1 
ATOM 1463 C CB  . SER A 1 185 ? 24.392  15.148  12.519  1.00 100.00 ? 185 SER A CB  1 
ATOM 1464 O OG  . SER A 1 185 ? 25.178  14.936  11.355  1.00 100.00 ? 185 SER A OG  1 
ATOM 1465 N N   . THR A 1 186 ? 24.597  18.297  13.056  1.00 100.00 ? 186 THR A N   1 
ATOM 1466 C CA  . THR A 1 186 ? 25.250  19.603  12.851  1.00 100.00 ? 186 THR A CA  1 
ATOM 1467 C C   . THR A 1 186 ? 26.485  19.415  12.006  1.00 100.00 ? 186 THR A C   1 
ATOM 1468 O O   . THR A 1 186 ? 26.746  20.286  11.153  1.00 100.00 ? 186 THR A O   1 
ATOM 1469 C CB  . THR A 1 186 ? 25.598  20.224  14.202  1.00 30.00  ? 186 THR A CB  1 
ATOM 1470 O OG1 . THR A 1 186 ? 26.498  19.299  14.804  1.00 30.00  ? 186 THR A OG1 1 
ATOM 1471 C CG2 . THR A 1 186 ? 24.380  20.427  15.083  1.00 30.00  ? 186 THR A CG2 1 
ATOM 1472 N N   . ASP A 1 187 ? 27.200  18.300  12.175  1.00 100.00 ? 187 ASP A N   1 
ATOM 1473 C CA  . ASP A 1 187 ? 28.504  18.174  11.470  1.00 100.00 ? 187 ASP A CA  1 
ATOM 1474 C C   . ASP A 1 187 ? 28.320  18.246  9.952   1.00 100.00 ? 187 ASP A C   1 
ATOM 1475 O O   . ASP A 1 187 ? 29.022  19.068  9.324   1.00 100.00 ? 187 ASP A O   1 
ATOM 1476 C CB  . ASP A 1 187 ? 29.226  16.897  11.873  1.00 100.00 ? 187 ASP A CB  1 
ATOM 1477 C CG  . ASP A 1 187 ? 30.590  16.662  11.236  1.00 100.00 ? 187 ASP A CG  1 
ATOM 1478 O OD1 . ASP A 1 187 ? 30.658  16.578  9.991   1.00 100.00 ? 187 ASP A OD1 1 
ATOM 1479 O OD2 . ASP A 1 187 ? 31.577  16.552  11.992  1.00 100.00 ? 187 ASP A OD2 1 
ATOM 1480 N N   . CYS A 1 188 ? 27.373  17.493  9.382   1.00 100.00 ? 188 CYS A N   1 
ATOM 1481 C CA  . CYS A 1 188 ? 27.321  17.518  7.892   1.00 100.00 ? 188 CYS A CA  1 
ATOM 1482 C C   . CYS A 1 188 ? 26.365  18.622  7.411   1.00 100.00 ? 188 CYS A C   1 
ATOM 1483 O O   . CYS A 1 188 ? 26.622  19.170  6.324   1.00 100.00 ? 188 CYS A O   1 
ATOM 1484 C CB  . CYS A 1 188 ? 26.976  16.171  7.266   1.00 100.00 ? 188 CYS A CB  1 
ATOM 1485 S SG  . CYS A 1 188 ? 27.470  16.111  5.521   1.00 100.00 ? 188 CYS A SG  1 
ATOM 1486 N N   . GLN A 1 189 ? 25.333  18.959  8.191   1.00 100.00 ? 189 GLN A N   1 
ATOM 1487 C CA  . GLN A 1 189 ? 24.474  20.089  7.748   1.00 100.00 ? 189 GLN A CA  1 
ATOM 1488 C C   . GLN A 1 189 ? 25.344  21.357  7.729   1.00 100.00 ? 189 GLN A C   1 
ATOM 1489 O O   . GLN A 1 189 ? 25.243  22.131  6.753   1.00 100.00 ? 189 GLN A O   1 
ATOM 1490 C CB  . GLN A 1 189 ? 23.223  20.284  8.608   1.00 100.00 ? 189 GLN A CB  1 
ATOM 1491 C CG  . GLN A 1 189 ? 23.482  20.660  10.061  1.00 100.00 ? 189 GLN A CG  1 
ATOM 1492 C CD  . GLN A 1 189 ? 22.211  20.778  10.873  1.00 100.00 ? 189 GLN A CD  1 
ATOM 1493 O OE1 . GLN A 1 189 ? 21.103  20.584  10.361  1.00 100.00 ? 189 GLN A OE1 1 
ATOM 1494 N NE2 . GLN A 1 189 ? 22.356  21.097  12.150  1.00 100.00 ? 189 GLN A NE2 1 
ATOM 1495 N N   . LYS A 1 190 ? 26.181  21.540  8.756   1.00 99.50  ? 190 LYS A N   1 
ATOM 1496 C CA  . LYS A 1 190 ? 27.005  22.773  8.835   1.00 99.50  ? 190 LYS A CA  1 
ATOM 1497 C C   . LYS A 1 190 ? 27.990  22.795  7.658   1.00 99.50  ? 190 LYS A C   1 
ATOM 1498 O O   . LYS A 1 190 ? 28.128  23.861  7.013   1.00 99.50  ? 190 LYS A O   1 
ATOM 1499 C CB  . LYS A 1 190 ? 27.754  22.840  10.171  1.00 99.50  ? 190 LYS A CB  1 
ATOM 1500 C CG  . LYS A 1 190 ? 28.586  24.092  10.417  1.00 99.50  ? 190 LYS A CG  1 
ATOM 1501 C CD  . LYS A 1 190 ? 29.287  24.162  11.772  1.00 99.50  ? 190 LYS A CD  1 
ATOM 1502 C CE  . LYS A 1 190 ? 30.132  25.373  12.035  1.00 99.50  ? 190 LYS A CE  1 
ATOM 1503 N NZ  . LYS A 1 190 ? 30.786  25.402  13.346  1.00 99.50  ? 190 LYS A NZ  1 
ATOM 1504 N N   . GLN A 1 191 ? 28.705  21.690  7.431   1.00 100.00 ? 191 GLN A N   1 
ATOM 1505 C CA  . GLN A 1 191 ? 29.742  21.703  6.366   1.00 100.00 ? 191 GLN A CA  1 
ATOM 1506 C C   . GLN A 1 191 ? 29.045  21.936  5.016   1.00 100.00 ? 191 GLN A C   1 
ATOM 1507 O O   . GLN A 1 191 ? 29.560  22.734  4.214   1.00 100.00 ? 191 GLN A O   1 
ATOM 1508 C CB  . GLN A 1 191 ? 30.603  20.438  6.385   1.00 100.00 ? 191 GLN A CB  1 
ATOM 1509 C CG  . GLN A 1 191 ? 29.842  19.140  6.147   1.00 100.00 ? 191 GLN A CG  1 
ATOM 1510 C CD  . GLN A 1 191 ? 30.731  17.916  6.197   1.00 100.00 ? 191 GLN A CD  1 
ATOM 1511 O OE1 . GLN A 1 191 ? 30.277  16.780  6.027   1.00 100.00 ? 191 GLN A OE1 1 
ATOM 1512 N NE2 . GLN A 1 191 ? 32.015  18.141  6.436   1.00 100.00 ? 191 GLN A NE2 1 
ATOM 1513 N N   . MET A 1 192 ? 27.911  21.273  4.783   1.00 100.00 ? 192 MET A N   1 
ATOM 1514 C CA  . MET A 1 192 ? 27.151  21.522  3.530   1.00 100.00 ? 192 MET A CA  1 
ATOM 1515 C C   . MET A 1 192 ? 26.634  22.967  3.491   1.00 100.00 ? 192 MET A C   1 
ATOM 1516 O O   . MET A 1 192 ? 26.655  23.566  2.394   1.00 100.00 ? 192 MET A O   1 
ATOM 1517 C CB  . MET A 1 192 ? 25.999  20.528  3.346   1.00 100.00 ? 192 MET A CB  1 
ATOM 1518 C CG  . MET A 1 192 ? 26.499  19.134  3.073   1.00 100.00 ? 192 MET A CG  1 
ATOM 1519 S SD  . MET A 1 192 ? 27.620  19.324  1.672   1.00 100.00 ? 192 MET A SD  1 
ATOM 1520 C CE  . MET A 1 192 ? 26.535  20.123  0.480   1.00 100.00 ? 192 MET A CE  1 
ATOM 1521 N N   . ASP A 1 193 ? 26.188  23.501  4.629   1.00 100.00 ? 193 ASP A N   1 
ATOM 1522 C CA  . ASP A 1 193 ? 25.590  24.861  4.585   1.00 100.00 ? 193 ASP A CA  1 
ATOM 1523 C C   . ASP A 1 193 ? 26.660  25.826  4.073   1.00 100.00 ? 193 ASP A C   1 
ATOM 1524 O O   . ASP A 1 193 ? 26.343  26.631  3.182   1.00 100.00 ? 193 ASP A O   1 
ATOM 1525 C CB  . ASP A 1 193 ? 25.054  25.271  5.947   1.00 100.00 ? 193 ASP A CB  1 
ATOM 1526 C CG  . ASP A 1 193 ? 24.321  26.603  6.008   1.00 100.00 ? 193 ASP A CG  1 
ATOM 1527 O OD1 . ASP A 1 193 ? 24.200  27.263  4.954   1.00 100.00 ? 193 ASP A OD1 1 
ATOM 1528 O OD2 . ASP A 1 193 ? 23.870  26.970  7.112   1.00 100.00 ? 193 ASP A OD2 1 
ATOM 1529 N N   . ARG A 1 194 ? 27.886  25.730  4.593   1.00 100.00 ? 194 ARG A N   1 
ATOM 1530 C CA  . ARG A 1 194 ? 28.985  26.577  4.057   1.00 100.00 ? 194 ARG A CA  1 
ATOM 1531 C C   . ARG A 1 194 ? 29.317  26.135  2.620   1.00 100.00 ? 194 ARG A C   1 
ATOM 1532 O O   . ARG A 1 194 ? 29.569  27.024  1.778   1.00 100.00 ? 194 ARG A O   1 
ATOM 1533 C CB  . ARG A 1 194 ? 30.218  26.555  4.971   1.00 100.00 ? 194 ARG A CB  1 
ATOM 1534 C CG  . ARG A 1 194 ? 30.843  25.186  5.191   1.00 100.00 ? 194 ARG A CG  1 
ATOM 1535 C CD  . ARG A 1 194 ? 32.079  25.206  6.075   1.00 100.00 ? 194 ARG A CD  1 
ATOM 1536 N NE  . ARG A 1 194 ? 32.659  23.871  6.260   1.00 100.00 ? 194 ARG A NE  1 
ATOM 1537 C CZ  . ARG A 1 194 ? 33.125  23.081  5.297   1.00 100.00 ? 194 ARG A CZ  1 
ATOM 1538 N NH1 . ARG A 1 194 ? 33.138  23.485  4.039   1.00 100.00 ? 194 ARG A NH1 1 
ATOM 1539 N NH2 . ARG A 1 194 ? 33.594  21.883  5.602   1.00 100.00 ? 194 ARG A NH2 1 
ATOM 1540 N N   . THR A 1 195 ? 29.316  24.825  2.350   1.00 97.09  ? 195 THR A N   1 
ATOM 1541 C CA  . THR A 1 195 ? 29.744  24.330  1.019   1.00 97.09  ? 195 THR A CA  1 
ATOM 1542 C C   . THR A 1 195 ? 28.828  24.826  -0.083  1.00 97.09  ? 195 THR A C   1 
ATOM 1543 O O   . THR A 1 195 ? 29.363  25.290  -1.114  1.00 97.09  ? 195 THR A O   1 
ATOM 1544 C CB  . THR A 1 195 ? 29.792  22.803  1.049   1.00 97.09  ? 195 THR A CB  1 
ATOM 1545 O OG1 . THR A 1 195 ? 30.763  22.480  2.039   1.00 97.09  ? 195 THR A OG1 1 
ATOM 1546 C CG2 . THR A 1 195 ? 30.202  22.203  -0.283  1.00 97.09  ? 195 THR A CG2 1 
ATOM 1547 N N   . LEU A 1 196 ? 27.507  24.752  0.099   1.00 91.23  ? 196 LEU A N   1 
ATOM 1548 C CA  . LEU A 1 196 ? 26.601  25.132  -1.020  1.00 91.23  ? 196 LEU A CA  1 
ATOM 1549 C C   . LEU A 1 196 ? 25.790  26.381  -0.628  1.00 91.23  ? 196 LEU A C   1 
ATOM 1550 O O   . LEU A 1 196 ? 24.883  26.774  -1.395  1.00 91.23  ? 196 LEU A O   1 
ATOM 1551 C CB  . LEU A 1 196 ? 25.740  23.929  -1.413  1.00 91.23  ? 196 LEU A CB  1 
ATOM 1552 C CG  . LEU A 1 196 ? 24.882  24.081  -2.673  1.00 91.23  ? 196 LEU A CG  1 
ATOM 1553 C CD1 . LEU A 1 196 ? 25.734  24.502  -3.857  1.00 91.23  ? 196 LEU A CD1 1 
ATOM 1554 C CD2 . LEU A 1 196 ? 24.122  22.804  -2.986  1.00 91.23  ? 196 LEU A CD2 1 
ATOM 1555 N N   . GLY A 1 197 ? 26.112  26.992  0.515   1.00 83.09  ? 197 GLY A N   1 
ATOM 1556 C CA  . GLY A 1 197 ? 25.441  28.245  0.920   1.00 83.09  ? 197 GLY A CA  1 
ATOM 1557 C C   . GLY A 1 197 ? 23.933  28.116  0.994   1.00 83.09  ? 197 GLY A C   1 
ATOM 1558 O O   . GLY A 1 197 ? 23.452  27.221  1.717   1.00 83.09  ? 197 GLY A O   1 
ATOM 1559 N N   . THR A 1 198 ? 23.209  28.990  0.292   1.00 81.01  ? 198 THR A N   1 
ATOM 1560 C CA  . THR A 1 198 ? 21.728  29.001  0.332   1.00 81.01  ? 198 THR A CA  1 
ATOM 1561 C C   . THR A 1 198 ? 21.184  27.827  -0.452  1.00 81.01  ? 198 THR A C   1 
ATOM 1562 O O   . THR A 1 198 ? 20.165  27.250  -0.014  1.00 81.01  ? 198 THR A O   1 
ATOM 1563 C CB  . THR A 1 198 ? 21.219  30.327  -0.225  1.00 30.00  ? 198 THR A CB  1 
ATOM 1564 O OG1 . THR A 1 198 ? 21.712  30.377  -1.560  1.00 30.00  ? 198 THR A OG1 1 
ATOM 1565 C CG2 . THR A 1 198 ? 21.725  31.522  0.564   1.00 30.00  ? 198 THR A CG2 1 
ATOM 1566 N N   . ARG A 1 199 ? 21.831  27.473  -1.564  1.00 87.21  ? 199 ARG A N   1 
ATOM 1567 C CA  . ARG A 1 199 ? 21.294  26.414  -2.458  1.00 87.21  ? 199 ARG A CA  1 
ATOM 1568 C C   . ARG A 1 199 ? 21.166  25.075  -1.716  1.00 87.21  ? 199 ARG A C   1 
ATOM 1569 O O   . ARG A 1 199 ? 20.179  24.359  -1.980  1.00 87.21  ? 199 ARG A O   1 
ATOM 1570 C CB  . ARG A 1 199 ? 22.211  26.250  -3.674  1.00 87.21  ? 199 ARG A CB  1 
ATOM 1571 C CG  . ARG A 1 199 ? 22.382  27.511  -4.509  1.00 87.21  ? 199 ARG A CG  1 
ATOM 1572 C CD  . ARG A 1 199 ? 23.313  27.264  -5.684  1.00 87.21  ? 199 ARG A CD  1 
ATOM 1573 N NE  . ARG A 1 199 ? 23.502  28.462  -6.510  1.00 87.21  ? 199 ARG A NE  1 
ATOM 1574 C CZ  . ARG A 1 199 ? 24.267  28.512  -7.593  1.00 87.21  ? 199 ARG A CZ  1 
ATOM 1575 N NH1 . ARG A 1 199 ? 24.918  27.435  -7.991  1.00 87.21  ? 199 ARG A NH1 1 
ATOM 1576 N NH2 . ARG A 1 199 ? 24.377  29.639  -8.273  1.00 87.21  ? 199 ARG A NH2 1 
ATOM 1577 N N   . VAL A 1 200 ? 22.112  24.740  -0.836  1.00 100.00 ? 200 VAL A N   1 
ATOM 1578 C CA  . VAL A 1 200 ? 22.059  23.388  -0.199  1.00 100.00 ? 200 VAL A CA  1 
ATOM 1579 C C   . VAL A 1 200 ? 20.736  23.269  0.573   1.00 100.00 ? 200 VAL A C   1 
ATOM 1580 O O   . VAL A 1 200 ? 20.087  22.207  0.471   1.00 100.00 ? 200 VAL A O   1 
ATOM 1581 C CB  . VAL A 1 200 ? 23.269  23.124  0.718   1.00 100.00 ? 200 VAL A CB  1 
ATOM 1582 C CG1 . VAL A 1 200 ? 23.382  24.149  1.835   1.00 100.00 ? 200 VAL A CG1 1 
ATOM 1583 C CG2 . VAL A 1 200 ? 23.231  21.724  1.309   1.00 100.00 ? 200 VAL A CG2 1 
ATOM 1584 N N   . GLN A 1 201 ? 20.356  24.306  1.320   1.00 100.00 ? 201 GLN A N   1 
ATOM 1585 C CA  . GLN A 1 201 ? 19.038  24.287  2.004   1.00 100.00 ? 201 GLN A CA  1 
ATOM 1586 C C   . GLN A 1 201 ? 17.929  24.340  0.941   1.00 100.00 ? 201 GLN A C   1 
ATOM 1587 O O   . GLN A 1 201 ? 16.929  23.605  1.093   1.00 100.00 ? 201 GLN A O   1 
ATOM 1588 C CB  . GLN A 1 201 ? 18.981  25.451  2.992   1.00 100.00 ? 201 GLN A CB  1 
ATOM 1589 C CG  . GLN A 1 201 ? 20.083  25.404  4.046   1.00 100.00 ? 201 GLN A CG  1 
ATOM 1590 C CD  . GLN A 1 201 ? 20.036  26.562  5.017   1.00 100.00 ? 201 GLN A CD  1 
ATOM 1591 O OE1 . GLN A 1 201 ? 19.172  27.442  4.933   1.00 100.00 ? 201 GLN A OE1 1 
ATOM 1592 N NE2 . GLN A 1 201 ? 20.972  26.573  5.955   1.00 100.00 ? 201 GLN A NE2 1 
ATOM 1593 N N   . GLN A 1 202 ? 18.135  25.098  -0.139  1.00 95.18  ? 202 GLN A N   1 
ATOM 1594 C CA  . GLN A 1 202 ? 17.131  25.150  -1.238  1.00 95.18  ? 202 GLN A CA  1 
ATOM 1595 C C   . GLN A 1 202 ? 16.749  23.718  -1.664  1.00 95.18  ? 202 GLN A C   1 
ATOM 1596 O O   . GLN A 1 202 ? 15.583  23.328  -1.435  1.00 95.18  ? 202 GLN A O   1 
ATOM 1597 C CB  . GLN A 1 202 ? 17.647  25.969  -2.422  1.00 95.18  ? 202 GLN A CB  1 
ATOM 1598 C CG  . GLN A 1 202 ? 16.678  26.057  -3.597  1.00 95.18  ? 202 GLN A CG  1 
ATOM 1599 C CD  . GLN A 1 202 ? 15.373  26.753  -3.274  1.00 95.18  ? 202 GLN A CD  1 
ATOM 1600 O OE1 . GLN A 1 202 ? 15.144  27.230  -2.157  1.00 95.18  ? 202 GLN A OE1 1 
ATOM 1601 N NE2 . GLN A 1 202 ? 14.504  26.840  -4.270  1.00 95.18  ? 202 GLN A NE2 1 
ATOM 1602 N N   . ALA A 1 203 ? 17.693  22.961  -2.239  1.00 89.30  ? 203 ALA A N   1 
ATOM 1603 C CA  . ALA A 1 203 ? 17.427  21.568  -2.687  1.00 89.30  ? 203 ALA A CA  1 
ATOM 1604 C C   . ALA A 1 203 ? 18.319  20.596  -1.910  1.00 89.30  ? 203 ALA A C   1 
ATOM 1605 O O   . ALA A 1 203 ? 19.558  20.753  -1.974  1.00 89.30  ? 203 ALA A O   1 
ATOM 1606 C CB  . ALA A 1 203 ? 17.650  21.452  -4.177  1.00 89.30  ? 203 ALA A CB  1 
ATOM 1607 N N   . THR A 1 204 ? 17.725  19.624  -1.208  1.00 97.96  ? 204 THR A N   1 
ATOM 1608 C CA  . THR A 1 204 ? 18.532  18.740  -0.331  1.00 97.96  ? 204 THR A CA  1 
ATOM 1609 C C   . THR A 1 204 ? 18.459  17.270  -0.722  1.00 97.96  ? 204 THR A C   1 
ATOM 1610 O O   . THR A 1 204 ? 19.358  16.510  -0.303  1.00 97.96  ? 204 THR A O   1 
ATOM 1611 C CB  . THR A 1 204 ? 18.024  18.983  1.092   1.00 30.00  ? 204 THR A CB  1 
ATOM 1612 O OG1 . THR A 1 204 ? 18.254  20.367  1.335   1.00 30.00  ? 204 THR A OG1 1 
ATOM 1613 C CG2 . THR A 1 204 ? 18.741  18.162  2.147   1.00 30.00  ? 204 THR A CG2 1 
ATOM 1614 N N   . VAL A 1 205 ? 17.465  16.845  -1.509  1.00 100.00 ? 205 VAL A N   1 
ATOM 1615 C CA  . VAL A 1 205 ? 17.317  15.373  -1.765  1.00 100.00 ? 205 VAL A CA  1 
ATOM 1616 C C   . VAL A 1 205 ? 18.527  14.779  -2.508  1.00 100.00 ? 205 VAL A C   1 
ATOM 1617 O O   . VAL A 1 205 ? 18.991  13.703  -2.077  1.00 100.00 ? 205 VAL A O   1 
ATOM 1618 C CB  . VAL A 1 205 ? 16.005  15.004  -2.490  1.00 100.00 ? 205 VAL A CB  1 
ATOM 1619 C CG1 . VAL A 1 205 ? 16.015  13.569  -3.005  1.00 100.00 ? 205 VAL A CG1 1 
ATOM 1620 C CG2 . VAL A 1 205 ? 14.790  15.245  -1.608  1.00 100.00 ? 205 VAL A CG2 1 
ATOM 1621 N N   . GLU A 1 206 ? 19.031  15.430  -3.560  1.00 100.00 ? 206 GLU A N   1 
ATOM 1622 C CA  . GLU A 1 206 ? 20.119  14.783  -4.345  1.00 100.00 ? 206 GLU A CA  1 
ATOM 1623 C C   . GLU A 1 206 ? 21.474  15.470  -4.117  1.00 100.00 ? 206 GLU A C   1 
ATOM 1624 O O   . GLU A 1 206 ? 22.457  14.751  -3.838  1.00 100.00 ? 206 GLU A O   1 
ATOM 1625 C CB  . GLU A 1 206 ? 19.760  14.772  -5.831  1.00 100.00 ? 206 GLU A CB  1 
ATOM 1626 C CG  . GLU A 1 206 ? 18.481  13.997  -6.133  1.00 100.00 ? 206 GLU A CG  1 
ATOM 1627 C CD  . GLU A 1 206 ? 18.107  13.956  -7.603  1.00 100.00 ? 206 GLU A CD  1 
ATOM 1628 O OE1 . GLU A 1 206 ? 17.896  15.039  -8.188  1.00 100.00 ? 206 GLU A OE1 1 
ATOM 1629 O OE2 . GLU A 1 206 ? 18.025  12.842  -8.164  1.00 100.00 ? 206 GLU A OE2 1 
ATOM 1630 N N   . GLU A 1 207 ? 21.530  16.798  -4.243  1.00 100.00 ? 207 GLU A N   1 
ATOM 1631 C CA  . GLU A 1 207 ? 22.841  17.489  -4.133  1.00 100.00 ? 207 GLU A CA  1 
ATOM 1632 C C   . GLU A 1 207 ? 23.407  17.273  -2.724  1.00 100.00 ? 207 GLU A C   1 
ATOM 1633 O O   . GLU A 1 207 ? 24.601  16.932  -2.615  1.00 100.00 ? 207 GLU A O   1 
ATOM 1634 C CB  . GLU A 1 207 ? 22.645  18.977  -4.416  1.00 100.00 ? 207 GLU A CB  1 
ATOM 1635 C CG  . GLU A 1 207 ? 22.075  19.250  -5.805  1.00 100.00 ? 207 GLU A CG  1 
ATOM 1636 C CD  . GLU A 1 207 ? 21.836  20.718  -6.107  1.00 100.00 ? 207 GLU A CD  1 
ATOM 1637 O OE1 . GLU A 1 207 ? 22.111  21.558  -5.225  1.00 100.00 ? 207 GLU A OE1 1 
ATOM 1638 O OE2 . GLU A 1 207 ? 21.374  21.021  -7.228  1.00 100.00 ? 207 GLU A OE2 1 
ATOM 1639 N N   . LYS A 1 208 ? 22.575  17.443  -1.697  1.00 100.00 ? 208 LYS A N   1 
ATOM 1640 C CA  . LYS A 1 208 ? 23.031  17.268  -0.296  1.00 100.00 ? 208 LYS A CA  1 
ATOM 1641 C C   . LYS A 1 208 ? 23.300  15.778  -0.043  1.00 100.00 ? 208 LYS A C   1 
ATOM 1642 O O   . LYS A 1 208 ? 24.192  15.467  0.777   1.00 100.00 ? 208 LYS A O   1 
ATOM 1643 C CB  . LYS A 1 208 ? 21.918  17.822  0.595   1.00 100.00 ? 208 LYS A CB  1 
ATOM 1644 C CG  . LYS A 1 208 ? 22.089  17.838  2.104   1.00 100.00 ? 208 LYS A CG  1 
ATOM 1645 C CD  . LYS A 1 208 ? 23.190  18.721  2.664   1.00 100.00 ? 208 LYS A CD  1 
ATOM 1646 C CE  . LYS A 1 208 ? 23.201  18.764  4.161   1.00 100.00 ? 208 LYS A CE  1 
ATOM 1647 N NZ  . LYS A 1 208 ? 23.442  17.455  4.766   1.00 100.00 ? 208 LYS A NZ  1 
ATOM 1648 N N   . MET A 1 209 ? 22.564  14.894  -0.726  1.00 100.00 ? 209 MET A N   1 
ATOM 1649 C CA  . MET A 1 209 ? 22.706  13.438  -0.471  1.00 100.00 ? 209 MET A CA  1 
ATOM 1650 C C   . MET A 1 209 ? 24.120  12.958  -0.808  1.00 100.00 ? 209 MET A C   1 
ATOM 1651 O O   . MET A 1 209 ? 24.720  12.248  0.025   1.00 100.00 ? 209 MET A O   1 
ATOM 1652 C CB  . MET A 1 209 ? 21.789  12.652  -1.410  1.00 100.00 ? 209 MET A CB  1 
ATOM 1653 C CG  . MET A 1 209 ? 21.853  11.153  -1.219  1.00 100.00 ? 209 MET A CG  1 
ATOM 1654 S SD  . MET A 1 209 ? 21.257  10.780  0.440   1.00 100.00 ? 209 MET A SD  1 
ATOM 1655 C CE  . MET A 1 209 ? 19.649  11.532  0.165   1.00 100.00 ? 209 MET A CE  1 
ATOM 1656 N N   . GLN A 1 210 ? 24.629  13.334  -1.983  1.00 100.00 ? 210 GLN A N   1 
ATOM 1657 C CA  . GLN A 1 210 ? 25.970  12.861  -2.415  1.00 100.00 ? 210 GLN A CA  1 
ATOM 1658 C C   . GLN A 1 210 ? 27.041  13.468  -1.503  1.00 100.00 ? 210 GLN A C   1 
ATOM 1659 O O   . GLN A 1 210 ? 27.980  12.738  -1.117  1.00 100.00 ? 210 GLN A O   1 
ATOM 1660 C CB  . GLN A 1 210 ? 26.210  13.239  -3.876  1.00 100.00 ? 210 GLN A CB  1 
ATOM 1661 C CG  . GLN A 1 210 ? 27.560  12.786  -4.420  1.00 100.00 ? 210 GLN A CG  1 
ATOM 1662 C CD  . GLN A 1 210 ? 27.773  13.164  -5.868  1.00 100.00 ? 210 GLN A CD  1 
ATOM 1663 O OE1 . GLN A 1 210 ? 28.710  13.893  -6.215  1.00 100.00 ? 210 GLN A OE1 1 
ATOM 1664 N NE2 . GLN A 1 210 ? 26.899  12.669  -6.732  1.00 100.00 ? 210 GLN A NE2 1 
ATOM 1665 N N   . ALA A 1 211 ? 26.890  14.749  -1.162  1.00 100.00 ? 211 ALA A N   1 
ATOM 1666 C CA  . ALA A 1 211 ? 27.926  15.449  -0.367  1.00 100.00 ? 211 ALA A CA  1 
ATOM 1667 C C   . ALA A 1 211 ? 28.082  14.830  1.026   1.00 100.00 ? 211 ALA A C   1 
ATOM 1668 O O   . ALA A 1 211 ? 29.238  14.682  1.478   1.00 100.00 ? 211 ALA A O   1 
ATOM 1669 C CB  . ALA A 1 211 ? 27.574  16.909  -0.296  1.00 100.00 ? 211 ALA A CB  1 
ATOM 1670 N N   . CYS A 1 212 ? 26.976  14.472  1.682   1.00 30.00  ? 212 CYS A N   1 
ATOM 1671 C CA  . CYS A 1 212 ? 27.096  13.785  2.995   1.00 30.00  ? 212 CYS A CA  1 
ATOM 1672 C C   . CYS A 1 212 ? 27.128  12.268  2.774   1.00 30.00  ? 212 CYS A C   1 
ATOM 1673 O O   . CYS A 1 212 ? 26.075  11.710  2.399   1.00 30.00  ? 212 CYS A O   1 
ATOM 1674 C CB  . CYS A 1 212 ? 25.921  14.094  3.915   1.00 30.00  ? 212 CYS A CB  1 
ATOM 1675 S SG  . CYS A 1 212 ? 25.785  15.824  4.431   1.00 30.00  ? 212 CYS A SG  1 
ATOM 1676 N N   . ARG A 1 213 ? 28.274  11.635  3.044   1.00 30.00  ? 213 ARG A N   1 
ATOM 1677 C CA  . ARG A 1 213 ? 28.413  10.167  2.858   1.00 30.00  ? 213 ARG A CA  1 
ATOM 1678 C C   . ARG A 1 213 ? 29.834  9.742   3.260   1.00 30.00  ? 213 ARG A C   1 
ATOM 1679 O O   . ARG A 1 213 ? 30.785  10.361  2.733   1.00 30.00  ? 213 ARG A O   1 
ATOM 1680 C CB  . ARG A 1 213 ? 28.124  9.769   1.405   1.00 30.00  ? 213 ARG A CB  1 
ATOM 1681 C CG  . ARG A 1 213 ? 28.186  8.269   1.163   1.00 30.00  ? 213 ARG A CG  1 
ATOM 1682 C CD  . ARG A 1 213 ? 27.842  7.923   -0.275  1.00 30.00  ? 213 ARG A CD  1 
ATOM 1683 N NE  . ARG A 1 213 ? 27.849  6.474   -0.497  1.00 30.00  ? 213 ARG A NE  1 
ATOM 1684 C CZ  . ARG A 1 213 ? 27.575  5.894   -1.657  1.00 30.00  ? 213 ARG A CZ  1 
ATOM 1685 N NH1 . ARG A 1 213 ? 27.598  4.577   -1.757  1.00 30.00  ? 213 ARG A NH1 1 
ATOM 1686 N NH2 . ARG A 1 213 ? 27.269  6.634   -2.708  1.00 30.00  ? 213 ARG A NH2 1 
# 
